data_3AL1
# 
_entry.id   3AL1 
# 
_audit_conform.dict_name       mmcif_pdbx.dic 
_audit_conform.dict_version    5.398 
_audit_conform.dict_location   http://mmcif.pdb.org/dictionaries/ascii/mmcif_pdbx.dic 
# 
loop_
_database_2.database_id 
_database_2.database_code 
_database_2.pdbx_database_accession 
_database_2.pdbx_DOI 
PDB   3AL1         pdb_00003al1 10.2210/pdb3al1/pdb 
RCSB  RCSB008049   ?            ?                   
WWPDB D_1000008049 ?            ?                   
# 
loop_
_pdbx_audit_revision_history.ordinal 
_pdbx_audit_revision_history.data_content_type 
_pdbx_audit_revision_history.major_revision 
_pdbx_audit_revision_history.minor_revision 
_pdbx_audit_revision_history.revision_date 
1 'Structure model' 1 0 1998-11-04 
2 'Structure model' 1 1 2008-04-27 
3 'Structure model' 1 2 2011-07-13 
4 'Structure model' 1 3 2012-03-28 
5 'Structure model' 2 0 2023-11-15 
6 'Structure model' 2 1 2024-04-03 
7 'Structure model' 2 2 2024-10-30 
# 
_pdbx_audit_revision_details.ordinal             1 
_pdbx_audit_revision_details.revision_ordinal    1 
_pdbx_audit_revision_details.data_content_type   'Structure model' 
_pdbx_audit_revision_details.provider            repository 
_pdbx_audit_revision_details.type                'Initial release' 
_pdbx_audit_revision_details.description         ? 
_pdbx_audit_revision_details.details             ? 
# 
loop_
_pdbx_audit_revision_group.ordinal 
_pdbx_audit_revision_group.revision_ordinal 
_pdbx_audit_revision_group.data_content_type 
_pdbx_audit_revision_group.group 
1 2 'Structure model' 'Version format compliance' 
2 3 'Structure model' 'Version format compliance' 
3 4 'Structure model' Other                       
4 5 'Structure model' 'Atomic model'              
5 5 'Structure model' 'Data collection'           
6 5 'Structure model' 'Database references'       
7 5 'Structure model' 'Derived calculations'      
8 6 'Structure model' 'Refinement description'    
9 7 'Structure model' 'Structure summary'         
# 
loop_
_pdbx_audit_revision_category.ordinal 
_pdbx_audit_revision_category.revision_ordinal 
_pdbx_audit_revision_category.data_content_type 
_pdbx_audit_revision_category.category 
1  5 'Structure model' atom_site                     
2  5 'Structure model' atom_site_anisotrop           
3  5 'Structure model' chem_comp_atom                
4  5 'Structure model' chem_comp_bond                
5  5 'Structure model' database_2                    
6  5 'Structure model' struct_conn                   
7  5 'Structure model' struct_site                   
8  6 'Structure model' pdbx_initial_refinement_model 
9  6 'Structure model' refine                        
10 7 'Structure model' pdbx_entry_details            
11 7 'Structure model' pdbx_modification_feature     
# 
loop_
_pdbx_audit_revision_item.ordinal 
_pdbx_audit_revision_item.revision_ordinal 
_pdbx_audit_revision_item.data_content_type 
_pdbx_audit_revision_item.item 
1  5 'Structure model' '_atom_site.auth_atom_id'                 
2  5 'Structure model' '_atom_site.label_atom_id'                
3  5 'Structure model' '_atom_site_anisotrop.pdbx_auth_atom_id'  
4  5 'Structure model' '_atom_site_anisotrop.pdbx_label_atom_id' 
5  5 'Structure model' '_database_2.pdbx_DOI'                    
6  5 'Structure model' '_database_2.pdbx_database_accession'     
7  5 'Structure model' '_struct_conn.pdbx_leaving_atom_flag'     
8  5 'Structure model' '_struct_site.pdbx_auth_asym_id'          
9  5 'Structure model' '_struct_site.pdbx_auth_comp_id'          
10 5 'Structure model' '_struct_site.pdbx_auth_seq_id'           
11 6 'Structure model' '_refine.pdbx_starting_model'             
# 
_pdbx_database_status.status_code                     REL 
_pdbx_database_status.entry_id                        3AL1 
_pdbx_database_status.recvd_initial_deposition_date   1998-10-26 
_pdbx_database_status.deposit_site                    BNL 
_pdbx_database_status.process_site                    RCSB 
_pdbx_database_status.status_code_sf                  REL 
_pdbx_database_status.SG_entry                        . 
_pdbx_database_status.status_code_mr                  ? 
_pdbx_database_status.status_code_cs                  ? 
_pdbx_database_status.methods_development_category    ? 
_pdbx_database_status.pdb_format_compatible           Y 
_pdbx_database_status.status_code_nmr_data            ? 
# 
loop_
_audit_author.name 
_audit_author.pdbx_ordinal 
'Patterson, W.R.' 1 
'Anderson, D.H.'  2 
'Degrado, W.F.'   3 
'Cascio, D.'      4 
'Eisenberg, D.'   5 
# 
loop_
_citation.id 
_citation.title 
_citation.journal_abbrev 
_citation.journal_volume 
_citation.page_first 
_citation.page_last 
_citation.year 
_citation.journal_id_ASTM 
_citation.country 
_citation.journal_id_ISSN 
_citation.journal_id_CSD 
_citation.book_publisher 
_citation.pdbx_database_id_PubMed 
_citation.pdbx_database_id_DOI 
primary 'Centrosymmetric bilayers in the 0.75 A resolution structure of a designed alpha-helical peptide, D,L-Alpha-1.' 
'Protein Sci.'    8   1410 1422 1999 PRCIEI US 0961-8368 0795 ? 10422829 ? 
1       'Packed Protein Bilayers in the 0.90A Resolution Structure of a Designed Alpha Helical Bundle'                  
'To be Published' ?   ?    ?    ?    ?      ?  ?         0353 ? ?        ? 
2       'Crystal Structure of Alpha-1: Implications for Protein Design'                                                 Science 
249 543  ?    1990 SCIEAS US 0036-8075 0038 ? ?        ? 
3       'The Design, Synthesis, and Crystallization of an Alpha-Helical Peptide'                                        Proteins 1 
16   ?    1986 PSFGEY US 0887-3585 0867 ? ?        ? 
# 
loop_
_citation_author.citation_id 
_citation_author.name 
_citation_author.ordinal 
_citation_author.identifier_ORCID 
primary 'Patterson, W.R.' 1  ? 
primary 'Anderson, D.H.'  2  ? 
primary 'DeGrado, W.F.'   3  ? 
primary 'Cascio, D.'      4  ? 
primary 'Eisenberg, D.'   5  ? 
1       'Prive, G.G.'     6  ? 
1       'Anderson, D.H.'  7  ? 
1       'Wesson, L.'      8  ? 
1       'Cascio, D.'      9  ? 
1       'Eisenberg, D.'   10 ? 
2       'Hill, C.P.'      11 ? 
2       'Anderson, D.H.'  12 ? 
2       'Wesson, L.'      13 ? 
2       'Degrado, W.F.'   14 ? 
2       'Eisenberg, D.'   15 ? 
3       'Eisenberg, D.'   16 ? 
3       'Wilcox, W.'      17 ? 
3       'Eshita, S.M.'    18 ? 
3       'Pryciak, P.M.'   19 ? 
3       'Ho, S.P.'        20 ? 
# 
loop_
_entity.id 
_entity.type 
_entity.src_method 
_entity.pdbx_description 
_entity.formula_weight 
_entity.pdbx_number_of_molecules 
_entity.pdbx_ec 
_entity.pdbx_mutation 
_entity.pdbx_fragment 
_entity.details 
1 polymer     syn 'PROTEIN (D, L-ALPHA-1)'        1441.775 2  ? ? ? 'N TERMINI ARE ACETYLATED' 
2 non-polymer syn '(4S)-2-METHYL-2,4-PENTANEDIOL' 118.174  1  ? ? ? ?                          
3 non-polymer syn ETHANOLAMINE                    61.083   2  ? ? ? ?                          
4 water       nat water                           18.015   21 ? ? ? ?                          
# 
_entity_poly.entity_id                      1 
_entity_poly.type                           'polypeptide(L)' 
_entity_poly.nstd_linkage                   no 
_entity_poly.nstd_monomer                   yes 
_entity_poly.pdbx_seq_one_letter_code       '(ACE)ELLKKLLEELKG' 
_entity_poly.pdbx_seq_one_letter_code_can   XELLKKLLEELKG 
_entity_poly.pdbx_strand_id                 A,B 
_entity_poly.pdbx_target_identifier         ? 
# 
loop_
_pdbx_entity_nonpoly.entity_id 
_pdbx_entity_nonpoly.name 
_pdbx_entity_nonpoly.comp_id 
2 '(4S)-2-METHYL-2,4-PENTANEDIOL' MPD 
3 ETHANOLAMINE                    ETA 
4 water                           HOH 
# 
loop_
_entity_poly_seq.entity_id 
_entity_poly_seq.num 
_entity_poly_seq.mon_id 
_entity_poly_seq.hetero 
1 1  ACE n 
1 2  GLU n 
1 3  LEU n 
1 4  LEU n 
1 5  LYS n 
1 6  LYS n 
1 7  LEU n 
1 8  LEU n 
1 9  GLU n 
1 10 GLU n 
1 11 LEU n 
1 12 LYS n 
1 13 GLY n 
# 
_pdbx_entity_src_syn.entity_id              1 
_pdbx_entity_src_syn.pdbx_src_id            1 
_pdbx_entity_src_syn.pdbx_alt_source_flag   sample 
_pdbx_entity_src_syn.pdbx_beg_seq_num       ? 
_pdbx_entity_src_syn.pdbx_end_seq_num       ? 
_pdbx_entity_src_syn.organism_scientific    ? 
_pdbx_entity_src_syn.organism_common_name   ? 
_pdbx_entity_src_syn.ncbi_taxonomy_id       ? 
_pdbx_entity_src_syn.details                
'PEPTIDE WAS SYNTHESIZED VIA SOLID PHASE SYNTHESIS AND DESIGNED TO BE AN AMPHIPHILIC HELIX' 
# 
loop_
_chem_comp.id 
_chem_comp.type 
_chem_comp.mon_nstd_flag 
_chem_comp.name 
_chem_comp.pdbx_synonyms 
_chem_comp.formula 
_chem_comp.formula_weight 
ACE non-polymer                       . 'ACETYL GROUP'                  ? 'C2 H4 O'        44.053  
ETA 'L-peptide COOH carboxy terminus' . ETHANOLAMINE                    ? 'C2 H7 N O'      61.083  
GLU 'L-peptide linking'               y 'GLUTAMIC ACID'                 ? 'C5 H9 N O4'     147.129 
GLY 'peptide linking'                 y GLYCINE                         ? 'C2 H5 N O2'     75.067  
HOH non-polymer                       . WATER                           ? 'H2 O'           18.015  
LEU 'L-peptide linking'               y LEUCINE                         ? 'C6 H13 N O2'    131.173 
LYS 'L-peptide linking'               y LYSINE                          ? 'C6 H15 N2 O2 1' 147.195 
MPD non-polymer                       . '(4S)-2-METHYL-2,4-PENTANEDIOL' ? 'C6 H14 O2'      118.174 
# 
loop_
_pdbx_poly_seq_scheme.asym_id 
_pdbx_poly_seq_scheme.entity_id 
_pdbx_poly_seq_scheme.seq_id 
_pdbx_poly_seq_scheme.mon_id 
_pdbx_poly_seq_scheme.ndb_seq_num 
_pdbx_poly_seq_scheme.pdb_seq_num 
_pdbx_poly_seq_scheme.auth_seq_num 
_pdbx_poly_seq_scheme.pdb_mon_id 
_pdbx_poly_seq_scheme.auth_mon_id 
_pdbx_poly_seq_scheme.pdb_strand_id 
_pdbx_poly_seq_scheme.pdb_ins_code 
_pdbx_poly_seq_scheme.hetero 
A 1 1  ACE 1  100 100 ACE ACE A . n 
A 1 2  GLU 2  101 101 GLU GLU A . n 
A 1 3  LEU 3  102 102 LEU LEU A . n 
A 1 4  LEU 4  103 103 LEU LEU A . n 
A 1 5  LYS 5  104 104 LYS LYS A . n 
A 1 6  LYS 6  105 105 LYS LYS A . n 
A 1 7  LEU 7  106 106 LEU LEU A . n 
A 1 8  LEU 8  107 107 LEU LEU A . n 
A 1 9  GLU 9  108 108 GLU GLU A . n 
A 1 10 GLU 10 109 109 GLU GLU A . n 
A 1 11 LEU 11 110 110 LEU LEU A . n 
A 1 12 LYS 12 111 111 LYS LYS A . n 
A 1 13 GLY 13 112 112 GLY GLY A . n 
B 1 1  ACE 1  200 200 ACE ACE B . n 
B 1 2  GLU 2  201 201 GLU GLU B . n 
B 1 3  LEU 3  202 202 LEU LEU B . n 
B 1 4  LEU 4  203 203 LEU LEU B . n 
B 1 5  LYS 5  204 204 LYS LYS B . n 
B 1 6  LYS 6  205 205 LYS LYS B . n 
B 1 7  LEU 7  206 206 LEU LEU B . n 
B 1 8  LEU 8  207 207 LEU LEU B . n 
B 1 9  GLU 9  208 208 GLU GLU B . n 
B 1 10 GLU 10 209 209 GLU GLU B . n 
B 1 11 LEU 11 210 210 LEU LEU B . n 
B 1 12 LYS 12 211 211 LYS LYS B . n 
B 1 13 GLY 13 212 212 GLY GLY B . n 
# 
loop_
_pdbx_nonpoly_scheme.asym_id 
_pdbx_nonpoly_scheme.entity_id 
_pdbx_nonpoly_scheme.mon_id 
_pdbx_nonpoly_scheme.ndb_seq_num 
_pdbx_nonpoly_scheme.pdb_seq_num 
_pdbx_nonpoly_scheme.auth_seq_num 
_pdbx_nonpoly_scheme.pdb_mon_id 
_pdbx_nonpoly_scheme.auth_mon_id 
_pdbx_nonpoly_scheme.pdb_strand_id 
_pdbx_nonpoly_scheme.pdb_ins_code 
C 2 MPD 1  400 400 MPD MPD A . 
D 3 ETA 1  501 501 ETA ETA B . 
E 3 ETA 1  506 506 ETA ETA B . 
F 4 HOH 1  303 303 HOH HOH A . 
F 4 HOH 2  305 305 HOH HOH A . 
F 4 HOH 3  307 307 HOH HOH A . 
F 4 HOH 4  308 308 HOH HOH A . 
F 4 HOH 5  310 310 HOH HOH A . 
F 4 HOH 6  311 311 HOH HOH A . 
F 4 HOH 7  313 313 HOH HOH A . 
F 4 HOH 8  323 323 HOH HOH A . 
G 4 HOH 1  301 301 HOH HOH B . 
G 4 HOH 2  302 302 HOH HOH B . 
G 4 HOH 3  304 304 HOH HOH B . 
G 4 HOH 4  306 306 HOH HOH B . 
G 4 HOH 5  309 309 HOH HOH B . 
G 4 HOH 6  312 312 HOH HOH B . 
G 4 HOH 7  316 316 HOH HOH B . 
G 4 HOH 8  318 318 HOH HOH B . 
G 4 HOH 9  322 322 HOH HOH B . 
G 4 HOH 10 324 324 HOH HOH B . 
G 4 HOH 11 325 325 HOH HOH B . 
G 4 HOH 12 327 327 HOH HOH B . 
G 4 HOH 13 329 329 HOH HOH B . 
# 
loop_
_software.name 
_software.classification 
_software.version 
_software.citation_id 
_software.pdbx_ordinal 
SHELXS    phasing          . ? 1 
SHELXL-97 refinement       . ? 2 
DENZO     'data reduction' . ? 3 
SCALEPACK 'data scaling'   . ? 4 
# 
_cell.entry_id           3AL1 
_cell.length_a           20.544 
_cell.length_b           20.859 
_cell.length_c           26.055 
_cell.angle_alpha        101.16 
_cell.angle_beta         97.03 
_cell.angle_gamma        118.06 
_cell.Z_PDB              4 
_cell.pdbx_unique_axis   ? 
_cell.length_a_esd       ? 
_cell.length_b_esd       ? 
_cell.length_c_esd       ? 
_cell.angle_alpha_esd    ? 
_cell.angle_beta_esd     ? 
_cell.angle_gamma_esd    ? 
# 
_symmetry.entry_id                         3AL1 
_symmetry.space_group_name_H-M             'P -1' 
_symmetry.pdbx_full_space_group_name_H-M   ? 
_symmetry.cell_setting                     ? 
_symmetry.Int_Tables_number                2 
_symmetry.space_group_name_Hall            ? 
# 
_exptl.entry_id          3AL1 
_exptl.method            'X-RAY DIFFRACTION' 
_exptl.crystals_number   1 
# 
_exptl_crystal.id                    1 
_exptl_crystal.density_meas          ? 
_exptl_crystal.density_Matthews      1.61 
_exptl_crystal.density_percent_sol   14.8 
_exptl_crystal.description           
;THERE IS NO REDUNDANCY IN THE DATA
SET BEYOND 1.28A RESOLUTION; RSYM CAN BE EVALUATED ONLY FOR
18-1.28A. DATA REDUNDANCY IN 18-1.28A SHELL IS 2.51
;
_exptl_crystal.F_000                 ? 
_exptl_crystal.preparation           ? 
# 
_exptl_crystal_grow.crystal_id      1 
_exptl_crystal_grow.method          'VAPOR DIFFUSION, HANGING DROP' 
_exptl_crystal_grow.temp            ? 
_exptl_crystal_grow.temp_details    ? 
_exptl_crystal_grow.pH              8 
_exptl_crystal_grow.pdbx_details    
;EQUAL VOLUMES OF 10 MG/ML D-ALPHA-1 AND 10 MG/ML L-ALPHA-1 WERE MIXED IMMEDIATELY BEFORE CRYSTALLIZATION. THE RESERVOIR SOLUTION CONTAINED 90-93% 2-METHYL-2,4-PENTANEDIOL, 0.075 M ETHANOLAMINE HCL PH 9.75, 0.05 M TRIETHANOLAMINE HCL PH 8. THE HANGING DROP CONTAINED EQUAL VOLUMES OF RESERVOIR AND 10 MG/ML D,L MIX ALPHA-1. THE ACIDIC PEPTIDE PARTWAY TITRATES THE BASIC BUFFERS TO REACH THE UNKNOWN RESULTANT PH., vapor diffusion - hanging drop
;
_exptl_crystal_grow.pdbx_pH_range   8-9.75 
# 
_diffrn.id                     1 
_diffrn.ambient_temp           115 
_diffrn.ambient_temp_details   ? 
_diffrn.crystal_id             1 
# 
_diffrn_detector.diffrn_id              1 
_diffrn_detector.detector               'IMAGE PLATE' 
_diffrn_detector.type                   MARRESEARCH 
_diffrn_detector.pdbx_collection_date   1996-06-01 
_diffrn_detector.details                ? 
# 
_diffrn_radiation.diffrn_id                        1 
_diffrn_radiation.wavelength_id                    1 
_diffrn_radiation.pdbx_monochromatic_or_laue_m_l   M 
_diffrn_radiation.monochromator                    SI 
_diffrn_radiation.pdbx_diffrn_protocol             'SINGLE WAVELENGTH' 
_diffrn_radiation.pdbx_scattering_type             x-ray 
# 
_diffrn_radiation_wavelength.id           1 
_diffrn_radiation_wavelength.wavelength   0.9 
_diffrn_radiation_wavelength.wt           1.0 
# 
_diffrn_source.diffrn_id                   1 
_diffrn_source.source                      SYNCHROTRON 
_diffrn_source.type                        'NSLS BEAMLINE X12C' 
_diffrn_source.pdbx_synchrotron_site       NSLS 
_diffrn_source.pdbx_synchrotron_beamline   X12C 
_diffrn_source.pdbx_wavelength             0.9 
_diffrn_source.pdbx_wavelength_list        ? 
# 
_reflns.entry_id                     3AL1 
_reflns.observed_criterion_sigma_I   1 
_reflns.observed_criterion_sigma_F   ? 
_reflns.d_resolution_low             18. 
_reflns.d_resolution_high            0.75 
_reflns.number_obs                   33573 
_reflns.number_all                   ? 
_reflns.percent_possible_obs         71.5 
_reflns.pdbx_Rmerge_I_obs            ? 
_reflns.pdbx_Rsym_value              10.0000000 
_reflns.pdbx_netI_over_sigmaI        10.6 
_reflns.B_iso_Wilson_estimate        ? 
_reflns.pdbx_redundancy              1.4 
_reflns.R_free_details               ? 
_reflns.limit_h_max                  ? 
_reflns.limit_h_min                  ? 
_reflns.limit_k_max                  ? 
_reflns.limit_k_min                  ? 
_reflns.limit_l_max                  ? 
_reflns.limit_l_min                  ? 
_reflns.observed_criterion_F_max     ? 
_reflns.observed_criterion_F_min     ? 
_reflns.pdbx_chi_squared             ? 
_reflns.pdbx_scaling_rejects         ? 
_reflns.pdbx_ordinal                 1 
_reflns.pdbx_diffrn_id               1 
_reflns.pdbx_CC_half                 ? 
_reflns.pdbx_CC_star                 ? 
_reflns.pdbx_Rpim_I_all              ? 
_reflns.pdbx_Rrim_I_all              ? 
# 
_reflns_shell.d_res_high             0.75 
_reflns_shell.d_res_low              0.78 
_reflns_shell.percent_possible_all   24.9 
_reflns_shell.Rmerge_I_obs           ? 
_reflns_shell.pdbx_Rsym_value        ? 
_reflns_shell.meanI_over_sigI_obs    2.0 
_reflns_shell.pdbx_redundancy        1 
_reflns_shell.percent_possible_obs   ? 
_reflns_shell.number_unique_all      ? 
_reflns_shell.number_measured_all    ? 
_reflns_shell.number_measured_obs    ? 
_reflns_shell.number_unique_obs      ? 
_reflns_shell.pdbx_chi_squared       ? 
_reflns_shell.pdbx_ordinal           1 
_reflns_shell.pdbx_diffrn_id         1 
_reflns_shell.pdbx_CC_half           ? 
_reflns_shell.pdbx_CC_star           ? 
_reflns_shell.pdbx_Rpim_I_all        ? 
_reflns_shell.pdbx_Rrim_I_all        ? 
# 
_refine.entry_id                                 3AL1 
_refine.ls_number_reflns_obs                     ? 
_refine.ls_number_reflns_all                     33290 
_refine.pdbx_ls_sigma_I                          ? 
_refine.pdbx_ls_sigma_F                          0.0 
_refine.pdbx_data_cutoff_high_absF               ? 
_refine.pdbx_data_cutoff_low_absF                ? 
_refine.pdbx_data_cutoff_high_rms_absF           ? 
_refine.ls_d_res_low                             18.00 
_refine.ls_d_res_high                            0.75 
_refine.ls_percent_reflns_obs                    71.6 
_refine.ls_R_factor_obs                          0.1300000 
_refine.ls_R_factor_all                          0.1310000 
_refine.ls_R_factor_R_work                       ? 
_refine.ls_R_factor_R_free                       0.1450000 
_refine.ls_R_factor_R_free_error                 ? 
_refine.ls_R_factor_R_free_error_details         ? 
_refine.ls_percent_reflns_R_free                 10 
_refine.ls_number_reflns_R_free                  3329 
_refine.ls_number_parameters                     2939 
_refine.ls_number_restraints                     4291 
_refine.occupancy_min                            ? 
_refine.occupancy_max                            ? 
_refine.B_iso_mean                               ? 
_refine.aniso_B[1][1]                            ? 
_refine.aniso_B[2][2]                            ? 
_refine.aniso_B[3][3]                            ? 
_refine.aniso_B[1][2]                            ? 
_refine.aniso_B[1][3]                            ? 
_refine.aniso_B[2][3]                            ? 
_refine.solvent_model_details                    'MOEWS & KRETSINGER, J.MOL.BIOL.91(1973)201-2' 
_refine.solvent_model_param_ksol                 ? 
_refine.solvent_model_param_bsol                 ? 
_refine.pdbx_ls_cross_valid_method               'FREE R' 
_refine.details                                  
;STRUCTURE WAS REDETERMINED WITH SHAKE AND BAKE BECAUSE THE
REFINEMENT WAS STUCK AT R ABOUT 21%. THE SNB RESULT
CONFIRMED THE SHELXS STRUCTURE.

SAME TEST SET WAS USED FOR SHELXL-93 AND -97. SAME
RESTRAINTS WERE CARRIED ALONG INTO SHELXL-97; THERE WAS NO
DFIX/DANG DISTINCTION.

INTRODUCTION OF ANISOTROPIC REFINEMENT REDUCED FREE R
(NO CUTOFF) BY ONLY 1%. IN THIS REFINEMENT, THE ALTERNATE
CONFORMATIONS EVENTUALLY REDUCED FREE R FROM 22.6 - 14.5%
;
_refine.pdbx_starting_model                      ? 
_refine.pdbx_method_to_determine_struct          'DIRECT METHODS' 
_refine.pdbx_isotropic_thermal_model             ? 
_refine.pdbx_stereochemistry_target_values       'ENGH AND HUBER' 
_refine.pdbx_stereochem_target_val_spec_case     
;GLU 108 CONFORMATION C CARBOXYLATE HAS A STIFF PLANARITY RESTRAINT. 
ETHANOLAMINE AND MPD RESTRAINTS WERE DERIVED BY ANALOGY TO OTHER SIMILAR GROUPS.
;
_refine.pdbx_R_Free_selection_details            'EVERY TENTH REFLECTION' 
_refine.pdbx_overall_ESU_R                       ? 
_refine.pdbx_overall_ESU_R_Free                  ? 
_refine.overall_SU_ML                            ? 
_refine.overall_SU_B                             ? 
_refine.ls_redundancy_reflns_obs                 ? 
_refine.B_iso_min                                ? 
_refine.B_iso_max                                ? 
_refine.pdbx_refine_id                           'X-RAY DIFFRACTION' 
_refine.pdbx_overall_phase_error                 ? 
_refine.correlation_coeff_Fo_to_Fc               ? 
_refine.correlation_coeff_Fo_to_Fc_free          ? 
_refine.pdbx_solvent_vdw_probe_radii             ? 
_refine.pdbx_solvent_ion_probe_radii             ? 
_refine.pdbx_solvent_shrinkage_radii             ? 
_refine.overall_SU_R_Cruickshank_DPI             ? 
_refine.overall_SU_R_free                        ? 
_refine.ls_wR_factor_R_free                      ? 
_refine.ls_wR_factor_R_work                      ? 
_refine.overall_FOM_free_R_set                   ? 
_refine.overall_FOM_work_R_set                   ? 
_refine.pdbx_diffrn_id                           1 
_refine.pdbx_TLS_residual_ADP_flag               ? 
_refine.pdbx_overall_SU_R_free_Cruickshank_DPI   ? 
_refine.pdbx_overall_SU_R_Blow_DPI               ? 
_refine.pdbx_overall_SU_R_free_Blow_DPI          ? 
# 
_refine_analyze.entry_id                        3AL1 
_refine_analyze.Luzzati_coordinate_error_obs    ? 
_refine_analyze.Luzzati_sigma_a_obs             ? 
_refine_analyze.Luzzati_d_res_low_obs           ? 
_refine_analyze.Luzzati_coordinate_error_free   ? 
_refine_analyze.Luzzati_sigma_a_free            ? 
_refine_analyze.Luzzati_d_res_low_free          ? 
_refine_analyze.number_disordered_residues      11 
_refine_analyze.occupancy_sum_hydrogen          250.04 
_refine_analyze.occupancy_sum_non_hydrogen      237.88 
_refine_analyze.pdbx_Luzzati_d_res_high_obs     ? 
_refine_analyze.pdbx_refine_id                  'X-RAY DIFFRACTION' 
# 
_refine_hist.pdbx_refine_id                   'X-RAY DIFFRACTION' 
_refine_hist.cycle_id                         LAST 
_refine_hist.pdbx_number_atoms_protein        204 
_refine_hist.pdbx_number_atoms_nucleic_acid   0 
_refine_hist.pdbx_number_atoms_ligand         16 
_refine_hist.number_atoms_solvent             21 
_refine_hist.number_atoms_total               241 
_refine_hist.d_res_high                       0.75 
_refine_hist.d_res_low                        18.00 
# 
loop_
_refine_ls_restr.type 
_refine_ls_restr.dev_ideal 
_refine_ls_restr.dev_ideal_target 
_refine_ls_restr.weight 
_refine_ls_restr.number 
_refine_ls_restr.pdbx_refine_id 
_refine_ls_restr.pdbx_restraint_function 
s_bond_d               0.038 ? ? ? 'X-RAY DIFFRACTION' ? 
s_angle_d              0.000 ? ? ? 'X-RAY DIFFRACTION' ? 
s_similar_dist         0.028 ? ? ? 'X-RAY DIFFRACTION' ? 
s_from_restr_planes    0.017 ? ? ? 'X-RAY DIFFRACTION' ? 
s_zero_chiral_vol      0.101 ? ? ? 'X-RAY DIFFRACTION' ? 
s_non_zero_chiral_vol  0.000 ? ? ? 'X-RAY DIFFRACTION' ? 
s_anti_bump_dis_restr  0.086 ? ? ? 'X-RAY DIFFRACTION' ? 
s_rigid_bond_adp_cmpnt 0.007 ? ? ? 'X-RAY DIFFRACTION' ? 
s_similar_adp_cmpnt    0.038 ? ? ? 'X-RAY DIFFRACTION' ? 
s_approx_iso_adps      0.040 ? ? ? 'X-RAY DIFFRACTION' ? 
# 
_pdbx_refine.entry_id                                    3AL1 
_pdbx_refine.R_factor_all_no_cutoff                      0.1310000 
_pdbx_refine.R_factor_obs_no_cutoff                      0.1300000 
_pdbx_refine.free_R_factor_no_cutoff                     0.1450000 
_pdbx_refine.free_R_val_test_set_size_perc_no_cutoff     10 
_pdbx_refine.free_R_val_test_set_ct_no_cutoff            3329 
_pdbx_refine.R_factor_all_4sig_cutoff                    0.1073000 
_pdbx_refine.R_factor_obs_4sig_cutoff                    0.1068000 
_pdbx_refine.free_R_factor_4sig_cutoff                   0.1195000 
_pdbx_refine.free_R_val_test_set_size_perc_4sig_cutoff   8.1 
_pdbx_refine.free_R_val_test_set_ct_4sig_cutoff          2419 
_pdbx_refine.number_reflns_obs_4sig_cutoff               24134 
_pdbx_refine.number_reflns_obs_no_cutoff                 ? 
_pdbx_refine.pdbx_refine_id                              'X-RAY DIFFRACTION' 
_pdbx_refine.free_R_error_no_cutoff                      ? 
# 
_struct.entry_id                  3AL1 
_struct.title                     'DESIGNED PEPTIDE ALPHA-1, RACEMIC P1BAR FORM' 
_struct.pdbx_model_details        ? 
_struct.pdbx_CASP_flag            ? 
_struct.pdbx_model_type_details   ? 
# 
_struct_keywords.entry_id        3AL1 
_struct_keywords.pdbx_keywords   'STRUCTURAL PROTEIN' 
_struct_keywords.text            'HELICAL BILAYER, BIOMATERIAL, CENTRIC, RACEMIC, STRUCTURAL PROTEIN' 
# 
loop_
_struct_asym.id 
_struct_asym.pdbx_blank_PDB_chainid_flag 
_struct_asym.pdbx_modified 
_struct_asym.entity_id 
_struct_asym.details 
A N N 1 ? 
B N N 1 ? 
C N N 2 ? 
D N N 3 ? 
E N N 3 ? 
F N N 4 ? 
G N N 4 ? 
# 
_struct_ref.id                         1 
_struct_ref.entity_id                  1 
_struct_ref.db_name                    PDB 
_struct_ref.db_code                    3AL1 
_struct_ref.pdbx_db_accession          3AL1 
_struct_ref.pdbx_align_begin           ? 
_struct_ref.pdbx_seq_one_letter_code   ? 
_struct_ref.pdbx_db_isoform            ? 
# 
loop_
_struct_ref_seq.align_id 
_struct_ref_seq.ref_id 
_struct_ref_seq.pdbx_PDB_id_code 
_struct_ref_seq.pdbx_strand_id 
_struct_ref_seq.seq_align_beg 
_struct_ref_seq.pdbx_seq_align_beg_ins_code 
_struct_ref_seq.seq_align_end 
_struct_ref_seq.pdbx_seq_align_end_ins_code 
_struct_ref_seq.pdbx_db_accession 
_struct_ref_seq.db_align_beg 
_struct_ref_seq.pdbx_db_align_beg_ins_code 
_struct_ref_seq.db_align_end 
_struct_ref_seq.pdbx_db_align_end_ins_code 
_struct_ref_seq.pdbx_auth_seq_align_beg 
_struct_ref_seq.pdbx_auth_seq_align_end 
1 1 3AL1 A 1 ? 13 ? 3AL1 100 ? 112 ? 100 112 
2 1 3AL1 B 1 ? 13 ? 3AL1 200 ? 212 ? 200 212 
# 
_pdbx_struct_assembly.id                   1 
_pdbx_struct_assembly.details              author_defined_assembly 
_pdbx_struct_assembly.method_details       ? 
_pdbx_struct_assembly.oligomeric_details   dimeric 
_pdbx_struct_assembly.oligomeric_count     2 
# 
_pdbx_struct_assembly_gen.assembly_id       1 
_pdbx_struct_assembly_gen.oper_expression   1 
_pdbx_struct_assembly_gen.asym_id_list      A,B,C,D,E,F,G 
# 
_pdbx_struct_oper_list.id                   1 
_pdbx_struct_oper_list.type                 'identity operation' 
_pdbx_struct_oper_list.name                 1_555 
_pdbx_struct_oper_list.symmetry_operation   x,y,z 
_pdbx_struct_oper_list.matrix[1][1]         1.0000000000 
_pdbx_struct_oper_list.matrix[1][2]         0.0000000000 
_pdbx_struct_oper_list.matrix[1][3]         0.0000000000 
_pdbx_struct_oper_list.vector[1]            0.0000000000 
_pdbx_struct_oper_list.matrix[2][1]         0.0000000000 
_pdbx_struct_oper_list.matrix[2][2]         1.0000000000 
_pdbx_struct_oper_list.matrix[2][3]         0.0000000000 
_pdbx_struct_oper_list.vector[2]            0.0000000000 
_pdbx_struct_oper_list.matrix[3][1]         0.0000000000 
_pdbx_struct_oper_list.matrix[3][2]         0.0000000000 
_pdbx_struct_oper_list.matrix[3][3]         1.0000000000 
_pdbx_struct_oper_list.vector[3]            0.0000000000 
# 
loop_
_struct_conf.conf_type_id 
_struct_conf.id 
_struct_conf.pdbx_PDB_helix_id 
_struct_conf.beg_label_comp_id 
_struct_conf.beg_label_asym_id 
_struct_conf.beg_label_seq_id 
_struct_conf.pdbx_beg_PDB_ins_code 
_struct_conf.end_label_comp_id 
_struct_conf.end_label_asym_id 
_struct_conf.end_label_seq_id 
_struct_conf.pdbx_end_PDB_ins_code 
_struct_conf.beg_auth_comp_id 
_struct_conf.beg_auth_asym_id 
_struct_conf.beg_auth_seq_id 
_struct_conf.end_auth_comp_id 
_struct_conf.end_auth_asym_id 
_struct_conf.end_auth_seq_id 
_struct_conf.pdbx_PDB_helix_class 
_struct_conf.details 
_struct_conf.pdbx_PDB_helix_length 
HELX_P HELX_P1 1 LEU A 3 ? LEU A 11 ? LEU A 102 LEU A 110 1 ? 9 
HELX_P HELX_P2 2 LEU B 3 ? LEU B 11 ? LEU B 202 LEU B 210 1 ? 9 
# 
_struct_conf_type.id          HELX_P 
_struct_conf_type.criteria    ? 
_struct_conf_type.reference   ? 
# 
loop_
_struct_conn.id 
_struct_conn.conn_type_id 
_struct_conn.pdbx_leaving_atom_flag 
_struct_conn.pdbx_PDB_id 
_struct_conn.ptnr1_label_asym_id 
_struct_conn.ptnr1_label_comp_id 
_struct_conn.ptnr1_label_seq_id 
_struct_conn.ptnr1_label_atom_id 
_struct_conn.pdbx_ptnr1_label_alt_id 
_struct_conn.pdbx_ptnr1_PDB_ins_code 
_struct_conn.pdbx_ptnr1_standard_comp_id 
_struct_conn.ptnr1_symmetry 
_struct_conn.ptnr2_label_asym_id 
_struct_conn.ptnr2_label_comp_id 
_struct_conn.ptnr2_label_seq_id 
_struct_conn.ptnr2_label_atom_id 
_struct_conn.pdbx_ptnr2_label_alt_id 
_struct_conn.pdbx_ptnr2_PDB_ins_code 
_struct_conn.ptnr1_auth_asym_id 
_struct_conn.ptnr1_auth_comp_id 
_struct_conn.ptnr1_auth_seq_id 
_struct_conn.ptnr2_auth_asym_id 
_struct_conn.ptnr2_auth_comp_id 
_struct_conn.ptnr2_auth_seq_id 
_struct_conn.ptnr2_symmetry 
_struct_conn.pdbx_ptnr3_label_atom_id 
_struct_conn.pdbx_ptnr3_label_seq_id 
_struct_conn.pdbx_ptnr3_label_comp_id 
_struct_conn.pdbx_ptnr3_label_asym_id 
_struct_conn.pdbx_ptnr3_label_alt_id 
_struct_conn.pdbx_ptnr3_PDB_ins_code 
_struct_conn.details 
_struct_conn.pdbx_dist_value 
_struct_conn.pdbx_value_order 
_struct_conn.pdbx_role 
covale1 covale both ? A ACE 1 C ? ? ? 1_555 A GLU 2 N ? ? A ACE 100 A GLU 101 1_555 ? ? ? ? ? ? ? 1.333 ? ? 
covale2 covale both ? B ACE 1 C ? ? ? 1_555 B GLU 2 N ? ? B ACE 200 B GLU 201 1_555 ? ? ? ? ? ? ? 1.333 ? ? 
# 
_struct_conn_type.id          covale 
_struct_conn_type.criteria    ? 
_struct_conn_type.reference   ? 
# 
loop_
_pdbx_modification_feature.ordinal 
_pdbx_modification_feature.label_comp_id 
_pdbx_modification_feature.label_asym_id 
_pdbx_modification_feature.label_seq_id 
_pdbx_modification_feature.label_alt_id 
_pdbx_modification_feature.modified_residue_label_comp_id 
_pdbx_modification_feature.modified_residue_label_asym_id 
_pdbx_modification_feature.modified_residue_label_seq_id 
_pdbx_modification_feature.modified_residue_label_alt_id 
_pdbx_modification_feature.auth_comp_id 
_pdbx_modification_feature.auth_asym_id 
_pdbx_modification_feature.auth_seq_id 
_pdbx_modification_feature.PDB_ins_code 
_pdbx_modification_feature.symmetry 
_pdbx_modification_feature.modified_residue_auth_comp_id 
_pdbx_modification_feature.modified_residue_auth_asym_id 
_pdbx_modification_feature.modified_residue_auth_seq_id 
_pdbx_modification_feature.modified_residue_PDB_ins_code 
_pdbx_modification_feature.modified_residue_symmetry 
_pdbx_modification_feature.comp_id_linking_atom 
_pdbx_modification_feature.modified_residue_id_linking_atom 
_pdbx_modification_feature.modified_residue_id 
_pdbx_modification_feature.ref_pcm_id 
_pdbx_modification_feature.ref_comp_id 
_pdbx_modification_feature.type 
_pdbx_modification_feature.category 
1 ACE A 1 ? GLU A 2 ? ACE A 100 ? 1_555 GLU A 101 ? 1_555 . . GLU 10 ACE None 'Terminal acetylation' 
2 ACE B 1 ? GLU B 2 ? ACE B 200 ? 1_555 GLU B 201 ? 1_555 . . GLU 10 ACE None 'Terminal acetylation' 
# 
loop_
_struct_site.id 
_struct_site.pdbx_evidence_code 
_struct_site.pdbx_auth_asym_id 
_struct_site.pdbx_auth_comp_id 
_struct_site.pdbx_auth_seq_id 
_struct_site.pdbx_auth_ins_code 
_struct_site.pdbx_num_residues 
_struct_site.details 
AC1 Software A MPD 400 ? 6 'BINDING SITE FOR RESIDUE MPD A 400' 
AC2 Software B ETA 501 ? 8 'BINDING SITE FOR RESIDUE ETA B 501' 
AC3 Software B ETA 506 ? 6 'BINDING SITE FOR RESIDUE ETA B 506' 
# 
loop_
_struct_site_gen.id 
_struct_site_gen.site_id 
_struct_site_gen.pdbx_num_res 
_struct_site_gen.label_comp_id 
_struct_site_gen.label_asym_id 
_struct_site_gen.label_seq_id 
_struct_site_gen.pdbx_auth_ins_code 
_struct_site_gen.auth_comp_id 
_struct_site_gen.auth_asym_id 
_struct_site_gen.auth_seq_id 
_struct_site_gen.label_atom_id 
_struct_site_gen.label_alt_id 
_struct_site_gen.symmetry 
_struct_site_gen.details 
1  AC1 6 LEU A 3  ? LEU A 102 . ? 1_455 ? 
2  AC1 6 GLU A 10 ? GLU A 109 . ? 1_555 ? 
3  AC1 6 LEU A 11 ? LEU A 110 . ? 1_555 ? 
4  AC1 6 HOH F .  ? HOH A 303 . ? 1_555 ? 
5  AC1 6 LEU B 11 ? LEU B 210 . ? 1_455 ? 
6  AC1 6 ETA D .  ? ETA B 501 . ? 1_455 ? 
7  AC2 8 GLU A 10 ? GLU A 109 . ? 1_655 ? 
8  AC2 8 GLY A 13 ? GLY A 112 . ? 1_655 ? 
9  AC2 8 HOH F .  ? HOH A 313 . ? 1_655 ? 
10 AC2 8 MPD C .  ? MPD A 400 . ? 1_655 ? 
11 AC2 8 GLU B 10 ? GLU B 209 . ? 1_555 ? 
12 AC2 8 GLY B 13 ? GLY B 212 . ? 1_555 ? 
13 AC2 8 HOH G .  ? HOH B 304 . ? 1_555 ? 
14 AC2 8 HOH G .  ? HOH B 327 . ? 1_555 ? 
15 AC3 6 GLU A 9  ? GLU A 108 . ? 1_655 ? 
16 AC3 6 GLU A 10 ? GLU A 109 . ? 1_655 ? 
17 AC3 6 HOH F .  ? HOH A 305 . ? 1_655 ? 
18 AC3 6 LYS B 6  ? LYS B 205 . ? 1_655 ? 
19 AC3 6 HOH G .  ? HOH B 325 . ? 1_555 ? 
20 AC3 6 HOH G .  ? HOH B 327 . ? 1_555 ? 
# 
_pdbx_entry_details.entry_id                   3AL1 
_pdbx_entry_details.compound_details           ? 
_pdbx_entry_details.source_details             ? 
_pdbx_entry_details.nonpolymer_details         ? 
_pdbx_entry_details.sequence_details           ? 
_pdbx_entry_details.has_ligand_of_interest     ? 
_pdbx_entry_details.has_protein_modification   Y 
# 
_pdbx_validate_close_contact.id               1 
_pdbx_validate_close_contact.PDB_model_num    1 
_pdbx_validate_close_contact.auth_atom_id_1   OE2 
_pdbx_validate_close_contact.auth_asym_id_1   A 
_pdbx_validate_close_contact.auth_comp_id_1   GLU 
_pdbx_validate_close_contact.auth_seq_id_1    109 
_pdbx_validate_close_contact.PDB_ins_code_1   ? 
_pdbx_validate_close_contact.label_alt_id_1   ? 
_pdbx_validate_close_contact.auth_atom_id_2   HZ1 
_pdbx_validate_close_contact.auth_asym_id_2   B 
_pdbx_validate_close_contact.auth_comp_id_2   LYS 
_pdbx_validate_close_contact.auth_seq_id_2    205 
_pdbx_validate_close_contact.PDB_ins_code_2   ? 
_pdbx_validate_close_contact.label_alt_id_2   A 
_pdbx_validate_close_contact.dist             1.57 
# 
loop_
_pdbx_validate_rmsd_bond.id 
_pdbx_validate_rmsd_bond.PDB_model_num 
_pdbx_validate_rmsd_bond.auth_atom_id_1 
_pdbx_validate_rmsd_bond.auth_asym_id_1 
_pdbx_validate_rmsd_bond.auth_comp_id_1 
_pdbx_validate_rmsd_bond.auth_seq_id_1 
_pdbx_validate_rmsd_bond.PDB_ins_code_1 
_pdbx_validate_rmsd_bond.label_alt_id_1 
_pdbx_validate_rmsd_bond.auth_atom_id_2 
_pdbx_validate_rmsd_bond.auth_asym_id_2 
_pdbx_validate_rmsd_bond.auth_comp_id_2 
_pdbx_validate_rmsd_bond.auth_seq_id_2 
_pdbx_validate_rmsd_bond.PDB_ins_code_2 
_pdbx_validate_rmsd_bond.label_alt_id_2 
_pdbx_validate_rmsd_bond.bond_value 
_pdbx_validate_rmsd_bond.bond_target_value 
_pdbx_validate_rmsd_bond.bond_deviation 
_pdbx_validate_rmsd_bond.bond_standard_deviation 
_pdbx_validate_rmsd_bond.linker_flag 
1 1 CG A LYS 105 ? B CD  A LYS 105 ? B 1.312 1.520 -0.208 0.034 N 
2 1 CG A GLU 108 ? A CD  A GLU 108 ? A 1.634 1.515 0.119  0.015 N 
3 1 CD A GLU 108 ? A OE2 A GLU 108 ? A 1.134 1.252 -0.118 0.011 N 
4 1 CD A GLU 108 ? C OE2 A GLU 108 ? C 1.344 1.252 0.092  0.011 N 
# 
loop_
_pdbx_validate_rmsd_angle.id 
_pdbx_validate_rmsd_angle.PDB_model_num 
_pdbx_validate_rmsd_angle.auth_atom_id_1 
_pdbx_validate_rmsd_angle.auth_asym_id_1 
_pdbx_validate_rmsd_angle.auth_comp_id_1 
_pdbx_validate_rmsd_angle.auth_seq_id_1 
_pdbx_validate_rmsd_angle.PDB_ins_code_1 
_pdbx_validate_rmsd_angle.label_alt_id_1 
_pdbx_validate_rmsd_angle.auth_atom_id_2 
_pdbx_validate_rmsd_angle.auth_asym_id_2 
_pdbx_validate_rmsd_angle.auth_comp_id_2 
_pdbx_validate_rmsd_angle.auth_seq_id_2 
_pdbx_validate_rmsd_angle.PDB_ins_code_2 
_pdbx_validate_rmsd_angle.label_alt_id_2 
_pdbx_validate_rmsd_angle.auth_atom_id_3 
_pdbx_validate_rmsd_angle.auth_asym_id_3 
_pdbx_validate_rmsd_angle.auth_comp_id_3 
_pdbx_validate_rmsd_angle.auth_seq_id_3 
_pdbx_validate_rmsd_angle.PDB_ins_code_3 
_pdbx_validate_rmsd_angle.label_alt_id_3 
_pdbx_validate_rmsd_angle.angle_value 
_pdbx_validate_rmsd_angle.angle_target_value 
_pdbx_validate_rmsd_angle.angle_deviation 
_pdbx_validate_rmsd_angle.angle_standard_deviation 
_pdbx_validate_rmsd_angle.linker_flag 
1 1 CB  A LYS 105 ? A CG A LYS 105 ? A CD  A LYS 105 ? A 154.69 111.60 43.09 2.60 N 
2 1 OE1 A GLU 108 ? A CD A GLU 108 ? A OE2 A GLU 108 ? A 131.85 123.30 8.55  1.20 N 
# 
_pdbx_validate_chiral.id              1 
_pdbx_validate_chiral.PDB_model_num   1 
_pdbx_validate_chiral.auth_atom_id    C4 
_pdbx_validate_chiral.label_alt_id    B 
_pdbx_validate_chiral.auth_asym_id    A 
_pdbx_validate_chiral.auth_comp_id    MPD 
_pdbx_validate_chiral.auth_seq_id     400 
_pdbx_validate_chiral.PDB_ins_code    ? 
_pdbx_validate_chiral.details         'WRONG HAND' 
_pdbx_validate_chiral.omega           . 
# 
loop_
_chem_comp_atom.comp_id 
_chem_comp_atom.atom_id 
_chem_comp_atom.type_symbol 
_chem_comp_atom.pdbx_aromatic_flag 
_chem_comp_atom.pdbx_stereo_config 
_chem_comp_atom.pdbx_ordinal 
ACE C    C N N 1   
ACE O    O N N 2   
ACE CH3  C N N 3   
ACE H    H N N 4   
ACE H1   H N N 5   
ACE H2   H N N 6   
ACE H3   H N N 7   
ETA CA   C N N 8   
ETA N    N N N 9   
ETA C    C N N 10  
ETA O    O N N 11  
ETA HA1  H N N 12  
ETA HA2  H N N 13  
ETA H    H N N 14  
ETA H2   H N N 15  
ETA HB1  H N N 16  
ETA HB2  H N N 17  
ETA HO   H N N 18  
GLU N    N N N 19  
GLU CA   C N S 20  
GLU C    C N N 21  
GLU O    O N N 22  
GLU CB   C N N 23  
GLU CG   C N N 24  
GLU CD   C N N 25  
GLU OE1  O N N 26  
GLU OE2  O N N 27  
GLU OXT  O N N 28  
GLU H    H N N 29  
GLU H2   H N N 30  
GLU HA   H N N 31  
GLU HB2  H N N 32  
GLU HB3  H N N 33  
GLU HG2  H N N 34  
GLU HG3  H N N 35  
GLU HE2  H N N 36  
GLU HXT  H N N 37  
GLY N    N N N 38  
GLY CA   C N N 39  
GLY C    C N N 40  
GLY O    O N N 41  
GLY OXT  O N N 42  
GLY H    H N N 43  
GLY H2   H N N 44  
GLY HA2  H N N 45  
GLY HA3  H N N 46  
GLY HXT  H N N 47  
HOH O    O N N 48  
HOH H1   H N N 49  
HOH H2   H N N 50  
LEU N    N N N 51  
LEU CA   C N S 52  
LEU C    C N N 53  
LEU O    O N N 54  
LEU CB   C N N 55  
LEU CG   C N N 56  
LEU CD1  C N N 57  
LEU CD2  C N N 58  
LEU OXT  O N N 59  
LEU H    H N N 60  
LEU H2   H N N 61  
LEU HA   H N N 62  
LEU HB2  H N N 63  
LEU HB3  H N N 64  
LEU HG   H N N 65  
LEU HD11 H N N 66  
LEU HD12 H N N 67  
LEU HD13 H N N 68  
LEU HD21 H N N 69  
LEU HD22 H N N 70  
LEU HD23 H N N 71  
LEU HXT  H N N 72  
LYS N    N N N 73  
LYS CA   C N S 74  
LYS C    C N N 75  
LYS O    O N N 76  
LYS CB   C N N 77  
LYS CG   C N N 78  
LYS CD   C N N 79  
LYS CE   C N N 80  
LYS NZ   N N N 81  
LYS OXT  O N N 82  
LYS H    H N N 83  
LYS H2   H N N 84  
LYS HA   H N N 85  
LYS HB2  H N N 86  
LYS HB3  H N N 87  
LYS HG2  H N N 88  
LYS HG3  H N N 89  
LYS HD2  H N N 90  
LYS HD3  H N N 91  
LYS HE2  H N N 92  
LYS HE3  H N N 93  
LYS HZ1  H N N 94  
LYS HZ2  H N N 95  
LYS HZ3  H N N 96  
LYS HXT  H N N 97  
MPD C1   C N N 98  
MPD C2   C N N 99  
MPD O2   O N N 100 
MPD CM   C N N 101 
MPD C3   C N N 102 
MPD C4   C N S 103 
MPD O4   O N N 104 
MPD C5   C N N 105 
MPD H11  H N N 106 
MPD H12  H N N 107 
MPD H13  H N N 108 
MPD HO2  H N N 109 
MPD HM1  H N N 110 
MPD HM2  H N N 111 
MPD HM3  H N N 112 
MPD H31  H N N 113 
MPD H32  H N N 114 
MPD H4   H N N 115 
MPD HO4  H N N 116 
MPD H51  H N N 117 
MPD H52  H N N 118 
MPD H53  H N N 119 
# 
loop_
_chem_comp_bond.comp_id 
_chem_comp_bond.atom_id_1 
_chem_comp_bond.atom_id_2 
_chem_comp_bond.value_order 
_chem_comp_bond.pdbx_aromatic_flag 
_chem_comp_bond.pdbx_stereo_config 
_chem_comp_bond.pdbx_ordinal 
ACE C   O    doub N N 1   
ACE C   CH3  sing N N 2   
ACE C   H    sing N N 3   
ACE CH3 H1   sing N N 4   
ACE CH3 H2   sing N N 5   
ACE CH3 H3   sing N N 6   
ETA CA  N    sing N N 7   
ETA CA  C    sing N N 8   
ETA CA  HA1  sing N N 9   
ETA CA  HA2  sing N N 10  
ETA N   H    sing N N 11  
ETA N   H2   sing N N 12  
ETA C   O    sing N N 13  
ETA C   HB1  sing N N 14  
ETA C   HB2  sing N N 15  
ETA O   HO   sing N N 16  
GLU N   CA   sing N N 17  
GLU N   H    sing N N 18  
GLU N   H2   sing N N 19  
GLU CA  C    sing N N 20  
GLU CA  CB   sing N N 21  
GLU CA  HA   sing N N 22  
GLU C   O    doub N N 23  
GLU C   OXT  sing N N 24  
GLU CB  CG   sing N N 25  
GLU CB  HB2  sing N N 26  
GLU CB  HB3  sing N N 27  
GLU CG  CD   sing N N 28  
GLU CG  HG2  sing N N 29  
GLU CG  HG3  sing N N 30  
GLU CD  OE1  doub N N 31  
GLU CD  OE2  sing N N 32  
GLU OE2 HE2  sing N N 33  
GLU OXT HXT  sing N N 34  
GLY N   CA   sing N N 35  
GLY N   H    sing N N 36  
GLY N   H2   sing N N 37  
GLY CA  C    sing N N 38  
GLY CA  HA2  sing N N 39  
GLY CA  HA3  sing N N 40  
GLY C   O    doub N N 41  
GLY C   OXT  sing N N 42  
GLY OXT HXT  sing N N 43  
HOH O   H1   sing N N 44  
HOH O   H2   sing N N 45  
LEU N   CA   sing N N 46  
LEU N   H    sing N N 47  
LEU N   H2   sing N N 48  
LEU CA  C    sing N N 49  
LEU CA  CB   sing N N 50  
LEU CA  HA   sing N N 51  
LEU C   O    doub N N 52  
LEU C   OXT  sing N N 53  
LEU CB  CG   sing N N 54  
LEU CB  HB2  sing N N 55  
LEU CB  HB3  sing N N 56  
LEU CG  CD1  sing N N 57  
LEU CG  CD2  sing N N 58  
LEU CG  HG   sing N N 59  
LEU CD1 HD11 sing N N 60  
LEU CD1 HD12 sing N N 61  
LEU CD1 HD13 sing N N 62  
LEU CD2 HD21 sing N N 63  
LEU CD2 HD22 sing N N 64  
LEU CD2 HD23 sing N N 65  
LEU OXT HXT  sing N N 66  
LYS N   CA   sing N N 67  
LYS N   H    sing N N 68  
LYS N   H2   sing N N 69  
LYS CA  C    sing N N 70  
LYS CA  CB   sing N N 71  
LYS CA  HA   sing N N 72  
LYS C   O    doub N N 73  
LYS C   OXT  sing N N 74  
LYS CB  CG   sing N N 75  
LYS CB  HB2  sing N N 76  
LYS CB  HB3  sing N N 77  
LYS CG  CD   sing N N 78  
LYS CG  HG2  sing N N 79  
LYS CG  HG3  sing N N 80  
LYS CD  CE   sing N N 81  
LYS CD  HD2  sing N N 82  
LYS CD  HD3  sing N N 83  
LYS CE  NZ   sing N N 84  
LYS CE  HE2  sing N N 85  
LYS CE  HE3  sing N N 86  
LYS NZ  HZ1  sing N N 87  
LYS NZ  HZ2  sing N N 88  
LYS NZ  HZ3  sing N N 89  
LYS OXT HXT  sing N N 90  
MPD C1  C2   sing N N 91  
MPD C1  H11  sing N N 92  
MPD C1  H12  sing N N 93  
MPD C1  H13  sing N N 94  
MPD C2  O2   sing N N 95  
MPD C2  CM   sing N N 96  
MPD C2  C3   sing N N 97  
MPD O2  HO2  sing N N 98  
MPD CM  HM1  sing N N 99  
MPD CM  HM2  sing N N 100 
MPD CM  HM3  sing N N 101 
MPD C3  C4   sing N N 102 
MPD C3  H31  sing N N 103 
MPD C3  H32  sing N N 104 
MPD C4  O4   sing N N 105 
MPD C4  C5   sing N N 106 
MPD C4  H4   sing N N 107 
MPD O4  HO4  sing N N 108 
MPD C5  H51  sing N N 109 
MPD C5  H52  sing N N 110 
MPD C5  H53  sing N N 111 
# 
_pdbx_initial_refinement_model.accession_code   ? 
_pdbx_initial_refinement_model.id               1 
_pdbx_initial_refinement_model.entity_id_list   ? 
_pdbx_initial_refinement_model.type             other 
_pdbx_initial_refinement_model.source_name      ? 
_pdbx_initial_refinement_model.details          'Direct methods (SHELXS)' 
# 
_atom_sites.entry_id                    3AL1 
_atom_sites.fract_transf_matrix[1][1]   0.03669524 
_atom_sites.fract_transf_matrix[1][2]   -0.02877030 
_atom_sites.fract_transf_matrix[1][3]   -0.03263736 
_atom_sites.fract_transf_matrix[2][1]   0.05311514 
_atom_sites.fract_transf_matrix[2][2]   0.01863193 
_atom_sites.fract_transf_matrix[2][3]   -0.00688554 
_atom_sites.fract_transf_matrix[3][1]   0.02289645 
_atom_sites.fract_transf_matrix[3][2]   -0.02032539 
_atom_sites.fract_transf_matrix[3][3]   0.02630675 
_atom_sites.fract_transf_vector[1]      -0.394770 
_atom_sites.fract_transf_vector[2]      0.037858 
_atom_sites.fract_transf_vector[3]      -0.247409 
# 
loop_
_atom_type.symbol 
C 
H 
N 
O 
# 
loop_
_atom_site.group_PDB 
_atom_site.id 
_atom_site.type_symbol 
_atom_site.label_atom_id 
_atom_site.label_alt_id 
_atom_site.label_comp_id 
_atom_site.label_asym_id 
_atom_site.label_entity_id 
_atom_site.label_seq_id 
_atom_site.pdbx_PDB_ins_code 
_atom_site.Cartn_x 
_atom_site.Cartn_y 
_atom_site.Cartn_z 
_atom_site.occupancy 
_atom_site.B_iso_or_equiv 
_atom_site.pdbx_formal_charge 
_atom_site.auth_seq_id 
_atom_site.auth_comp_id 
_atom_site.auth_asym_id 
_atom_site.auth_atom_id 
_atom_site.pdbx_PDB_model_num 
HETATM 1   C C    . ACE A 1 1  ? -5.303  -5.946  -1.453 1.00 4.77  ? 100 ACE A C    1 
HETATM 2   O O    . ACE A 1 1  ? -5.837  -5.028  -0.813 1.00 5.17  ? 100 ACE A O    1 
HETATM 3   C CH3  . ACE A 1 1  ? -6.057  -6.789  -2.416 1.00 5.68  ? 100 ACE A CH3  1 
HETATM 4   H H1   . ACE A 1 1  ? -5.454  -7.452  -2.812 1.00 8.52  ? 100 ACE A H1   1 
HETATM 5   H H2   . ACE A 1 1  ? -6.431  -6.222  -3.123 1.00 8.52  ? 100 ACE A H2   1 
HETATM 6   H H3   . ACE A 1 1  ? -6.785  -7.248  -1.947 1.00 8.52  ? 100 ACE A H3   1 
ATOM   7   N N    . GLU A 1 2  ? -3.997  -6.195  -1.347 1.00 4.53  ? 101 GLU A N    1 
ATOM   8   C CA   . GLU A 1 2  ? -3.168  -5.402  -0.466 1.00 4.72  ? 101 GLU A CA   1 
ATOM   9   C C    . GLU A 1 2  ? -3.216  -3.929  -0.798 1.00 4.61  ? 101 GLU A C    1 
ATOM   10  O O    . GLU A 1 2  ? -3.072  -3.103  0.102  1.00 5.51  ? 101 GLU A O    1 
ATOM   11  C CB   A GLU A 1 2  ? -1.716  -5.866  -0.452 0.70 4.62  ? 101 GLU A CB   1 
ATOM   12  C CB   B GLU A 1 2  ? -1.737  -5.995  -0.583 0.30 6.73  ? 101 GLU A CB   1 
ATOM   13  C CG   A GLU A 1 2  ? -1.477  -7.074  0.397  0.70 4.39  ? 101 GLU A CG   1 
ATOM   14  C CG   B GLU A 1 2  ? -0.973  -5.720  0.615  0.30 8.60  ? 101 GLU A CG   1 
ATOM   15  C CD   A GLU A 1 2  ? -1.537  -6.823  1.893  0.70 4.70  ? 101 GLU A CD   1 
ATOM   16  C CD   B GLU A 1 2  ? -1.252  -6.461  1.882  0.30 8.85  ? 101 GLU A CD   1 
ATOM   17  O OE1  A GLU A 1 2  ? -1.570  -5.676  2.311  0.70 6.28  ? 101 GLU A OE1  1 
ATOM   18  O OE1  B GLU A 1 2  ? -2.132  -7.311  2.049  0.30 12.24 ? 101 GLU A OE1  1 
ATOM   19  O OE2  A GLU A 1 2  ? -1.518  -7.843  2.617  0.70 6.83  ? 101 GLU A OE2  1 
ATOM   20  O OE2  B GLU A 1 2  ? -0.574  -5.969  2.799  0.30 14.45 ? 101 GLU A OE2  1 
ATOM   21  H H    . GLU A 1 2  ? -3.636  -6.847  -1.817 1.00 5.44  ? 101 GLU A H    1 
ATOM   22  H HA   A GLU A 1 2  ? -3.526  -5.512  0.461  1.00 5.67  ? 101 GLU A HA   1 
ATOM   23  H HB2  A GLU A 1 2  ? -1.436  -6.068  -1.379 0.70 5.55  ? 101 GLU A HB2  1 
ATOM   24  H HB2  B GLU A 1 2  ? -1.794  -6.972  -0.723 0.30 8.07  ? 101 GLU A HB2  1 
ATOM   25  H HB3  A GLU A 1 2  ? -1.147  -5.127  -0.120 0.70 5.55  ? 101 GLU A HB3  1 
ATOM   26  H HB3  B GLU A 1 2  ? -1.278  -5.598  -1.365 0.30 8.07  ? 101 GLU A HB3  1 
ATOM   27  H HG2  A GLU A 1 2  ? -2.151  -7.761  0.165  0.70 5.27  ? 101 GLU A HG2  1 
ATOM   28  H HG2  B GLU A 1 2  ? -0.020  -5.868  0.396  0.30 10.32 ? 101 GLU A HG2  1 
ATOM   29  H HG3  A GLU A 1 2  ? -0.586  -7.444  0.175  0.70 5.27  ? 101 GLU A HG3  1 
ATOM   30  H HG3  B GLU A 1 2  ? -1.077  -4.755  0.814  0.30 10.32 ? 101 GLU A HG3  1 
ATOM   31  N N    . LEU A 1 3  ? -3.397  -3.547  -2.067 1.00 4.60  ? 102 LEU A N    1 
ATOM   32  C CA   . LEU A 1 3  ? -3.514  -2.114  -2.359 1.00 4.84  ? 102 LEU A CA   1 
ATOM   33  C C    . LEU A 1 3  ? -4.592  -1.469  -1.510 1.00 4.58  ? 102 LEU A C    1 
ATOM   34  O O    . LEU A 1 3  ? -4.438  -0.370  -0.996 1.00 5.26  ? 102 LEU A O    1 
ATOM   35  C CB   . LEU A 1 3  ? -3.798  -1.941  -3.853 1.00 5.41  ? 102 LEU A CB   1 
ATOM   36  C CG   . LEU A 1 3  ? -3.760  -0.498  -4.361 1.00 7.37  ? 102 LEU A CG   1 
ATOM   37  C CD1  . LEU A 1 3  ? -2.358  0.045   -4.343 1.00 9.72  ? 102 LEU A CD1  1 
ATOM   38  C CD2  . LEU A 1 3  ? -4.323  -0.438  -5.781 1.00 8.56  ? 102 LEU A CD2  1 
ATOM   39  H H    . LEU A 1 3  ? -3.445  -4.142  -2.712 1.00 5.52  ? 102 LEU A H    1 
ATOM   40  H HA   . LEU A 1 3  ? -2.640  -1.675  -2.149 1.00 5.81  ? 102 LEU A HA   1 
ATOM   41  H HB2  . LEU A 1 3  ? -3.135  -2.470  -4.362 1.00 6.50  ? 102 LEU A HB2  1 
ATOM   42  H HB3  . LEU A 1 3  ? -4.693  -2.318  -4.047 1.00 6.50  ? 102 LEU A HB3  1 
ATOM   43  H HG   . LEU A 1 3  ? -4.331  0.067   -3.765 1.00 8.85  ? 102 LEU A HG   1 
ATOM   44  H HD11 . LEU A 1 3  ? -2.002  0.004   -3.432 1.00 14.58 ? 102 LEU A HD11 1 
ATOM   45  H HD12 . LEU A 1 3  ? -1.793  -0.490  -4.939 1.00 14.58 ? 102 LEU A HD12 1 
ATOM   46  H HD13 . LEU A 1 3  ? -2.364  0.976   -4.650 1.00 14.58 ? 102 LEU A HD13 1 
ATOM   47  H HD21 . LEU A 1 3  ? -5.235  -0.798  -5.785 1.00 12.84 ? 102 LEU A HD21 1 
ATOM   48  H HD22 . LEU A 1 3  ? -4.337  0.493   -6.087 1.00 12.84 ? 102 LEU A HD22 1 
ATOM   49  H HD23 . LEU A 1 3  ? -3.758  -0.970  -6.378 1.00 12.84 ? 102 LEU A HD23 1 
ATOM   50  N N    . LEU A 1 4  ? -5.749  -2.148  -1.403 1.00 4.43  ? 103 LEU A N    1 
ATOM   51  C CA   . LEU A 1 4  ? -6.840  -1.643  -0.598 1.00 4.28  ? 103 LEU A CA   1 
ATOM   52  C C    . LEU A 1 4  ? -6.507  -1.668  0.885  1.00 4.48  ? 103 LEU A C    1 
ATOM   53  O O    . LEU A 1 4  ? -6.800  -0.735  1.620  1.00 4.75  ? 103 LEU A O    1 
ATOM   54  C CB   . LEU A 1 4  ? -8.110  -2.448  -0.909 1.00 4.66  ? 103 LEU A CB   1 
ATOM   55  C CG   . LEU A 1 4  ? -9.323  -2.090  -0.080 1.00 5.03  ? 103 LEU A CG   1 
ATOM   56  C CD1  . LEU A 1 4  ? -9.708  -0.612  -0.175 1.00 5.79  ? 103 LEU A CD1  1 
ATOM   57  C CD2  . LEU A 1 4  ? -10.507 -2.967  -0.492 1.00 6.33  ? 103 LEU A CD2  1 
ATOM   58  H H    . LEU A 1 4  ? -5.843  -2.912  -1.830 1.00 5.32  ? 103 LEU A H    1 
ATOM   59  H HA   . LEU A 1 4  ? -7.005  -0.693  -0.862 1.00 5.14  ? 103 LEU A HA   1 
ATOM   60  H HB2  . LEU A 1 4  ? -8.334  -2.321  -1.865 1.00 5.59  ? 103 LEU A HB2  1 
ATOM   61  H HB3  . LEU A 1 4  ? -7.912  -3.409  -0.776 1.00 5.59  ? 103 LEU A HB3  1 
ATOM   62  H HG   . LEU A 1 4  ? -9.111  -2.291  0.877  1.00 6.03  ? 103 LEU A HG   1 
ATOM   63  H HD11 . LEU A 1 4  ? -8.962  -0.059  0.138  1.00 8.68  ? 103 LEU A HD11 1 
ATOM   64  H HD12 . LEU A 1 4  ? -9.912  -0.388  -1.108 1.00 8.68  ? 103 LEU A HD12 1 
ATOM   65  H HD13 . LEU A 1 4  ? -10.496 -0.442  0.381  1.00 8.68  ? 103 LEU A HD13 1 
ATOM   66  H HD21 . LEU A 1 4  ? -10.281 -3.910  -0.348 1.00 9.49  ? 103 LEU A HD21 1 
ATOM   67  H HD22 . LEU A 1 4  ? -11.291 -2.732  0.047  1.00 9.49  ? 103 LEU A HD22 1 
ATOM   68  H HD23 . LEU A 1 4  ? -10.707 -2.820  -1.440 1.00 9.49  ? 103 LEU A HD23 1 
ATOM   69  N N    . LYS A 1 5  ? -5.900  -2.776  1.347  1.00 5.19  ? 104 LYS A N    1 
ATOM   70  C CA   . LYS A 1 5  ? -5.536  -2.842  2.752  1.00 6.67  ? 104 LYS A CA   1 
ATOM   71  C C    . LYS A 1 5  ? -4.628  -1.690  3.150  1.00 6.65  ? 104 LYS A C    1 
ATOM   72  O O    . LYS A 1 5  ? -4.793  -1.129  4.231  1.00 8.07  ? 104 LYS A O    1 
ATOM   73  C CB   A LYS A 1 5  ? -4.685  -4.062  3.125  0.57 8.35  ? 104 LYS A CB   1 
ATOM   74  C CB   B LYS A 1 5  ? -5.039  -4.287  2.996  0.43 6.41  ? 104 LYS A CB   1 
ATOM   75  C CG   A LYS A 1 5  ? -5.658  -5.184  3.188  0.57 6.12  ? 104 LYS A CG   1 
ATOM   76  C CG   B LYS A 1 5  ? -4.826  -4.719  4.359  0.43 5.45  ? 104 LYS A CG   1 
ATOM   77  C CD   A LYS A 1 5  ? -5.086  -6.361  3.948  0.57 6.31  ? 104 LYS A CD   1 
ATOM   78  C CD   B LYS A 1 5  ? -4.348  -6.135  4.638  0.43 4.88  ? 104 LYS A CD   1 
ATOM   79  C CE   A LYS A 1 5  ? -5.192  -6.238  5.449  0.57 6.16  ? 104 LYS A CE   1 
ATOM   80  C CE   B LYS A 1 5  ? -4.212  -6.366  6.129  0.43 6.35  ? 104 LYS A CE   1 
ATOM   81  N NZ   A LYS A 1 5  ? -4.539  -7.387  6.132  0.57 7.00  ? 104 LYS A NZ   1 
ATOM   82  N NZ   B LYS A 1 5  ? -3.740  -7.764  6.368  0.43 6.40  ? 104 LYS A NZ   1 
ATOM   83  H H    . LYS A 1 5  ? -5.726  -3.448  0.807  1.00 6.23  ? 104 LYS A H    1 
ATOM   84  H HA   A LYS A 1 5  ? -6.364  -2.826  3.313  1.00 8.01  ? 104 LYS A HA   1 
ATOM   85  H HB2  A LYS A 1 5  ? -3.993  -4.233  2.438  0.57 10.02 ? 104 LYS A HB2  1 
ATOM   86  H HB2  B LYS A 1 5  ? -5.694  -4.905  2.583  0.43 7.69  ? 104 LYS A HB2  1 
ATOM   87  H HB3  A LYS A 1 5  ? -4.242  -3.930  4.000  0.57 10.02 ? 104 LYS A HB3  1 
ATOM   88  H HB3  B LYS A 1 5  ? -4.185  -4.399  2.507  0.43 7.69  ? 104 LYS A HB3  1 
ATOM   89  H HG2  A LYS A 1 5  ? -6.486  -4.877  3.633  0.57 7.34  ? 104 LYS A HG2  1 
ATOM   90  H HG2  B LYS A 1 5  ? -4.169  -4.100  4.765  0.43 6.53  ? 104 LYS A HG2  1 
ATOM   91  H HG3  A LYS A 1 5  ? -5.892  -5.469  2.269  0.57 7.34  ? 104 LYS A HG3  1 
ATOM   92  H HG3  B LYS A 1 5  ? -5.679  -4.594  4.845  0.43 6.53  ? 104 LYS A HG3  1 
ATOM   93  H HD2  A LYS A 1 5  ? -5.560  -7.183  3.663  0.57 7.57  ? 104 LYS A HD2  1 
ATOM   94  H HD2  B LYS A 1 5  ? -4.995  -6.782  4.260  0.43 5.85  ? 104 LYS A HD2  1 
ATOM   95  H HD3  A LYS A 1 5  ? -4.133  -6.465  3.703  0.57 7.57  ? 104 LYS A HD3  1 
ATOM   96  H HD3  B LYS A 1 5  ? -3.473  -6.282  4.199  0.43 5.85  ? 104 LYS A HD3  1 
ATOM   97  H HE2  A LYS A 1 5  ? -4.760  -5.395  5.740  0.57 7.39  ? 104 LYS A HE2  1 
ATOM   98  H HE2  B LYS A 1 5  ? -3.564  -5.723  6.512  0.43 7.62  ? 104 LYS A HE2  1 
ATOM   99  H HE3  A LYS A 1 5  ? -6.146  -6.200  5.710  0.57 7.39  ? 104 LYS A HE3  1 
ATOM   100 H HE3  B LYS A 1 5  ? -5.086  -6.227  6.573  0.43 7.62  ? 104 LYS A HE3  1 
ATOM   101 H HZ1  A LYS A 1 5  ? -3.659  -7.418  5.901  0.57 10.51 ? 104 LYS A HZ1  1 
ATOM   102 H HZ1  B LYS A 1 5  ? -2.934  -7.886  5.963  0.43 9.60  ? 104 LYS A HZ1  1 
ATOM   103 H HZ2  A LYS A 1 5  ? -4.612  -7.286  7.033  0.57 10.51 ? 104 LYS A HZ2  1 
ATOM   104 H HZ2  B LYS A 1 5  ? -3.654  -7.908  7.262  0.43 9.60  ? 104 LYS A HZ2  1 
ATOM   105 H HZ3  A LYS A 1 5  ? -4.945  -8.161  5.880  0.57 10.51 ? 104 LYS A HZ3  1 
ATOM   106 H HZ3  B LYS A 1 5  ? -4.344  -8.351  6.022  0.43 9.60  ? 104 LYS A HZ3  1 
ATOM   107 N N    . LYS A 1 6  ? -3.676  -1.361  2.307  1.00 6.59  ? 105 LYS A N    1 
ATOM   108 C CA   . LYS A 1 6  ? -2.725  -0.285  2.623  1.00 7.55  ? 105 LYS A CA   1 
ATOM   109 C C    . LYS A 1 6  ? -3.400  1.064   2.720  1.00 5.98  ? 105 LYS A C    1 
ATOM   110 O O    . LYS A 1 6  ? -3.094  1.858   3.606  1.00 6.37  ? 105 LYS A O    1 
ATOM   111 C CB   A LYS A 1 6  ? -1.655  -0.213  1.446  0.44 9.71  ? 105 LYS A CB   1 
ATOM   112 C CB   B LYS A 1 6  ? -1.522  -0.396  1.759  0.56 8.78  ? 105 LYS A CB   1 
ATOM   113 C CG   A LYS A 1 6  ? -0.661  -1.235  1.383  0.44 11.88 ? 105 LYS A CG   1 
ATOM   114 C CG   B LYS A 1 6  ? -0.780  -1.843  2.039  0.56 7.36  ? 105 LYS A CG   1 
ATOM   115 C CD   A LYS A 1 6  ? 0.341   -1.927  0.803  0.44 9.36  ? 105 LYS A CD   1 
ATOM   116 C CD   B LYS A 1 6  ? 0.227   -2.100  1.238  0.56 15.42 ? 105 LYS A CD   1 
ATOM   117 C CE   A LYS A 1 6  ? 0.899   -3.263  1.413  0.44 8.63  ? 105 LYS A CE   1 
ATOM   118 C CE   B LYS A 1 6  ? 1.243   -3.231  1.395  0.56 16.03 ? 105 LYS A CE   1 
ATOM   119 N NZ   A LYS A 1 6  ? 2.117   -3.712  0.433  0.44 7.46  ? 105 LYS A NZ   1 
ATOM   120 N NZ   B LYS A 1 6  ? 1.588   -3.589  2.680  0.56 26.11 ? 105 LYS A NZ   1 
ATOM   121 H H    . LYS A 1 6  ? -3.605  -1.792  1.544  1.00 7.91  ? 105 LYS A H    1 
ATOM   122 H HA   A LYS A 1 6  ? -2.261  -0.491  3.484  1.00 9.06  ? 105 LYS A HA   1 
ATOM   123 H HB2  A LYS A 1 6  ? -2.148  -0.216  0.587  0.44 11.65 ? 105 LYS A HB2  1 
ATOM   124 H HB2  B LYS A 1 6  ? -1.784  -0.333  0.807  0.56 10.54 ? 105 LYS A HB2  1 
ATOM   125 H HB3  A LYS A 1 6  ? -1.190  0.658   1.512  0.44 11.65 ? 105 LYS A HB3  1 
ATOM   126 H HB3  B LYS A 1 6  ? -0.896  0.345   1.959  0.56 10.54 ? 105 LYS A HB3  1 
ATOM   127 H HG2  A LYS A 1 6  ? -0.206  -1.033  2.239  0.44 14.25 ? 105 LYS A HG2  1 
ATOM   128 H HG2  B LYS A 1 6  ? -0.453  -1.855  2.974  0.56 8.83  ? 105 LYS A HG2  1 
ATOM   129 H HG3  A LYS A 1 6  ? -1.245  -2.004  1.604  0.44 14.25 ? 105 LYS A HG3  1 
ATOM   130 H HG3  B LYS A 1 6  ? -1.451  -2.566  1.946  0.56 8.83  ? 105 LYS A HG3  1 
ATOM   131 H HD2  A LYS A 1 6  ? 0.048   -2.135  -0.120 0.44 11.23 ? 105 LYS A HD2  1 
ATOM   132 H HD2  B LYS A 1 6  ? -0.168  -2.216  0.338  0.56 18.50 ? 105 LYS A HD2  1 
ATOM   133 H HD3  A LYS A 1 6  ? 1.108   -1.307  0.722  0.44 11.23 ? 105 LYS A HD3  1 
ATOM   134 H HD3  B LYS A 1 6  ? 0.759   -1.265  1.199  0.56 18.50 ? 105 LYS A HD3  1 
ATOM   135 H HE2  A LYS A 1 6  ? 1.228   -3.115  2.334  0.44 10.36 ? 105 LYS A HE2  1 
ATOM   136 H HE2  B LYS A 1 6  ? 0.881   -4.033  0.940  0.56 19.24 ? 105 LYS A HE2  1 
ATOM   137 H HE3  A LYS A 1 6  ? 0.194   -3.958  1.433  0.44 10.36 ? 105 LYS A HE3  1 
ATOM   138 H HE3  B LYS A 1 6  ? 2.069   -2.970  0.916  0.56 19.24 ? 105 LYS A HE3  1 
ATOM   139 H HZ1  A LYS A 1 6  ? 2.687   -3.011  0.316  0.44 11.20 ? 105 LYS A HZ1  1 
ATOM   140 H HZ1  B LYS A 1 6  ? 0.840   -3.631  3.196  0.56 39.16 ? 105 LYS A HZ1  1 
ATOM   141 H HZ2  A LYS A 1 6  ? 2.567   -4.408  0.809  0.44 11.20 ? 105 LYS A HZ2  1 
ATOM   142 H HZ2  B LYS A 1 6  ? 1.995   -4.403  2.670  0.56 39.16 ? 105 LYS A HZ2  1 
ATOM   143 H HZ3  A LYS A 1 6  ? 1.781   -3.967  -0.373 0.44 11.20 ? 105 LYS A HZ3  1 
ATOM   144 H HZ3  B LYS A 1 6  ? 2.160   -2.970  3.025  0.56 39.16 ? 105 LYS A HZ3  1 
ATOM   145 N N    . LEU A 1 7  ? -4.329  1.338   1.800  1.00 5.39  ? 106 LEU A N    1 
ATOM   146 C CA   . LEU A 1 7  ? -5.105  2.576   1.902  1.00 5.09  ? 106 LEU A CA   1 
ATOM   147 C C    . LEU A 1 7  ? -5.819  2.632   3.235  1.00 4.84  ? 106 LEU A C    1 
ATOM   148 O O    . LEU A 1 7  ? -5.809  3.650   3.916  1.00 5.36  ? 106 LEU A O    1 
ATOM   149 C CB   . LEU A 1 7  ? -6.112  2.662   0.752  1.00 5.26  ? 106 LEU A CB   1 
ATOM   150 C CG   . LEU A 1 7  ? -5.514  2.810   -0.634 1.00 4.91  ? 106 LEU A CG   1 
ATOM   151 C CD1  . LEU A 1 7  ? -6.535  2.534   -1.694 1.00 7.66  ? 106 LEU A CD1  1 
ATOM   152 C CD2  . LEU A 1 7  ? -4.933  4.185   -0.844 1.00 5.05  ? 106 LEU A CD2  1 
ATOM   153 H H    . LEU A 1 7  ? -4.473  0.779   1.135  1.00 6.47  ? 106 LEU A H    1 
ATOM   154 H HA   . LEU A 1 7  ? -4.479  3.353   1.840  1.00 6.11  ? 106 LEU A HA   1 
ATOM   155 H HB2  . LEU A 1 7  ? -6.672  1.845   0.765  1.00 6.31  ? 106 LEU A HB2  1 
ATOM   156 H HB3  . LEU A 1 7  ? -6.710  3.433   0.919  1.00 6.31  ? 106 LEU A HB3  1 
ATOM   157 H HG   . LEU A 1 7  ? -4.777  2.141   -0.729 1.00 5.89  ? 106 LEU A HG   1 
ATOM   158 H HD11 . LEU A 1 7  ? -6.915  1.641   -1.558 1.00 11.49 ? 106 LEU A HD11 1 
ATOM   159 H HD12 . LEU A 1 7  ? -7.250  3.204   -1.641 1.00 11.49 ? 106 LEU A HD12 1 
ATOM   160 H HD13 . LEU A 1 7  ? -6.111  2.579   -2.576 1.00 11.49 ? 106 LEU A HD13 1 
ATOM   161 H HD21 . LEU A 1 7  ? -4.263  4.365   -0.152 1.00 7.57  ? 106 LEU A HD21 1 
ATOM   162 H HD22 . LEU A 1 7  ? -4.511  4.229   -1.727 1.00 7.57  ? 106 LEU A HD22 1 
ATOM   163 H HD23 . LEU A 1 7  ? -5.647  4.853   -0.789 1.00 7.57  ? 106 LEU A HD23 1 
ATOM   164 N N    . LEU A 1 8  ? -6.485  1.537   3.597  1.00 4.68  ? 107 LEU A N    1 
ATOM   165 C CA   . LEU A 1 8  ? -7.279  1.525   4.820  1.00 4.76  ? 107 LEU A CA   1 
ATOM   166 C C    . LEU A 1 8  ? -6.414  1.614   6.076  1.00 4.62  ? 107 LEU A C    1 
ATOM   167 O O    . LEU A 1 8  ? -6.804  2.270   7.030  1.00 5.23  ? 107 LEU A O    1 
ATOM   168 C CB   . LEU A 1 8  ? -8.159  0.282   4.852  1.00 5.03  ? 107 LEU A CB   1 
ATOM   169 C CG   . LEU A 1 8  ? -9.289  0.322   3.838  1.00 5.51  ? 107 LEU A CG   1 
ATOM   170 C CD1  . LEU A 1 8  ? -9.945  -1.027  3.705  1.00 6.69  ? 107 LEU A CD1  1 
ATOM   171 C CD2  . LEU A 1 8  ? -10.348 1.332   4.287  1.00 9.88  ? 107 LEU A CD2  1 
ATOM   172 H H    . LEU A 1 8  ? -6.444  0.815   3.096  1.00 5.61  ? 107 LEU A H    1 
ATOM   173 H HA   . LEU A 1 8  ? -7.880  2.325   4.804  1.00 5.72  ? 107 LEU A HA   1 
ATOM   174 H HB2  . LEU A 1 8  ? -7.597  -0.514  4.676  1.00 6.03  ? 107 LEU A HB2  1 
ATOM   175 H HB3  . LEU A 1 8  ? -8.544  0.184   5.759  1.00 6.03  ? 107 LEU A HB3  1 
ATOM   176 H HG   . LEU A 1 8  ? -8.925  0.599   2.950  1.00 6.62  ? 107 LEU A HG   1 
ATOM   177 H HD11 . LEU A 1 8  ? -10.311 -1.301  4.572  1.00 10.04 ? 107 LEU A HD11 1 
ATOM   178 H HD12 . LEU A 1 8  ? -10.669 -0.976  3.047  1.00 10.04 ? 107 LEU A HD12 1 
ATOM   179 H HD13 . LEU A 1 8  ? -9.282  -1.685  3.409  1.00 10.04 ? 107 LEU A HD13 1 
ATOM   180 H HD21 . LEU A 1 8  ? -9.942  2.221   4.357  1.00 14.82 ? 107 LEU A HD21 1 
ATOM   181 H HD22 . LEU A 1 8  ? -11.075 1.357   3.631  1.00 14.82 ? 107 LEU A HD22 1 
ATOM   182 H HD23 . LEU A 1 8  ? -10.705 1.066   5.160  1.00 14.82 ? 107 LEU A HD23 1 
ATOM   183 N N    . GLU A 1 9  ? -5.260  0.953   6.074  1.00 4.78  ? 108 GLU A N    1 
ATOM   184 C CA   . GLU A 1 9  ? -4.397  1.048   7.247  1.00 5.44  ? 108 GLU A CA   1 
ATOM   185 C C    . GLU A 1 9  ? -3.947  2.475   7.461  1.00 4.52  ? 108 GLU A C    1 
ATOM   186 O O    . GLU A 1 9  ? -3.844  2.941   8.606  1.00 5.09  ? 108 GLU A O    1 
ATOM   187 C CB   A GLU A 1 9  ? -3.031  0.226   6.846  0.45 7.19  ? 108 GLU A CB   1 
ATOM   188 C CB   B GLU A 1 9  ? -3.369  0.063   7.393  0.32 4.91  ? 108 GLU A CB   1 
ATOM   189 C CB   C GLU A 1 9  ? -3.135  0.152   6.958  0.24 5.54  ? 108 GLU A CB   1 
ATOM   190 C CG   A GLU A 1 9  ? -3.052  -1.238  6.954  0.45 7.64  ? 108 GLU A CG   1 
ATOM   191 C CG   B GLU A 1 9  ? -2.228  0.413   6.512  0.32 4.48  ? 108 GLU A CG   1 
ATOM   192 C CG   C GLU A 1 9  ? -2.145  0.179   7.968  0.24 5.97  ? 108 GLU A CG   1 
ATOM   193 C CD   A GLU A 1 9  ? -1.788  -1.965  6.216  0.45 9.71  ? 108 GLU A CD   1 
ATOM   194 C CD   B GLU A 1 9  ? -1.242  -0.744  6.404  0.32 6.76  ? 108 GLU A CD   1 
ATOM   195 C CD   C GLU A 1 9  ? -0.991  -0.695  8.184  0.24 13.76 ? 108 GLU A CD   1 
ATOM   196 O OE1  A GLU A 1 9  ? -0.782  -1.253  6.004  0.45 14.95 ? 108 GLU A OE1  1 
ATOM   197 O OE1  B GLU A 1 9  ? -1.537  -1.757  7.080  0.32 9.51  ? 108 GLU A OE1  1 
ATOM   198 O OE1  C GLU A 1 9  ? -1.071  -1.992  8.013  0.24 10.45 ? 108 GLU A OE1  1 
ATOM   199 O OE2  A GLU A 1 9  ? -1.982  -3.070  6.049  0.45 14.49 ? 108 GLU A OE2  1 
ATOM   200 O OE2  B GLU A 1 9  ? -0.289  -0.567  5.651  0.32 7.64  ? 108 GLU A OE2  1 
ATOM   201 O OE2  C GLU A 1 9  ? 0.122   -0.070  8.606  0.24 10.94 ? 108 GLU A OE2  1 
ATOM   202 H H    . GLU A 1 9  ? -5.021  0.468   5.380  1.00 5.74  ? 108 GLU A H    1 
ATOM   203 H HA   A GLU A 1 9  ? -4.835  0.669   8.063  1.00 6.52  ? 108 GLU A HA   1 
ATOM   204 H HB2  A GLU A 1 9  ? -2.800  0.458   5.912  0.45 8.62  ? 108 GLU A HB2  1 
ATOM   205 H HB2  B GLU A 1 9  ? -3.067  0.030   8.335  0.32 5.89  ? 108 GLU A HB2  1 
ATOM   206 H HB2  C GLU A 1 9  ? -3.434  -0.784  6.836  0.24 6.64  ? 108 GLU A HB2  1 
ATOM   207 H HB3  A GLU A 1 9  ? -2.297  0.561   7.419  0.45 8.62  ? 108 GLU A HB3  1 
ATOM   208 H HB3  B GLU A 1 9  ? -3.721  -0.829  7.147  0.32 5.89  ? 108 GLU A HB3  1 
ATOM   209 H HB3  C GLU A 1 9  ? -2.726  0.448   6.107  0.24 6.64  ? 108 GLU A HB3  1 
ATOM   210 H HG2  A GLU A 1 9  ? -3.050  -1.489  7.911  0.45 9.17  ? 108 GLU A HG2  1 
ATOM   211 H HG2  B GLU A 1 9  ? -2.567  0.642   5.610  0.32 5.37  ? 108 GLU A HG2  1 
ATOM   212 H HG2  C GLU A 1 9  ? -1.763  1.091   7.920  0.24 7.17  ? 108 GLU A HG2  1 
ATOM   213 H HG3  A GLU A 1 9  ? -3.893  -1.576  6.554  0.45 9.17  ? 108 GLU A HG3  1 
ATOM   214 H HG3  B GLU A 1 9  ? -1.763  1.209   6.876  0.32 5.37  ? 108 GLU A HG3  1 
ATOM   215 H HG3  C GLU A 1 9  ? -2.651  0.143   8.818  0.24 7.17  ? 108 GLU A HG3  1 
ATOM   216 N N    . GLU A 1 10 ? -3.642  3.199   6.386  1.00 4.74  ? 109 GLU A N    1 
ATOM   217 C CA   . GLU A 1 10 ? -3.177  4.567   6.532  1.00 4.68  ? 109 GLU A CA   1 
ATOM   218 C C    . GLU A 1 10 ? -4.304  5.522   6.888  1.00 4.90  ? 109 GLU A C    1 
ATOM   219 O O    . GLU A 1 10 ? -4.102  6.438   7.667  1.00 6.01  ? 109 GLU A O    1 
ATOM   220 C CB   . GLU A 1 10 ? -2.403  4.992   5.306  1.00 5.54  ? 109 GLU A CB   1 
ATOM   221 C CG   . GLU A 1 10 ? -1.100  4.186   5.152  1.00 5.92  ? 109 GLU A CG   1 
ATOM   222 C CD   . GLU A 1 10 ? -0.173  4.316   6.325  1.00 6.80  ? 109 GLU A CD   1 
ATOM   223 O OE1  . GLU A 1 10 ? 0.027   5.419   6.812  1.00 9.21  ? 109 GLU A OE1  1 
ATOM   224 O OE2  . GLU A 1 10 ? 0.334   3.289   6.800  1.00 12.89 ? 109 GLU A OE2  1 
ATOM   225 H H    . GLU A 1 10 ? -3.721  2.846   5.582  1.00 5.69  ? 109 GLU A H    1 
ATOM   226 H HA   . GLU A 1 10 ? -2.536  4.577   7.299  1.00 5.62  ? 109 GLU A HA   1 
ATOM   227 H HB2  . GLU A 1 10 ? -2.965  4.862   4.501  1.00 6.65  ? 109 GLU A HB2  1 
ATOM   228 H HB3  . GLU A 1 10 ? -2.185  5.956   5.373  1.00 6.65  ? 109 GLU A HB3  1 
ATOM   229 H HG2  . GLU A 1 10 ? -1.328  3.231   5.028  1.00 7.11  ? 109 GLU A HG2  1 
ATOM   230 H HG3  . GLU A 1 10 ? -0.628  4.490   4.336  1.00 7.11  ? 109 GLU A HG3  1 
ATOM   231 N N    . LEU A 1 11 ? -5.510  5.295   6.349  1.00 5.09  ? 110 LEU A N    1 
ATOM   232 C CA   . LEU A 1 11 ? -6.661  6.080   6.788  1.00 5.41  ? 110 LEU A CA   1 
ATOM   233 C C    . LEU A 1 11 ? -6.919  5.906   8.261  1.00 5.01  ? 110 LEU A C    1 
ATOM   234 O O    . LEU A 1 11 ? -7.195  6.856   8.986  1.00 5.87  ? 110 LEU A O    1 
ATOM   235 C CB   . LEU A 1 11 ? -7.896  5.667   5.992  1.00 6.50  ? 110 LEU A CB   1 
ATOM   236 C CG   . LEU A 1 11 ? -7.940  6.208   4.578  1.00 8.51  ? 110 LEU A CG   1 
ATOM   237 C CD1  . LEU A 1 11 ? -8.879  5.369   3.760  1.00 12.35 ? 110 LEU A CD1  1 
ATOM   238 C CD2  . LEU A 1 11 ? -8.363  7.675   4.591  1.00 11.86 ? 110 LEU A CD2  1 
ATOM   239 H H    . LEU A 1 11 ? -5.609  4.675   5.732  1.00 6.11  ? 110 LEU A H    1 
ATOM   240 H HA   . LEU A 1 11 ? -6.474  7.046   6.609  1.00 6.49  ? 110 LEU A HA   1 
ATOM   241 H HB2  . LEU A 1 11 ? -7.932  4.678   5.954  1.00 7.80  ? 110 LEU A HB2  1 
ATOM   242 H HB3  . LEU A 1 11 ? -8.703  5.977   6.475  1.00 7.80  ? 110 LEU A HB3  1 
ATOM   243 H HG   . LEU A 1 11 ? -7.024  6.143   4.182  1.00 10.21 ? 110 LEU A HG   1 
ATOM   244 H HD11 . LEU A 1 11 ? -8.564  4.442   3.748  1.00 18.52 ? 110 LEU A HD11 1 
ATOM   245 H HD12 . LEU A 1 11 ? -9.776  5.405   4.154  1.00 18.52 ? 110 LEU A HD12 1 
ATOM   246 H HD13 . LEU A 1 11 ? -8.912  5.715   2.843  1.00 18.52 ? 110 LEU A HD13 1 
ATOM   247 H HD21 . LEU A 1 11 ? -7.724  8.194   5.122  1.00 17.79 ? 110 LEU A HD21 1 
ATOM   248 H HD22 . LEU A 1 11 ? -8.379  8.018   3.674  1.00 17.79 ? 110 LEU A HD22 1 
ATOM   249 H HD23 . LEU A 1 11 ? -9.256  7.753   4.986  1.00 17.79 ? 110 LEU A HD23 1 
ATOM   250 N N    . LYS A 1 12 ? -6.876  4.657   8.748  1.00 4.44  ? 111 LYS A N    1 
ATOM   251 C CA   . LYS A 1 12 ? -7.087  4.416   10.157 1.00 4.25  ? 111 LYS A CA   1 
ATOM   252 C C    . LYS A 1 12 ? -6.033  5.129   10.986 1.00 4.67  ? 111 LYS A C    1 
ATOM   253 O O    . LYS A 1 12 ? -6.334  5.758   12.003 1.00 5.17  ? 111 LYS A O    1 
ATOM   254 C CB   . LYS A 1 12 ? -7.079  2.908   10.426 1.00 4.27  ? 111 LYS A CB   1 
ATOM   255 C CG   . LYS A 1 12 ? -7.132  2.589   11.899 1.00 5.09  ? 111 LYS A CG   1 
ATOM   256 C CD   . LYS A 1 12 ? -7.017  1.150   12.248 1.00 5.85  ? 111 LYS A CD   1 
ATOM   257 C CE   . LYS A 1 12 ? -6.703  0.858   13.631 1.00 8.49  ? 111 LYS A CE   1 
ATOM   258 N NZ   . LYS A 1 12 ? -6.536  -0.430  14.063 1.00 9.72  ? 111 LYS A NZ   1 
ATOM   259 H H    . LYS A 1 12 ? -6.719  3.981   8.207  1.00 5.33  ? 111 LYS A H    1 
ATOM   260 H HA   . LYS A 1 12 ? -7.985  4.777   10.409 1.00 5.10  ? 111 LYS A HA   1 
ATOM   261 H HB2  . LYS A 1 12 ? -7.858  2.494   9.977  1.00 5.13  ? 111 LYS A HB2  1 
ATOM   262 H HB3  . LYS A 1 12 ? -6.259  2.513   10.038 1.00 5.13  ? 111 LYS A HB3  1 
ATOM   263 H HG2  . LYS A 1 12 ? -6.400  3.079   12.351 1.00 6.10  ? 111 LYS A HG2  1 
ATOM   264 H HG3  . LYS A 1 12 ? -7.986  2.931   12.263 1.00 6.10  ? 111 LYS A HG3  1 
ATOM   265 H HD2  . LYS A 1 12 ? -7.873  0.706   12.024 1.00 7.02  ? 111 LYS A HD2  1 
ATOM   266 H HD3  . LYS A 1 12 ? -6.316  0.745   11.679 1.00 7.02  ? 111 LYS A HD3  1 
ATOM   267 H HE2  . LYS A 1 12 ? -5.871  1.348   13.849 1.00 10.19 ? 111 LYS A HE2  1 
ATOM   268 H HE3  . LYS A 1 12 ? -7.422  1.258   14.183 1.00 10.19 ? 111 LYS A HE3  1 
ATOM   269 H HZ1  . LYS A 1 12 ? -5.852  -0.818  13.603 1.00 14.59 ? 111 LYS A HZ1  1 
ATOM   270 H HZ2  . LYS A 1 12 ? -6.340  -0.430  14.951 1.00 14.59 ? 111 LYS A HZ2  1 
ATOM   271 H HZ3  . LYS A 1 12 ? -7.302  -0.900  13.921 1.00 14.59 ? 111 LYS A HZ3  1 
ATOM   272 N N    . GLY A 1 13 ? -4.773  4.986   10.573 1.00 5.05  ? 112 GLY A N    1 
ATOM   273 C CA   . GLY A 1 13 ? -3.680  5.569   11.281 1.00 5.96  ? 112 GLY A CA   1 
ATOM   274 C C    . GLY A 1 13 ? -3.270  4.860   12.536 1.00 6.65  ? 112 GLY A C    1 
ATOM   275 O O    . GLY A 1 13 ? -3.759  3.748   12.807 1.00 7.03  ? 112 GLY A O    1 
ATOM   276 O OXT  . GLY A 1 13 ? -2.435  5.449   13.272 1.00 9.17  ? 112 GLY A OXT  1 
ATOM   277 H H    . GLY A 1 13 ? -4.612  4.519   9.844  1.00 6.06  ? 112 GLY A H    1 
ATOM   278 H HA2  . GLY A 1 13 ? -2.899  5.605   10.674 1.00 7.15  ? 112 GLY A HA2  1 
ATOM   279 H HA3  . GLY A 1 13 ? -3.920  6.501   11.513 1.00 7.15  ? 112 GLY A HA3  1 
HETATM 280 C C    . ACE B 1 1  ? 4.478   9.096   2.864  1.00 4.34  ? 200 ACE B C    1 
HETATM 281 O O    . ACE B 1 1  ? 4.691   8.471   1.816  1.00 4.70  ? 200 ACE B O    1 
HETATM 282 C CH3  . ACE B 1 1  ? 4.409   10.595  2.879  1.00 5.37  ? 200 ACE B CH3  1 
HETATM 283 H H1   . ACE B 1 1  ? 4.238   10.904  3.792  1.00 8.05  ? 200 ACE B H1   1 
HETATM 284 H H2   . ACE B 1 1  ? 3.684   10.893  2.292  1.00 8.05  ? 200 ACE B H2   1 
HETATM 285 H H3   . ACE B 1 1  ? 5.259   10.963  2.562  1.00 8.05  ? 200 ACE B H3   1 
ATOM   286 N N    . GLU B 1 2  ? 4.272   8.469   4.021  1.00 4.17  ? 201 GLU B N    1 
ATOM   287 C CA   . GLU B 1 2  ? 4.348   7.024   4.081  1.00 4.06  ? 201 GLU B CA   1 
ATOM   288 C C    . GLU B 1 2  ? 3.241   6.343   3.310  1.00 3.81  ? 201 GLU B C    1 
ATOM   289 O O    . GLU B 1 2  ? 3.482   5.265   2.776  1.00 4.63  ? 201 GLU B O    1 
ATOM   290 C CB   A GLU B 1 2  ? 4.451   6.498   5.515  0.78 4.08  ? 201 GLU B CB   1 
ATOM   291 C CB   B GLU B 1 2  ? 4.054   6.668   5.616  0.22 5.94  ? 201 GLU B CB   1 
ATOM   292 C CG   A GLU B 1 2  ? 5.772   6.774   6.169  0.78 4.15  ? 201 GLU B CG   1 
ATOM   293 C CG   B GLU B 1 2  ? 4.596   5.288   5.761  0.22 9.51  ? 201 GLU B CG   1 
ATOM   294 C CD   A GLU B 1 2  ? 6.940   6.031   5.512  0.78 4.35  ? 201 GLU B CD   1 
ATOM   295 C CD   B GLU B 1 2  ? 6.027   5.157   5.236  0.22 10.66 ? 201 GLU B CD   1 
ATOM   296 O OE1  A GLU B 1 2  ? 6.680   4.992   4.885  0.78 5.01  ? 201 GLU B OE1  1 
ATOM   297 O OE1  B GLU B 1 2  ? 6.857   6.069   5.431  0.22 11.29 ? 201 GLU B OE1  1 
ATOM   298 O OE2  A GLU B 1 2  ? 8.083   6.494   5.661  0.78 4.61  ? 201 GLU B OE2  1 
ATOM   299 O OE2  B GLU B 1 2  ? 6.401   4.071   4.825  0.22 18.60 ? 201 GLU B OE2  1 
ATOM   300 H H    . GLU B 1 2  ? 4.088   8.932   4.747  1.00 5.00  ? 201 GLU B H    1 
ATOM   301 H HA   A GLU B 1 2  ? 5.202   6.770   3.628  1.00 4.87  ? 201 GLU B HA   1 
ATOM   302 H HB2  A GLU B 1 2  ? 3.733   6.910   6.058  0.78 4.90  ? 201 GLU B HB2  1 
ATOM   303 H HB2  B GLU B 1 2  ? 4.519   7.298   6.223  0.22 7.13  ? 201 GLU B HB2  1 
ATOM   304 H HB3  A GLU B 1 2  ? 4.297   5.520   5.507  0.78 4.90  ? 201 GLU B HB3  1 
ATOM   305 H HB3  B GLU B 1 2  ? 3.084   6.691   5.808  0.22 7.13  ? 201 GLU B HB3  1 
ATOM   306 H HG2  A GLU B 1 2  ? 5.951   7.747   6.133  0.78 4.98  ? 201 GLU B HG2  1 
ATOM   307 H HG2  B GLU B 1 2  ? 4.577   5.032   6.716  0.22 11.41 ? 201 GLU B HG2  1 
ATOM   308 H HG3  A GLU B 1 2  ? 5.720   6.512   7.122  0.78 4.98  ? 201 GLU B HG3  1 
ATOM   309 H HG3  B GLU B 1 2  ? 4.012   4.660   5.266  0.22 11.41 ? 201 GLU B HG3  1 
ATOM   310 N N    . LEU B 1 3  ? 2.029   6.898   3.227  1.00 3.69  ? 202 LEU B N    1 
ATOM   311 C CA   . LEU B 1 3  ? 1.043   6.253   2.373  1.00 3.65  ? 202 LEU B CA   1 
ATOM   312 C C    . LEU B 1 3  ? 1.532   6.227   0.933  1.00 3.52  ? 202 LEU B C    1 
ATOM   313 O O    . LEU B 1 3  ? 1.477   5.201   0.258  1.00 3.79  ? 202 LEU B O    1 
ATOM   314 C CB   . LEU B 1 3  ? -0.329  6.919   2.465  1.00 4.33  ? 202 LEU B CB   1 
ATOM   315 C CG   . LEU B 1 3  ? -1.338  6.399   1.436  1.00 4.84  ? 202 LEU B CG   1 
ATOM   316 C CD1  . LEU B 1 3  ? -1.607  4.917   1.551  1.00 4.82  ? 202 LEU B CD1  1 
ATOM   317 C CD2  . LEU B 1 3  ? -2.635  7.180   1.558  1.00 6.82  ? 202 LEU B CD2  1 
ATOM   318 H H    . LEU B 1 3  ? 1.833   7.631   3.674  1.00 4.43  ? 202 LEU B H    1 
ATOM   319 H HA   . LEU B 1 3  ? 0.945   5.307   2.680  1.00 4.38  ? 202 LEU B HA   1 
ATOM   320 H HB2  . LEU B 1 3  ? -0.694  6.771   3.373  1.00 5.20  ? 202 LEU B HB2  1 
ATOM   321 H HB3  . LEU B 1 3  ? -0.219  7.894   2.341  1.00 5.20  ? 202 LEU B HB3  1 
ATOM   322 H HG   . LEU B 1 3  ? -0.963  6.573   0.524  1.00 5.80  ? 202 LEU B HG   1 
ATOM   323 H HD11 . LEU B 1 3  ? -0.763  4.425   1.474  1.00 7.24  ? 202 LEU B HD11 1 
ATOM   324 H HD12 . LEU B 1 3  ? -2.018  4.726   2.420  1.00 7.24  ? 202 LEU B HD12 1 
ATOM   325 H HD13 . LEU B 1 3  ? -2.214  4.637   0.834  1.00 7.24  ? 202 LEU B HD13 1 
ATOM   326 H HD21 . LEU B 1 3  ? -2.448  8.139   1.483  1.00 10.24 ? 202 LEU B HD21 1 
ATOM   327 H HD22 . LEU B 1 3  ? -3.247  6.909   0.841  1.00 10.24 ? 202 LEU B HD22 1 
ATOM   328 H HD23 . LEU B 1 3  ? -3.048  6.994   2.427  1.00 10.24 ? 202 LEU B HD23 1 
ATOM   329 N N    . LEU B 1 4  ? 2.018   7.365   0.433  1.00 3.51  ? 203 LEU B N    1 
ATOM   330 C CA   . LEU B 1 4  ? 2.532   7.407   -0.914 1.00 3.53  ? 203 LEU B CA   1 
ATOM   331 C C    . LEU B 1 4  ? 3.652   6.373   -1.104 1.00 3.49  ? 203 LEU B C    1 
ATOM   332 O O    . LEU B 1 4  ? 3.666   5.646   -2.086 1.00 3.85  ? 203 LEU B O    1 
ATOM   333 C CB   A LEU B 1 4  ? 3.003   8.844   -1.209 0.93 4.04  ? 203 LEU B CB   1 
ATOM   334 C CB   B LEU B 1 4  ? 3.083   8.762   -1.296 0.07 4.34  ? 203 LEU B CB   1 
ATOM   335 C CG   A LEU B 1 4  ? 3.569   9.063   -2.588 0.93 4.02  ? 203 LEU B CG   1 
ATOM   336 C CG   B LEU B 1 4  ? 2.163   9.674   -2.050 0.07 4.58  ? 203 LEU B CG   1 
ATOM   337 C CD1  A LEU B 1 4  ? 2.631   8.639   -3.677 0.93 5.00  ? 203 LEU B CD1  1 
ATOM   338 C CD1  B LEU B 1 4  ? 2.881   10.986  -2.334 0.07 7.14  ? 203 LEU B CD1  1 
ATOM   339 C CD2  A LEU B 1 4  ? 3.956   10.532  -2.755 0.93 4.91  ? 203 LEU B CD2  1 
ATOM   340 C CD2  B LEU B 1 4  ? 1.524   9.113   -3.275 0.07 4.91  ? 203 LEU B CD2  1 
ATOM   341 H H    . LEU B 1 4  ? 2.024   8.093   0.927  1.00 4.21  ? 203 LEU B H    1 
ATOM   342 H HA   A LEU B 1 4  ? 1.788   7.185   -1.543 1.00 4.24  ? 203 LEU B HA   1 
ATOM   343 H HB2  A LEU B 1 4  ? 2.235   9.457   -1.084 0.93 4.84  ? 203 LEU B HB2  1 
ATOM   344 H HB2  B LEU B 1 4  ? 3.364   9.224   -0.467 0.07 5.20  ? 203 LEU B HB2  1 
ATOM   345 H HB3  A LEU B 1 4  ? 3.692   9.091   -0.544 0.93 4.84  ? 203 LEU B HB3  1 
ATOM   346 H HB3  B LEU B 1 4  ? 3.894   8.620   -1.845 0.07 5.20  ? 203 LEU B HB3  1 
ATOM   347 H HG   A LEU B 1 4  ? 4.401   8.514   -2.669 0.93 4.82  ? 203 LEU B HG   1 
ATOM   348 H HG   B LEU B 1 4  ? 1.417   9.896   -1.423 0.07 5.50  ? 203 LEU B HG   1 
ATOM   349 H HD11 A LEU B 1 4  ? 1.798   9.151   -3.609 0.93 7.50  ? 203 LEU B HD11 1 
ATOM   350 H HD11 B LEU B 1 4  ? 3.251   11.343  -1.500 0.07 10.71 ? 203 LEU B HD11 1 
ATOM   351 H HD12 A LEU B 1 4  ? 3.046   8.805   -4.550 0.93 7.50  ? 203 LEU B HD12 1 
ATOM   352 H HD12 B LEU B 1 4  ? 3.607   10.829  -2.974 0.07 10.71 ? 203 LEU B HD12 1 
ATOM   353 H HD13 A LEU B 1 4  ? 2.435   7.683   -3.587 0.93 7.50  ? 203 LEU B HD13 1 
ATOM   354 H HD13 B LEU B 1 4  ? 2.246   11.631  -2.712 0.07 10.71 ? 203 LEU B HD13 1 
ATOM   355 H HD21 A LEU B 1 4  ? 4.569   10.793  -2.036 0.93 7.36  ? 203 LEU B HD21 1 
ATOM   356 H HD21 B LEU B 1 4  ? 1.083   8.266   -3.055 0.07 7.37  ? 203 LEU B HD21 1 
ATOM   357 H HD22 A LEU B 1 4  ? 4.395   10.658  -3.621 0.93 7.36  ? 203 LEU B HD22 1 
ATOM   358 H HD22 B LEU B 1 4  ? 0.859   9.748   -3.616 0.07 7.37  ? 203 LEU B HD22 1 
ATOM   359 H HD23 A LEU B 1 4  ? 3.150   11.090  -2.714 0.93 7.36  ? 203 LEU B HD23 1 
ATOM   360 H HD23 B LEU B 1 4  ? 2.208   8.958   -3.958 0.07 7.37  ? 203 LEU B HD23 1 
ATOM   361 N N    . LYS B 1 5  ? 4.593   6.325   -0.152 1.00 3.62  ? 204 LYS B N    1 
ATOM   362 C CA   . LYS B 1 5  ? 5.656   5.332   -0.233 1.00 3.68  ? 204 LYS B CA   1 
ATOM   363 C C    . LYS B 1 5  ? 5.100   3.912   -0.287 1.00 3.72  ? 204 LYS B C    1 
ATOM   364 O O    . LYS B 1 5  ? 5.575   3.096   -1.074 1.00 4.33  ? 204 LYS B O    1 
ATOM   365 C CB   . LYS B 1 5  ? 6.616   5.465   0.950  1.00 3.66  ? 204 LYS B CB   1 
ATOM   366 C CG   . LYS B 1 5  ? 7.457   6.731   0.897  1.00 3.89  ? 204 LYS B CG   1 
ATOM   367 C CD   . LYS B 1 5  ? 8.302   6.938   2.152  1.00 4.53  ? 204 LYS B CD   1 
ATOM   368 C CE   A LYS B 1 5  ? 9.265   5.817   2.450  0.82 4.79  ? 204 LYS B CE   1 
ATOM   369 C CE   B LYS B 1 5  ? 9.613   6.084   1.783  0.18 6.94  ? 204 LYS B CE   1 
ATOM   370 N NZ   A LYS B 1 5  ? 9.976   6.048   3.738  0.82 4.68  ? 204 LYS B NZ   1 
ATOM   371 N NZ   B LYS B 1 5  ? 10.602  6.213   2.841  0.18 11.29 ? 204 LYS B NZ   1 
ATOM   372 H H    . LYS B 1 5  ? 4.569   6.892   0.520  1.00 4.34  ? 204 LYS B H    1 
ATOM   373 H HA   . LYS B 1 5  ? 6.173   5.495   -1.073 1.00 4.42  ? 204 LYS B HA   1 
ATOM   374 H HB2  . LYS B 1 5  ? 6.093   5.461   1.791  1.00 4.39  ? 204 LYS B HB2  1 
ATOM   375 H HB3  . LYS B 1 5  ? 7.218   4.680   0.966  1.00 4.39  ? 204 LYS B HB3  1 
ATOM   376 H HG2  . LYS B 1 5  ? 8.054   6.688   0.109  1.00 4.67  ? 204 LYS B HG2  1 
ATOM   377 H HG3  . LYS B 1 5  ? 6.857   7.511   0.780  1.00 4.67  ? 204 LYS B HG3  1 
ATOM   378 H HD2  A LYS B 1 5  ? 8.816   7.779   2.054  1.00 5.44  ? 204 LYS B HD2  1 
ATOM   379 H HD3  A LYS B 1 5  ? 7.696   7.048   2.928  1.00 5.44  ? 204 LYS B HD3  1 
ATOM   380 H HE2  A LYS B 1 5  ? 8.770   4.961   2.496  0.82 5.75  ? 204 LYS B HE2  1 
ATOM   381 H HE2  B LYS B 1 5  ? 9.368   5.132   1.670  0.18 8.33  ? 204 LYS B HE2  1 
ATOM   382 H HE3  A LYS B 1 5  ? 9.927   5.749   1.717  0.82 5.75  ? 204 LYS B HE3  1 
ATOM   383 H HE3  B LYS B 1 5  ? 9.993   6.409   0.930  0.18 8.33  ? 204 LYS B HE3  1 
ATOM   384 H HZ1  A LYS B 1 5  ? 10.427  6.837   3.699  0.82 7.02  ? 204 LYS B HZ1  1 
ATOM   385 H HZ1  B LYS B 1 5  ? 10.756  7.094   3.008  0.18 16.93 ? 204 LYS B HZ1  1 
ATOM   386 H HZ2  A LYS B 1 5  ? 9.371   6.077   4.417  0.82 7.02  ? 204 LYS B HZ2  1 
ATOM   387 H HZ2  B LYS B 1 5  ? 10.294  5.810   3.597  0.18 16.93 ? 204 LYS B HZ2  1 
ATOM   388 H HZ3  A LYS B 1 5  ? 10.565  5.370   3.886  0.82 7.02  ? 204 LYS B HZ3  1 
ATOM   389 H HZ3  B LYS B 1 5  ? 11.378  5.814   2.581  0.18 16.93 ? 204 LYS B HZ3  1 
ATOM   390 N N    . LYS B 1 6  ? 4.128   3.621   0.569  1.00 3.73  ? 205 LYS B N    1 
ATOM   391 C CA   . LYS B 1 6  ? 3.569   2.283   0.634  1.00 4.05  ? 205 LYS B CA   1 
ATOM   392 C C    . LYS B 1 6  ? 2.857   1.903   -0.646 1.00 3.54  ? 205 LYS B C    1 
ATOM   393 O O    . LYS B 1 6  ? 2.892   0.741   -1.061 1.00 4.00  ? 205 LYS B O    1 
ATOM   394 C CB   A LYS B 1 6  ? 2.470   2.200   1.732  0.38 5.00  ? 205 LYS B CB   1 
ATOM   395 C CB   B LYS B 1 6  ? 2.598   2.233   1.852  0.30 5.16  ? 205 LYS B CB   1 
ATOM   396 C CB   C LYS B 1 6  ? 2.824   2.050   1.904  0.32 4.34  ? 205 LYS B CB   1 
ATOM   397 C CG   A LYS B 1 6  ? 3.015   1.880   3.042  0.38 6.43  ? 205 LYS B CG   1 
ATOM   398 C CG   B LYS B 1 6  ? 2.009   0.956   2.238  0.30 5.22  ? 205 LYS B CG   1 
ATOM   399 C CG   C LYS B 1 6  ? 3.731   2.065   3.116  0.32 4.65  ? 205 LYS B CG   1 
ATOM   400 C CD   A LYS B 1 6  ? 2.052   1.841   4.160  0.38 8.25  ? 205 LYS B CD   1 
ATOM   401 C CD   B LYS B 1 6  ? 1.275   0.914   3.571  0.30 5.22  ? 205 LYS B CD   1 
ATOM   402 C CD   C LYS B 1 6  ? 3.029   2.127   4.414  0.32 8.48  ? 205 LYS B CD   1 
ATOM   403 C CE   A LYS B 1 6  ? 2.640   1.411   5.438  0.38 9.61  ? 205 LYS B CE   1 
ATOM   404 C CE   B LYS B 1 6  ? 2.247   0.843   4.738  0.30 6.52  ? 205 LYS B CE   1 
ATOM   405 C CE   C LYS B 1 6  ? 1.958   1.127   4.620  0.32 10.44 ? 205 LYS B CE   1 
ATOM   406 N NZ   A LYS B 1 6  ? 1.385   1.113   6.364  0.38 13.31 ? 205 LYS B NZ   1 
ATOM   407 N NZ   B LYS B 1 6  ? 1.615   1.300   6.027  0.30 8.73  ? 205 LYS B NZ   1 
ATOM   408 N NZ   C LYS B 1 6  ? 1.589   0.797   6.028  0.32 8.83  ? 205 LYS B NZ   1 
ATOM   409 H H    . LYS B 1 6  ? 3.820   4.248   1.104  1.00 4.48  ? 205 LYS B H    1 
ATOM   410 H HA   A LYS B 1 6  ? 4.293   1.622   0.828  1.00 4.86  ? 205 LYS B HA   1 
ATOM   411 H HB2  A LYS B 1 6  ? 1.996   3.068   1.781  0.38 6.00  ? 205 LYS B HB2  1 
ATOM   412 H HB2  B LYS B 1 6  ? 3.086   2.587   2.637  0.30 6.19  ? 205 LYS B HB2  1 
ATOM   413 H HB2  C LYS B 1 6  ? 2.132   2.749   2.008  0.32 5.20  ? 205 LYS B HB2  1 
ATOM   414 H HB3  A LYS B 1 6  ? 1.809   1.508   1.478  0.38 6.00  ? 205 LYS B HB3  1 
ATOM   415 H HB3  B LYS B 1 6  ? 1.854   2.860   1.666  0.30 6.19  ? 205 LYS B HB3  1 
ATOM   416 H HB3  C LYS B 1 6  ? 2.365   1.174   1.854  0.32 5.20  ? 205 LYS B HB3  1 
ATOM   417 H HG2  A LYS B 1 6  ? 3.459   0.997   2.985  0.38 7.72  ? 205 LYS B HG2  1 
ATOM   418 H HG2  B LYS B 1 6  ? 1.375   0.682   1.529  0.30 6.26  ? 205 LYS B HG2  1 
ATOM   419 H HG2  C LYS B 1 6  ? 4.292   1.251   3.100  0.32 5.58  ? 205 LYS B HG2  1 
ATOM   420 H HG3  A LYS B 1 6  ? 3.713   2.548   3.258  0.38 7.72  ? 205 LYS B HG3  1 
ATOM   421 H HG3  B LYS B 1 6  ? 2.732   0.280   2.264  0.30 6.26  ? 205 LYS B HG3  1 
ATOM   422 H HG3  C LYS B 1 6  ? 4.335   2.846   3.047  0.32 5.58  ? 205 LYS B HG3  1 
ATOM   423 H HD2  A LYS B 1 6  ? 1.662   2.743   4.277  0.38 9.90  ? 205 LYS B HD2  1 
ATOM   424 H HD2  B LYS B 1 6  ? 0.713   1.724   3.661  0.30 6.27  ? 205 LYS B HD2  1 
ATOM   425 H HD2  C LYS B 1 6  ? 3.698   2.018   5.135  0.32 10.17 ? 205 LYS B HD2  1 
ATOM   426 H HD3  A LYS B 1 6  ? 1.316   1.223   3.925  0.38 9.90  ? 205 LYS B HD3  1 
ATOM   427 H HD3  B LYS B 1 6  ? 0.679   0.124   3.592  0.30 6.27  ? 205 LYS B HD3  1 
ATOM   428 H HD3  C LYS B 1 6  ? 2.634   3.029   4.511  0.32 10.17 ? 205 LYS B HD3  1 
ATOM   429 H HE2  A LYS B 1 6  ? 3.192   0.598   5.318  0.38 11.53 ? 205 LYS B HE2  1 
ATOM   430 H HE2  B LYS B 1 6  ? 2.563   -0.089  4.844  0.30 7.83  ? 205 LYS B HE2  1 
ATOM   431 H HE2  C LYS B 1 6  ? 1.145   1.452   4.160  0.32 12.53 ? 205 LYS B HE2  1 
ATOM   432 H HE3  A LYS B 1 6  ? 3.204   2.127   5.826  0.38 11.53 ? 205 LYS B HE3  1 
ATOM   433 H HE3  B LYS B 1 6  ? 3.033   1.412   4.542  0.30 7.83  ? 205 LYS B HE3  1 
ATOM   434 H HE3  C LYS B 1 6  ? 2.233   0.288   4.173  0.32 12.53 ? 205 LYS B HE3  1 
ATOM   435 H HZ1  A LYS B 1 6  ? 0.876   1.864   6.435  0.38 19.96 ? 205 LYS B HZ1  1 
ATOM   436 H HZ1  B LYS B 1 6  ? 1.273   2.136   5.917  0.30 13.09 ? 205 LYS B HZ1  1 
ATOM   437 H HZ1  C LYS B 1 6  ? 1.722   1.528   6.555  0.32 13.24 ? 205 LYS B HZ1  1 
ATOM   438 H HZ2  A LYS B 1 6  ? 0.890   0.443   5.998  0.38 19.96 ? 205 LYS B HZ2  1 
ATOM   439 H HZ2  B LYS B 1 6  ? 0.947   0.727   6.257  0.30 13.09 ? 205 LYS B HZ2  1 
ATOM   440 H HZ2  C LYS B 1 6  ? 0.714   0.553   6.062  0.32 13.24 ? 205 LYS B HZ2  1 
ATOM   441 H HZ3  A LYS B 1 6  ? 1.672   0.861   7.191  0.38 19.96 ? 205 LYS B HZ3  1 
ATOM   442 H HZ3  B LYS B 1 6  ? 2.243   1.314   6.684  0.30 13.09 ? 205 LYS B HZ3  1 
ATOM   443 H HZ3  C LYS B 1 6  ? 2.108   0.111   6.325  0.32 13.24 ? 205 LYS B HZ3  1 
ATOM   444 N N    . LEU B 1 7  ? 2.162   2.856   -1.274 1.00 3.52  ? 206 LEU B N    1 
ATOM   445 C CA   . LEU B 1 7  ? 1.498   2.568   -2.520 1.00 3.56  ? 206 LEU B CA   1 
ATOM   446 C C    . LEU B 1 7  ? 2.512   2.290   -3.639 1.00 3.64  ? 206 LEU B C    1 
ATOM   447 O O    . LEU B 1 7  ? 2.334   1.376   -4.430 1.00 4.07  ? 206 LEU B O    1 
ATOM   448 C CB   . LEU B 1 7  ? 0.565   3.713   -2.908 1.00 3.89  ? 206 LEU B CB   1 
ATOM   449 C CG   . LEU B 1 7  ? -0.578  3.956   -1.942 1.00 3.99  ? 206 LEU B CG   1 
ATOM   450 C CD1  . LEU B 1 7  ? -1.333  5.211   -2.352 1.00 4.77  ? 206 LEU B CD1  1 
ATOM   451 C CD2  . LEU B 1 7  ? -1.525  2.768   -1.869 1.00 5.69  ? 206 LEU B CD2  1 
ATOM   452 H H    . LEU B 1 7  ? 2.110   3.663   -0.926 1.00 4.23  ? 206 LEU B H    1 
ATOM   453 H HA   . LEU B 1 7  ? 0.943   1.745   -2.394 1.00 4.27  ? 206 LEU B HA   1 
ATOM   454 H HB2  . LEU B 1 7  ? 1.098   4.543   -2.979 1.00 4.67  ? 206 LEU B HB2  1 
ATOM   455 H HB3  . LEU B 1 7  ? 0.186   3.522   -3.802 1.00 4.67  ? 206 LEU B HB3  1 
ATOM   456 H HG   . LEU B 1 7  ? -0.192  4.105   -1.031 1.00 4.78  ? 206 LEU B HG   1 
ATOM   457 H HD11 . LEU B 1 7  ? -1.688  5.097   -3.259 1.00 7.15  ? 206 LEU B HD11 1 
ATOM   458 H HD12 . LEU B 1 7  ? -2.072  5.367   -1.730 1.00 7.15  ? 206 LEU B HD12 1 
ATOM   459 H HD13 . LEU B 1 7  ? -0.723  5.979   -2.335 1.00 7.15  ? 206 LEU B HD13 1 
ATOM   460 H HD21 . LEU B 1 7  ? -1.026  1.968   -1.599 1.00 8.53  ? 206 LEU B HD21 1 
ATOM   461 H HD22 . LEU B 1 7  ? -2.229  2.951   -1.213 1.00 8.53  ? 206 LEU B HD22 1 
ATOM   462 H HD23 . LEU B 1 7  ? -1.929  2.618   -2.749 1.00 8.53  ? 206 LEU B HD23 1 
ATOM   463 N N    . LEU B 1 8  ? 3.562   3.102   -3.690 1.00 3.63  ? 207 LEU B N    1 
ATOM   464 C CA   . LEU B 1 8  ? 4.620   2.870   -4.650 1.00 3.64  ? 207 LEU B CA   1 
ATOM   465 C C    . LEU B 1 8  ? 5.270   1.511   -4.429 1.00 3.44  ? 207 LEU B C    1 
ATOM   466 O O    . LEU B 1 8  ? 5.560   0.782   -5.370 1.00 4.13  ? 207 LEU B O    1 
ATOM   467 C CB   . LEU B 1 8  ? 5.641   4.005   -4.584 1.00 3.85  ? 207 LEU B CB   1 
ATOM   468 C CG   . LEU B 1 8  ? 5.098   5.354   -5.054 1.00 4.19  ? 207 LEU B CG   1 
ATOM   469 C CD1  . LEU B 1 8  ? 5.997   6.474   -4.542 1.00 4.95  ? 207 LEU B CD1  1 
ATOM   470 C CD2  . LEU B 1 8  ? 4.959   5.419   -6.565 1.00 5.56  ? 207 LEU B CD2  1 
ATOM   471 H H    . LEU B 1 8  ? 3.615   3.785   -3.138 1.00 4.36  ? 207 LEU B H    1 
ATOM   472 H HA   . LEU B 1 8  ? 4.214   2.874   -5.564 1.00 4.37  ? 207 LEU B HA   1 
ATOM   473 H HB2  . LEU B 1 8  ? 5.956   4.096   -3.650 1.00 4.62  ? 207 LEU B HB2  1 
ATOM   474 H HB3  . LEU B 1 8  ? 6.422   3.764   -5.143 1.00 4.62  ? 207 LEU B HB3  1 
ATOM   475 H HG   . LEU B 1 8  ? 4.190   5.478   -4.654 1.00 5.03  ? 207 LEU B HG   1 
ATOM   476 H HD11 . LEU B 1 8  ? 6.071   6.413   -3.567 1.00 7.43  ? 207 LEU B HD11 1 
ATOM   477 H HD12 . LEU B 1 8  ? 6.886   6.388   -4.943 1.00 7.43  ? 207 LEU B HD12 1 
ATOM   478 H HD13 . LEU B 1 8  ? 5.611   7.341   -4.786 1.00 7.43  ? 207 LEU B HD13 1 
ATOM   479 H HD21 . LEU B 1 8  ? 4.380   4.689   -6.871 1.00 8.34  ? 207 LEU B HD21 1 
ATOM   480 H HD22 . LEU B 1 8  ? 4.564   6.279   -6.820 1.00 8.34  ? 207 LEU B HD22 1 
ATOM   481 H HD23 . LEU B 1 8  ? 5.844   5.330   -6.978 1.00 8.34  ? 207 LEU B HD23 1 
ATOM   482 N N    . GLU B 1 9  ? 5.500   1.160   -3.154 1.00 3.56  ? 208 GLU B N    1 
ATOM   483 C CA   . GLU B 1 9  ? 6.084   -0.129  -2.840 1.00 3.64  ? 208 GLU B CA   1 
ATOM   484 C C    . GLU B 1 9  ? 5.150   -1.270  -3.241 1.00 3.67  ? 208 GLU B C    1 
ATOM   485 O O    . GLU B 1 9  ? 5.619   -2.308  -3.724 1.00 4.15  ? 208 GLU B O    1 
ATOM   486 C CB   A GLU B 1 9  ? 6.496   -0.173  -1.368 0.61 3.71  ? 208 GLU B CB   1 
ATOM   487 C CB   B GLU B 1 9  ? 6.280   -0.187  -1.292 0.39 4.01  ? 208 GLU B CB   1 
ATOM   488 C CG   A GLU B 1 9  ? 7.115   -1.483  -0.926 0.61 4.35  ? 208 GLU B CG   1 
ATOM   489 C CG   B GLU B 1 9  ? 7.014   -1.491  -0.945 0.39 4.91  ? 208 GLU B CG   1 
ATOM   490 C CD   A GLU B 1 9  ? 7.670   -1.517  0.476  0.61 5.17  ? 208 GLU B CD   1 
ATOM   491 C CD   B GLU B 1 9  ? 7.117   -1.657  0.557  0.39 4.53  ? 208 GLU B CD   1 
ATOM   492 O OE1  A GLU B 1 9  ? 7.731   -0.495  1.132  0.61 7.47  ? 208 GLU B OE1  1 
ATOM   493 O OE1  B GLU B 1 9  ? 6.423   -0.959  1.302  0.39 7.35  ? 208 GLU B OE1  1 
ATOM   494 O OE2  A GLU B 1 9  ? 7.944   -2.681  0.938  0.61 6.44  ? 208 GLU B OE2  1 
ATOM   495 O OE2  B GLU B 1 9  ? 8.055   -2.446  0.952  0.39 6.97  ? 208 GLU B OE2  1 
ATOM   496 H H    . GLU B 1 9  ? 5.294   1.716   -2.503 1.00 4.28  ? 208 GLU B H    1 
ATOM   497 H HA   A GLU B 1 9  ? 6.918   -0.220  -3.385 1.00 4.37  ? 208 GLU B HA   1 
ATOM   498 H HB2  A GLU B 1 9  ? 7.145   0.556   -1.199 0.61 4.45  ? 208 GLU B HB2  1 
ATOM   499 H HB2  B GLU B 1 9  ? 6.810   0.591   -0.988 0.39 4.81  ? 208 GLU B HB2  1 
ATOM   500 H HB3  A GLU B 1 9  ? 5.696   0.004   -0.810 0.61 4.45  ? 208 GLU B HB3  1 
ATOM   501 H HB3  B GLU B 1 9  ? 5.400   -0.162  -0.839 0.39 4.81  ? 208 GLU B HB3  1 
ATOM   502 H HG2  A GLU B 1 9  ? 6.428   -2.193  -1.005 0.61 5.22  ? 208 GLU B HG2  1 
ATOM   503 H HG2  B GLU B 1 9  ? 6.524   -2.260  -1.331 0.39 5.89  ? 208 GLU B HG2  1 
ATOM   504 H HG3  A GLU B 1 9  ? 7.846   -1.708  -1.555 0.61 5.22  ? 208 GLU B HG3  1 
ATOM   505 H HG3  B GLU B 1 9  ? 7.922   -1.475  -1.340 0.39 5.89  ? 208 GLU B HG3  1 
ATOM   506 N N    . GLU B 1 10 ? 3.854   -1.105  -3.051 1.00 3.90  ? 209 GLU B N    1 
ATOM   507 C CA   . GLU B 1 10 ? 2.906   -2.152  -3.449 1.00 4.02  ? 209 GLU B CA   1 
ATOM   508 C C    . GLU B 1 10 ? 2.949   -2.356  -4.953 1.00 4.22  ? 209 GLU B C    1 
ATOM   509 O O    . GLU B 1 10 ? 2.936   -3.494  -5.427 1.00 5.21  ? 209 GLU B O    1 
ATOM   510 C CB   . GLU B 1 10 ? 1.501   -1.799  -2.935 1.00 4.58  ? 209 GLU B CB   1 
ATOM   511 C CG   . GLU B 1 10 ? 0.427   -2.762  -3.377 1.00 5.42  ? 209 GLU B CG   1 
ATOM   512 C CD   . GLU B 1 10 ? 0.535   -4.185  -2.963 1.00 5.85  ? 209 GLU B CD   1 
ATOM   513 O OE1  . GLU B 1 10 ? 1.293   -4.450  -2.001 1.00 7.21  ? 209 GLU B OE1  1 
ATOM   514 O OE2  . GLU B 1 10 ? -0.131  -5.034  -3.577 1.00 7.79  ? 209 GLU B OE2  1 
ATOM   515 H H    . GLU B 1 10 ? 3.557   -0.364  -2.683 1.00 4.67  ? 209 GLU B H    1 
ATOM   516 H HA   . GLU B 1 10 ? 3.188   -3.007  -3.013 1.00 4.83  ? 209 GLU B HA   1 
ATOM   517 H HB2  . GLU B 1 10 ? 1.520   -1.775  -1.946 1.00 5.49  ? 209 GLU B HB2  1 
ATOM   518 H HB3  . GLU B 1 10 ? 1.264   -0.891  -3.252 1.00 5.49  ? 209 GLU B HB3  1 
ATOM   519 H HG2  . GLU B 1 10 ? -0.441  -2.418  -3.044 1.00 6.51  ? 209 GLU B HG2  1 
ATOM   520 H HG3  . GLU B 1 10 ? 0.389   -2.738  -4.366 1.00 6.51  ? 209 GLU B HG3  1 
ATOM   521 N N    . LEU B 1 11 ? 2.975   -1.274  -5.727 1.00 4.02  ? 210 LEU B N    1 
ATOM   522 C CA   . LEU B 1 11 ? 3.069   -1.403  -7.171 1.00 4.26  ? 210 LEU B CA   1 
ATOM   523 C C    . LEU B 1 11 ? 4.382   -2.013  -7.611 1.00 4.21  ? 210 LEU B C    1 
ATOM   524 O O    . LEU B 1 11 ? 4.439   -2.697  -8.630 1.00 5.46  ? 210 LEU B O    1 
ATOM   525 C CB   A LEU B 1 11 ? 2.917   -0.005  -7.827 0.72 4.41  ? 210 LEU B CB   1 
ATOM   526 C CB   B LEU B 1 11 ? 2.723   -0.135  -7.866 0.28 4.23  ? 210 LEU B CB   1 
ATOM   527 C CG   A LEU B 1 11 ? 1.503   0.557   -7.783 0.72 5.79  ? 210 LEU B CG   1 
ATOM   528 C CG   B LEU B 1 11 ? 1.332   0.458   -7.600 0.28 5.72  ? 210 LEU B CG   1 
ATOM   529 C CD1  A LEU B 1 11 ? 1.535   2.030   -8.197 0.72 8.04  ? 210 LEU B CD1  1 
ATOM   530 C CD1  B LEU B 1 11 ? 1.183   1.657   -8.562 0.28 7.48  ? 210 LEU B CD1  1 
ATOM   531 C CD2  A LEU B 1 11 ? 0.564   -0.203  -8.674 0.72 7.95  ? 210 LEU B CD2  1 
ATOM   532 C CD2  B LEU B 1 11 ? 0.233   -0.571  -7.915 0.28 6.61  ? 210 LEU B CD2  1 
ATOM   533 H H    . LEU B 1 11 ? 2.935   -0.475  -5.361 1.00 4.82  ? 210 LEU B H    1 
ATOM   534 H HA   A LEU B 1 11 ? 2.323   -1.987  -7.489 1.00 5.11  ? 210 LEU B HA   1 
ATOM   535 H HB2  A LEU B 1 11 ? 3.525   0.628   -7.370 0.72 5.29  ? 210 LEU B HB2  1 
ATOM   536 H HB2  B LEU B 1 11 ? 3.398   0.545   -7.617 0.28 5.07  ? 210 LEU B HB2  1 
ATOM   537 H HB3  A LEU B 1 11 ? 3.205   -0.067  -8.773 0.72 5.29  ? 210 LEU B HB3  1 
ATOM   538 H HB3  B LEU B 1 11 ? 2.808   -0.288  -8.841 0.28 5.07  ? 210 LEU B HB3  1 
ATOM   539 H HG   A LEU B 1 11 ? 1.167   0.499   -6.843 0.72 6.94  ? 210 LEU B HG   1 
ATOM   540 H HG   B LEU B 1 11 ? 1.260   0.763   -6.650 0.28 6.86  ? 210 LEU B HG   1 
ATOM   541 H HD11 A LEU B 1 11 ? 2.161   2.517   -7.621 0.72 12.05 ? 210 LEU B HD11 1 
ATOM   542 H HD11 B LEU B 1 11 ? 1.263   1.346   -9.488 0.28 11.21 ? 210 LEU B HD11 1 
ATOM   543 H HD12 A LEU B 1 11 ? 1.827   2.101   -9.130 0.72 12.05 ? 210 LEU B HD12 1 
ATOM   544 H HD12 B LEU B 1 11 ? 0.305   2.074   -8.432 0.28 11.21 ? 210 LEU B HD12 1 
ATOM   545 H HD13 A LEU B 1 11 ? 0.639   2.415   -8.104 0.72 12.05 ? 210 LEU B HD13 1 
ATOM   546 H HD13 B LEU B 1 11 ? 1.886   2.314   -8.377 0.28 11.21 ? 210 LEU B HD13 1 
ATOM   547 H HD21 A LEU B 1 11 ? 0.534   -1.140  -8.392 0.72 11.93 ? 210 LEU B HD21 1 
ATOM   548 H HD21 B LEU B 1 11 ? 0.294   -0.836  -8.856 0.28 9.91  ? 210 LEU B HD21 1 
ATOM   549 H HD22 A LEU B 1 11 ? -0.333  0.187   -8.611 0.72 11.93 ? 210 LEU B HD22 1 
ATOM   550 H HD22 B LEU B 1 11 ? 0.351   -1.360  -7.345 0.28 9.91  ? 210 LEU B HD22 1 
ATOM   551 H HD23 A LEU B 1 11 ? 0.879   -0.151  -9.601 0.72 11.93 ? 210 LEU B HD23 1 
ATOM   552 H HD23 B LEU B 1 11 ? -0.646  -0.174  -7.744 0.28 9.91  ? 210 LEU B HD23 1 
ATOM   553 N N    . LYS B 1 12 ? 5.454   -1.736  -6.876 1.00 4.24  ? 211 LYS B N    1 
ATOM   554 C CA   . LYS B 1 12 ? 6.762   -2.269  -7.218 1.00 4.57  ? 211 LYS B CA   1 
ATOM   555 C C    . LYS B 1 12 ? 6.842   -3.769  -7.001 1.00 5.01  ? 211 LYS B C    1 
ATOM   556 O O    . LYS B 1 12 ? 7.529   -4.472  -7.746 1.00 5.84  ? 211 LYS B O    1 
ATOM   557 C CB   . LYS B 1 12 ? 7.807   -1.524  -6.409 1.00 4.59  ? 211 LYS B CB   1 
ATOM   558 C CG   . LYS B 1 12 ? 9.235   -1.988  -6.666 1.00 5.50  ? 211 LYS B CG   1 
ATOM   559 C CD   . LYS B 1 12 ? 10.283  -1.055  -6.130 1.00 6.07  ? 211 LYS B CD   1 
ATOM   560 C CE   A LYS B 1 12 ? 10.117  -0.578  -4.715 0.49 5.32  ? 211 LYS B CE   1 
ATOM   561 C CE   B LYS B 1 12 ? 10.282  -1.001  -4.591 0.51 7.03  ? 211 LYS B CE   1 
ATOM   562 N NZ   A LYS B 1 12 ? 10.326  -1.723  -3.760 0.49 4.31  ? 211 LYS B NZ   1 
ATOM   563 N NZ   B LYS B 1 12 ? 10.701  -2.319  -4.031 0.51 8.22  ? 211 LYS B NZ   1 
ATOM   564 H H    . LYS B 1 12 ? 5.370   -1.219  -6.170 1.00 5.09  ? 211 LYS B H    1 
ATOM   565 H HA   . LYS B 1 12 ? 6.930   -2.085  -8.187 1.00 5.48  ? 211 LYS B HA   1 
ATOM   566 H HB2  . LYS B 1 12 ? 7.744   -0.558  -6.618 1.00 5.51  ? 211 LYS B HB2  1 
ATOM   567 H HB3  . LYS B 1 12 ? 7.605   -1.636  -5.446 1.00 5.51  ? 211 LYS B HB3  1 
ATOM   568 H HG2  . LYS B 1 12 ? 9.360   -2.879  -6.252 1.00 6.60  ? 211 LYS B HG2  1 
ATOM   569 H HG3  . LYS B 1 12 ? 9.367   -2.088  -7.642 1.00 6.60  ? 211 LYS B HG3  1 
ATOM   570 H HD2  A LYS B 1 12 ? 11.160  -1.508  -6.200 1.00 7.28  ? 211 LYS B HD2  1 
ATOM   571 H HD3  A LYS B 1 12 ? 10.315  -0.260  -6.719 1.00 7.28  ? 211 LYS B HD3  1 
ATOM   572 H HE2  A LYS B 1 12 ? 10.775  0.138   -4.525 0.49 6.39  ? 211 LYS B HE2  1 
ATOM   573 H HE2  B LYS B 1 12 ? 10.906  -0.295  -4.283 0.51 8.44  ? 211 LYS B HE2  1 
ATOM   574 H HE3  A LYS B 1 12 ? 9.209   -0.204  -4.593 0.49 6.39  ? 211 LYS B HE3  1 
ATOM   575 H HE3  B LYS B 1 12 ? 9.376   -0.773  -4.266 0.51 8.44  ? 211 LYS B HE3  1 
ATOM   576 H HZ1  A LYS B 1 12 ? 9.716   -2.375  -3.930 0.49 6.46  ? 211 LYS B HZ1  1 
ATOM   577 H HZ1  B LYS B 1 12 ? 11.539  -2.520  -4.324 0.51 12.34 ? 211 LYS B HZ1  1 
ATOM   578 H HZ2  A LYS B 1 12 ? 11.166  -2.056  -3.865 0.49 6.46  ? 211 LYS B HZ2  1 
ATOM   579 H HZ2  B LYS B 1 12 ? 10.699  -2.276  -3.122 0.51 12.34 ? 211 LYS B HZ2  1 
ATOM   580 H HZ3  A LYS B 1 12 ? 10.223  -1.427  -2.905 0.49 6.46  ? 211 LYS B HZ3  1 
ATOM   581 H HZ3  B LYS B 1 12 ? 10.121  -2.963  -4.306 0.51 12.34 ? 211 LYS B HZ3  1 
ATOM   582 N N    . GLY B 1 13 ? 6.163   -4.254  -5.977 1.00 5.66  ? 212 GLY B N    1 
ATOM   583 C CA   . GLY B 1 13 ? 6.052   -5.657  -5.727 1.00 6.92  ? 212 GLY B CA   1 
ATOM   584 C C    . GLY B 1 13 ? 7.260   -6.356  -5.153 1.00 6.66  ? 212 GLY B C    1 
ATOM   585 O O    . GLY B 1 13 ? 8.239   -5.692  -4.811 1.00 7.90  ? 212 GLY B O    1 
ATOM   586 O OXT  . GLY B 1 13 ? 7.154   -7.602  -5.068 1.00 8.22  ? 212 GLY B OXT  1 
ATOM   587 H H    . GLY B 1 13 ? 5.763   -3.692  -5.430 1.00 6.79  ? 212 GLY B H    1 
ATOM   588 H HA2  . GLY B 1 13 ? 5.294   -5.798  -5.105 1.00 8.31  ? 212 GLY B HA2  1 
ATOM   589 H HA3  . GLY B 1 13 ? 5.818   -6.102  -6.579 1.00 8.31  ? 212 GLY B HA3  1 
HETATM 590 C C1   A MPD C 2 .  ? -4.868  9.303   5.682  0.67 7.57  ? 400 MPD A C1   1 
HETATM 591 C C1   B MPD C 2 .  ? -8.152  10.906  4.079  0.33 13.50 ? 400 MPD A C1   1 
HETATM 592 C C2   A MPD C 2 .  ? -5.265  10.644  6.259  0.67 5.91  ? 400 MPD A C2   1 
HETATM 593 C C2   B MPD C 2 .  ? -6.953  11.879  4.451  0.33 10.00 ? 400 MPD A C2   1 
HETATM 594 O O2   A MPD C 2 .  ? -6.459  10.413  7.026  0.67 8.42  ? 400 MPD A O2   1 
HETATM 595 O O2   B MPD C 2 .  ? -7.538  12.609  5.472  0.33 12.42 ? 400 MPD A O2   1 
HETATM 596 C CM   A MPD C 2 .  ? -4.194  11.218  7.118  0.67 6.78  ? 400 MPD A CM   1 
HETATM 597 C CM   B MPD C 2 .  ? -6.695  12.740  3.240  0.33 17.42 ? 400 MPD A CM   1 
HETATM 598 C C3   A MPD C 2 .  ? -5.627  11.673  5.180  0.67 5.17  ? 400 MPD A C3   1 
HETATM 599 C C3   B MPD C 2 .  ? -5.751  11.028  4.779  0.33 8.45  ? 400 MPD A C3   1 
HETATM 600 C C4   A MPD C 2 .  ? -6.930  11.408  4.439  0.67 5.50  ? 400 MPD A C4   1 
HETATM 601 C C4   B MPD C 2 .  ? -5.756  10.287  6.073  0.33 8.63  ? 400 MPD A C4   1 
HETATM 602 O O4   A MPD C 2 .  ? -8.034  11.634  5.281  0.67 6.30  ? 400 MPD A O4   1 
HETATM 603 O O4   B MPD C 2 .  ? -6.339  10.887  7.145  0.33 11.44 ? 400 MPD A O4   1 
HETATM 604 C C5   A MPD C 2 .  ? -7.071  12.351  3.256  0.67 5.54  ? 400 MPD A C5   1 
HETATM 605 C C5   B MPD C 2 .  ? -4.394  9.697   6.370  0.33 13.52 ? 400 MPD A C5   1 
HETATM 606 H H11  A MPD C 2 .  ? -5.596  8.960   5.123  0.67 11.35 ? 400 MPD A H11  1 
HETATM 607 H H11  B MPD C 2 .  ? -8.377  10.352  4.856  0.33 20.26 ? 400 MPD A H11  1 
HETATM 608 H H12  A MPD C 2 .  ? -4.691  8.673   6.411  0.67 11.35 ? 400 MPD A H12  1 
HETATM 609 H H12  B MPD C 2 .  ? -7.886  10.328  3.334  0.33 20.26 ? 400 MPD A H12  1 
HETATM 610 H H13  A MPD C 2 .  ? -4.061  9.408   5.137  0.67 11.35 ? 400 MPD A H13  1 
HETATM 611 H H13  B MPD C 2 .  ? -8.934  11.435  3.819  0.33 20.26 ? 400 MPD A H13  1 
HETATM 612 H HO2  A MPD C 2 .  ? -6.290  9.881   7.655  0.67 12.64 ? 400 MPD A HO2  1 
HETATM 613 H HO2  B MPD C 2 .  ? -8.260  12.940  5.201  0.33 18.64 ? 400 MPD A HO2  1 
HETATM 614 H HM1  A MPD C 2 .  ? -4.484  12.086  7.465  0.67 10.17 ? 400 MPD A HM1  1 
HETATM 615 H HM1  B MPD C 2 .  ? -7.497  13.264  3.034  0.33 26.13 ? 400 MPD A HM1  1 
HETATM 616 H HM2  A MPD C 2 .  ? -3.377  11.334  6.587  0.67 10.17 ? 400 MPD A HM2  1 
HETATM 617 H HM2  B MPD C 2 .  ? -6.472  12.170  2.474  0.33 26.13 ? 400 MPD A HM2  1 
HETATM 618 H HM3  A MPD C 2 .  ? -4.013  10.611  7.865  0.67 10.17 ? 400 MPD A HM3  1 
HETATM 619 H HM3  B MPD C 2 .  ? -5.948  13.347  3.424  0.33 26.13 ? 400 MPD A HM3  1 
HETATM 620 H H31  A MPD C 2 .  ? -5.684  12.566  5.604  0.67 6.21  ? 400 MPD A H31  1 
HETATM 621 H H31  B MPD C 2 .  ? -5.640  10.367  4.050  0.33 10.14 ? 400 MPD A H31  1 
HETATM 622 H H32  A MPD C 2 .  ? -4.891  11.706  4.518  0.67 6.21  ? 400 MPD A H32  1 
HETATM 623 H H32  B MPD C 2 .  ? -4.953  11.614  4.766  0.33 10.14 ? 400 MPD A H32  1 
HETATM 624 H H4   A MPD C 2 .  ? -6.944  10.461  4.116  0.67 6.60  ? 400 MPD A H4   1 
HETATM 625 H H4   B MPD C 2 .  ? -6.333  9.490   5.895  0.33 10.36 ? 400 MPD A H4   1 
HETATM 626 H HO4  A MPD C 2 .  ? -8.526  12.226  4.944  0.67 9.45  ? 400 MPD A HO4  1 
HETATM 627 H HO4  B MPD C 2 .  ? -6.258  10.394  7.820  0.33 17.16 ? 400 MPD A HO4  1 
HETATM 628 H H51  A MPD C 2 .  ? -7.919  12.178  2.799  0.67 8.30  ? 400 MPD A H51  1 
HETATM 629 H H51  B MPD C 2 .  ? -4.424  9.220   7.226  0.33 20.28 ? 400 MPD A H51  1 
HETATM 630 H H52  A MPD C 2 .  ? -6.328  12.207  2.633  0.67 8.30  ? 400 MPD A H52  1 
HETATM 631 H H52  B MPD C 2 .  ? -3.731  10.416  6.420  0.33 20.28 ? 400 MPD A H52  1 
HETATM 632 H H53  A MPD C 2 .  ? -7.055  13.279  3.575  0.67 8.30  ? 400 MPD A H53  1 
HETATM 633 H H53  B MPD C 2 .  ? -4.146  9.072   5.657  0.33 20.28 ? 400 MPD A H53  1 
HETATM 634 C CA   A ETA D 3 .  ? 1.900   -6.202  -7.249 0.45 10.19 ? 501 ETA B CA   1 
HETATM 635 C CA   B ETA D 3 .  ? 1.952   -5.770  -6.968 0.55 13.64 ? 501 ETA B CA   1 
HETATM 636 N N    A ETA D 3 .  ? 3.126   -6.672  -7.529 0.45 5.90  ? 501 ETA B N    1 
HETATM 637 N N    B ETA D 3 .  ? 2.652   -6.590  -7.955 0.55 8.90  ? 501 ETA B N    1 
HETATM 638 C C    A ETA D 3 .  ? 1.210   -5.894  -5.981 0.45 19.03 ? 501 ETA B C    1 
HETATM 639 C C    B ETA D 3 .  ? 1.620   -6.643  -5.674 0.55 9.02  ? 501 ETA B C    1 
HETATM 640 O O    A ETA D 3 .  ? 1.389   -6.940  -5.024 0.45 14.90 ? 501 ETA B O    1 
HETATM 641 O O    B ETA D 3 .  ? 2.640   -6.266  -4.787 0.55 9.47  ? 501 ETA B O    1 
HETATM 642 C CA   A ETA E 3 .  ? 3.152   -12.083 -4.192 0.46 16.59 ? 506 ETA B CA   1 
HETATM 643 C CA   B ETA E 3 .  ? 4.026   -11.569 -4.638 0.47 17.18 ? 506 ETA B CA   1 
HETATM 644 N N    A ETA E 3 .  ? 2.792   -10.783 -3.813 0.46 17.12 ? 506 ETA B N    1 
HETATM 645 N N    B ETA E 3 .  ? 3.632   -12.899 -4.956 0.47 24.95 ? 506 ETA B N    1 
HETATM 646 C C    A ETA E 3 .  ? 3.402   -12.951 -2.911 0.46 17.33 ? 506 ETA B C    1 
HETATM 647 C C    B ETA E 3 .  ? 3.487   -11.035 -3.308 0.47 14.76 ? 506 ETA B C    1 
HETATM 648 O O    A ETA E 3 .  ? 2.344   -13.868 -2.700 0.46 10.74 ? 506 ETA B O    1 
HETATM 649 O O    B ETA E 3 .  ? 4.502   -10.218 -2.874 0.47 9.53  ? 506 ETA B O    1 
HETATM 650 O O    . HOH F 4 .  ? -6.036  9.354   9.621  1.00 6.11  ? 303 HOH A O    1 
HETATM 651 O O    . HOH F 4 .  ? -3.560  1.720   11.038 1.00 7.41  ? 305 HOH A O    1 
HETATM 652 O O    . HOH F 4 .  ? 2.739   -0.159  8.385  1.00 12.02 ? 307 HOH A O    1 
HETATM 653 O O    . HOH F 4 .  ? 4.205   -2.262  3.058  1.00 14.32 ? 308 HOH A O    1 
HETATM 654 O O    A HOH F 4 .  ? 1.181   -2.562  4.765  0.45 8.39  ? 310 HOH A O    1 
HETATM 655 O O    C HOH F 4 .  ? 0.948   -1.574  5.255  0.24 9.77  ? 310 HOH A O    1 
HETATM 656 O O    . HOH F 4 .  ? 3.689   -1.436  0.480  1.00 8.99  ? 311 HOH A O    1 
HETATM 657 O O    A HOH F 4 .  ? -1.128  7.743   13.119 0.44 15.98 ? 313 HOH A O    1 
HETATM 658 O O    B HOH F 4 .  ? -1.117  7.551   12.065 0.56 6.74  ? 313 HOH A O    1 
HETATM 659 O O    B HOH F 4 .  ? -2.730  -3.978  6.324  0.32 9.58  ? 323 HOH A O    1 
HETATM 660 O O    . HOH G 4 .  ? 8.151   -3.468  -3.500 1.00 6.03  ? 301 HOH B O    1 
HETATM 661 O O    . HOH G 4 .  ? 1.302   9.910   1.797  1.00 6.14  ? 302 HOH B O    1 
HETATM 662 O O    . HOH G 4 .  ? 4.431   -5.282  -9.519 1.00 6.28  ? 304 HOH B O    1 
HETATM 663 O O    . HOH G 4 .  ? 6.180   -4.084  2.487  0.70 7.47  ? 306 HOH B O    1 
HETATM 664 O O    A HOH G 4 .  ? 12.547  -3.251  -4.437 0.49 11.47 ? 309 HOH B O    1 
HETATM 665 O O    B HOH G 4 .  ? 13.188  -2.892  -4.973 0.51 13.03 ? 309 HOH B O    1 
HETATM 666 O O    A HOH G 4 .  ? 7.779   2.693   4.270  0.78 7.71  ? 312 HOH B O    1 
HETATM 667 O O    B HOH G 4 .  ? 8.213   3.218   3.454  0.22 5.20  ? 312 HOH B O    1 
HETATM 668 O O    A HOH G 4 .  ? 6.530   1.622   2.267  0.61 11.85 ? 316 HOH B O    1 
HETATM 669 O O    B HOH G 4 .  ? 7.296   1.653   1.734  0.39 7.83  ? 316 HOH B O    1 
HETATM 670 O O    A HOH G 4 .  ? 4.976   3.009   4.077  0.21 6.19  ? 318 HOH B O    1 
HETATM 671 O O    B HOH G 4 .  ? 3.677   -3.869  -0.688 0.56 12.43 ? 322 HOH B O    1 
HETATM 672 O O    A HOH G 4 .  ? 4.894   -5.441  -2.107 0.44 27.81 ? 324 HOH B O    1 
HETATM 673 O O    B HOH G 4 .  ? 5.840   -4.981  -1.968 0.56 14.80 ? 324 HOH B O    1 
HETATM 674 O O    A HOH G 4 .  ? 6.191   -8.055  -2.178 0.44 17.41 ? 325 HOH B O    1 
HETATM 675 O O    B HOH G 4 .  ? 4.847   -7.448  -1.873 0.56 9.97  ? 325 HOH B O    1 
HETATM 676 O O    A HOH G 4 .  ? 6.870   -11.649 -6.271 0.80 13.65 ? 327 HOH B O    1 
HETATM 677 O O    B HOH G 4 .  ? 5.742   -9.567  -6.066 0.40 9.64  ? 327 HOH B O    1 
HETATM 678 O O    C HOH G 4 .  ? 4.584   -8.369  -4.980 0.33 5.22  ? 327 HOH B O    1 
HETATM 679 O O    C HOH G 4 .  ? 19.372  -8.507  -9.687 0.12 4.83  ? 329 HOH B O    1 
# 
loop_
_atom_site_anisotrop.id 
_atom_site_anisotrop.type_symbol 
_atom_site_anisotrop.pdbx_label_atom_id 
_atom_site_anisotrop.pdbx_label_alt_id 
_atom_site_anisotrop.pdbx_label_comp_id 
_atom_site_anisotrop.pdbx_label_asym_id 
_atom_site_anisotrop.pdbx_label_seq_id 
_atom_site_anisotrop.pdbx_PDB_ins_code 
_atom_site_anisotrop.U[1][1] 
_atom_site_anisotrop.U[2][2] 
_atom_site_anisotrop.U[3][3] 
_atom_site_anisotrop.U[1][2] 
_atom_site_anisotrop.U[1][3] 
_atom_site_anisotrop.U[2][3] 
_atom_site_anisotrop.pdbx_auth_seq_id 
_atom_site_anisotrop.pdbx_auth_comp_id 
_atom_site_anisotrop.pdbx_auth_asym_id 
_atom_site_anisotrop.pdbx_auth_atom_id 
1   C C    . ACE A 1  ? 0.0533 0.0482 0.0797 -0.0024 0.0049  0.0130  100 ACE A C    
2   O O    . ACE A 1  ? 0.0530 0.0515 0.0918 0.0033  0.0094  0.0061  100 ACE A O    
3   C CH3  . ACE A 1  ? 0.0611 0.0667 0.0881 -0.0050 -0.0075 0.0100  100 ACE A CH3  
4   H H1   . ACE A 1  ? 0.1079 0.1079 0.1079 0.0000  0.0000  0.0000  100 ACE A H1   
5   H H2   . ACE A 1  ? 0.1079 0.1079 0.1079 0.0000  0.0000  0.0000  100 ACE A H2   
6   H H3   . ACE A 1  ? 0.1079 0.1079 0.1079 0.0000  0.0000  0.0000  100 ACE A H3   
7   N N    . GLU A 2  ? 0.0512 0.0483 0.0729 0.0026  0.0063  0.0018  101 GLU A N    
8   C CA   . GLU A 2  ? 0.0528 0.0610 0.0657 0.0050  0.0069  0.0014  101 GLU A CA   
9   C C    . GLU A 2  ? 0.0500 0.0575 0.0676 0.0016  0.0104  -0.0100 101 GLU A C    
10  O O    . GLU A 2  ? 0.0645 0.0678 0.0772 0.0048  0.0023  -0.0135 101 GLU A O    
11  C CB   A GLU A 2  ? 0.0515 0.0657 0.0584 0.0035  0.0038  -0.0014 101 GLU A CB   
12  C CB   B GLU A 2  ? 0.0499 0.0859 0.1198 0.0162  0.0016  -0.0029 101 GLU A CB   
13  C CG   A GLU A 2  ? 0.0450 0.0536 0.0682 0.0021  0.0003  -0.0030 101 GLU A CG   
14  C CG   B GLU A 2  ? 0.0642 0.0993 0.1634 0.0074  -0.0230 -0.0135 101 GLU A CG   
15  C CD   A GLU A 2  ? 0.0479 0.0620 0.0687 -0.0094 -0.0117 0.0070  101 GLU A CD   
16  C CD   B GLU A 2  ? 0.0918 0.1292 0.1154 0.0113  -0.0169 -0.0328 101 GLU A CD   
17  O OE1  A GLU A 2  ? 0.1012 0.0670 0.0702 0.0055  0.0048  -0.0048 101 GLU A OE1  
18  O OE1  B GLU A 2  ? 0.0884 0.2148 0.1619 -0.0364 -0.0455 0.0187  101 GLU A OE1  
19  O OE2  A GLU A 2  ? 0.0997 0.0780 0.0818 -0.0259 -0.0239 0.0188  101 GLU A OE2  
20  O OE2  B GLU A 2  ? 0.1804 0.1784 0.1901 -0.0247 -0.0957 -0.0217 101 GLU A OE2  
21  H H    . GLU A 2  ? 0.0689 0.0689 0.0689 0.0000  0.0000  0.0000  101 GLU A H    
22  H HA   A GLU A 2  ? 0.0718 0.0718 0.0718 0.0000  0.0000  0.0000  101 GLU A HA   
23  H HB2  A GLU A 2  ? 0.0703 0.0703 0.0703 0.0000  0.0000  0.0000  101 GLU A HB2  
24  H HB2  B GLU A 2  ? 0.1022 0.1022 0.1022 0.0000  0.0000  0.0000  101 GLU A HB2  
25  H HB3  A GLU A 2  ? 0.0703 0.0703 0.0703 0.0000  0.0000  0.0000  101 GLU A HB3  
26  H HB3  B GLU A 2  ? 0.1022 0.1022 0.1022 0.0000  0.0000  0.0000  101 GLU A HB3  
27  H HG2  A GLU A 2  ? 0.0667 0.0667 0.0667 0.0000  0.0000  0.0000  101 GLU A HG2  
28  H HG2  B GLU A 2  ? 0.1307 0.1307 0.1307 0.0000  0.0000  0.0000  101 GLU A HG2  
29  H HG3  A GLU A 2  ? 0.0667 0.0667 0.0667 0.0000  0.0000  0.0000  101 GLU A HG3  
30  H HG3  B GLU A 2  ? 0.1307 0.1307 0.1307 0.0000  0.0000  0.0000  101 GLU A HG3  
31  N N    . LEU A 3  ? 0.0590 0.0489 0.0668 -0.0021 0.0099  -0.0043 102 LEU A N    
32  C CA   . LEU A 3  ? 0.0660 0.0485 0.0693 -0.0033 0.0151  -0.0049 102 LEU A CA   
33  C C    . LEU A 3  ? 0.0639 0.0492 0.0607 0.0003  0.0090  -0.0002 102 LEU A C    
34  O O    . LEU A 3  ? 0.0658 0.0515 0.0827 -0.0012 0.0138  -0.0071 102 LEU A O    
35  C CB   . LEU A 3  ? 0.0816 0.0559 0.0683 0.0054  0.0185  -0.0028 102 LEU A CB   
36  C CG   . LEU A 3  ? 0.1404 0.0572 0.0825 0.0227  0.0296  0.0042  102 LEU A CG   
37  C CD1  . LEU A 3  ? 0.1948 0.0615 0.1130 -0.0324 -0.0006 0.0141  102 LEU A CD1  
38  C CD2  . LEU A 3  ? 0.1561 0.0841 0.0850 0.0343  0.0212  0.0139  102 LEU A CD2  
39  H H    . LEU A 3  ? 0.0699 0.0699 0.0699 0.0000  0.0000  0.0000  102 LEU A H    
40  H HA   . LEU A 3  ? 0.0736 0.0736 0.0736 0.0000  0.0000  0.0000  102 LEU A HA   
41  H HB2  . LEU A 3  ? 0.0823 0.0823 0.0823 0.0000  0.0000  0.0000  102 LEU A HB2  
42  H HB3  . LEU A 3  ? 0.0823 0.0823 0.0823 0.0000  0.0000  0.0000  102 LEU A HB3  
43  H HG   . LEU A 3  ? 0.1121 0.1121 0.1121 0.0000  0.0000  0.0000  102 LEU A HG   
44  H HD11 . LEU A 3  ? 0.1847 0.1847 0.1847 0.0000  0.0000  0.0000  102 LEU A HD11 
45  H HD12 . LEU A 3  ? 0.1847 0.1847 0.1847 0.0000  0.0000  0.0000  102 LEU A HD12 
46  H HD13 . LEU A 3  ? 0.1847 0.1847 0.1847 0.0000  0.0000  0.0000  102 LEU A HD13 
47  H HD21 . LEU A 3  ? 0.1626 0.1626 0.1626 0.0000  0.0000  0.0000  102 LEU A HD21 
48  H HD22 . LEU A 3  ? 0.1626 0.1626 0.1626 0.0000  0.0000  0.0000  102 LEU A HD22 
49  H HD23 . LEU A 3  ? 0.1626 0.1626 0.1626 0.0000  0.0000  0.0000  102 LEU A HD23 
50  N N    . LEU A 4  ? 0.0569 0.0456 0.0660 0.0019  0.0093  -0.0016 103 LEU A N    
51  C CA   . LEU A 4  ? 0.0559 0.0481 0.0588 0.0051  0.0093  0.0019  103 LEU A CA   
52  C C    . LEU A 4  ? 0.0443 0.0633 0.0625 0.0041  0.0070  0.0065  103 LEU A C    
53  O O    . LEU A 4  ? 0.0546 0.0671 0.0589 0.0077  0.0035  -0.0056 103 LEU A O    
54  C CB   . LEU A 4  ? 0.0566 0.0540 0.0665 0.0031  0.0011  0.0073  103 LEU A CB   
55  C CG   . LEU A 4  ? 0.0517 0.0692 0.0702 0.0051  0.0032  0.0112  103 LEU A CG   
56  C CD1  . LEU A 4  ? 0.0588 0.0795 0.0816 0.0165  0.0116  0.0088  103 LEU A CD1  
57  C CD2  . LEU A 4  ? 0.0593 0.0890 0.0920 -0.0063 -0.0020 0.0119  103 LEU A CD2  
58  H H    . LEU A 4  ? 0.0674 0.0674 0.0674 0.0000  0.0000  0.0000  103 LEU A H    
59  H HA   . LEU A 4  ? 0.0651 0.0651 0.0651 0.0000  0.0000  0.0000  103 LEU A HA   
60  H HB2  . LEU A 4  ? 0.0708 0.0708 0.0708 0.0000  0.0000  0.0000  103 LEU A HB2  
61  H HB3  . LEU A 4  ? 0.0708 0.0708 0.0708 0.0000  0.0000  0.0000  103 LEU A HB3  
62  H HG   . LEU A 4  ? 0.0764 0.0764 0.0764 0.0000  0.0000  0.0000  103 LEU A HG   
63  H HD11 . LEU A 4  ? 0.1099 0.1099 0.1099 0.0000  0.0000  0.0000  103 LEU A HD11 
64  H HD12 . LEU A 4  ? 0.1099 0.1099 0.1099 0.0000  0.0000  0.0000  103 LEU A HD12 
65  H HD13 . LEU A 4  ? 0.1099 0.1099 0.1099 0.0000  0.0000  0.0000  103 LEU A HD13 
66  H HD21 . LEU A 4  ? 0.1202 0.1202 0.1202 0.0000  0.0000  0.0000  103 LEU A HD21 
67  H HD22 . LEU A 4  ? 0.1202 0.1202 0.1202 0.0000  0.0000  0.0000  103 LEU A HD22 
68  H HD23 . LEU A 4  ? 0.1202 0.1202 0.1202 0.0000  0.0000  0.0000  103 LEU A HD23 
69  N N    . LYS A 5  ? 0.0589 0.0700 0.0685 0.0132  0.0131  0.0154  104 LYS A N    
70  C CA   . LYS A 5  ? 0.0792 0.1098 0.0645 0.0334  0.0157  0.0290  104 LYS A CA   
71  C C    . LYS A 5  ? 0.0774 0.1249 0.0502 0.0433  0.0042  0.0083  104 LYS A C    
72  O O    . LYS A 5  ? 0.1164 0.1359 0.0541 0.0648  0.0053  0.0045  104 LYS A O    
73  C CB   A LYS A 5  ? 0.0741 0.1124 0.1307 0.0162  -0.0030 0.0587  104 LYS A CB   
74  C CB   B LYS A 5  ? 0.0408 0.1228 0.0800 0.0317  0.0424  0.0534  104 LYS A CB   
75  C CG   A LYS A 5  ? 0.0910 0.0750 0.0666 0.0084  -0.0019 0.0021  104 LYS A CG   
76  C CG   B LYS A 5  ? 0.0945 0.0609 0.0515 0.0089  0.0049  0.0028  104 LYS A CG   
77  C CD   A LYS A 5  ? 0.0946 0.0652 0.0798 0.0075  0.0125  0.0072  104 LYS A CD   
78  C CD   B LYS A 5  ? 0.0721 0.0557 0.0575 -0.0041 -0.0034 0.0038  104 LYS A CD   
79  C CE   A LYS A 5  ? 0.0861 0.0639 0.0840 0.0008  0.0009  -0.0028 104 LYS A CE   
80  C CE   B LYS A 5  ? 0.1050 0.0616 0.0744 0.0053  0.0007  0.0108  104 LYS A CE   
81  N NZ   A LYS A 5  ? 0.0841 0.0960 0.0859 0.0100  0.0026  0.0101  104 LYS A NZ   
82  N NZ   B LYS A 5  ? 0.0899 0.0774 0.0759 0.0141  -0.0051 0.0133  104 LYS A NZ   
83  H H    . LYS A 5  ? 0.0789 0.0789 0.0789 0.0000  0.0000  0.0000  104 LYS A H    
84  H HA   A LYS A 5  ? 0.1014 0.1014 0.1014 0.0000  0.0000  0.0000  104 LYS A HA   
85  H HB2  A LYS A 5  ? 0.1269 0.1269 0.1269 0.0000  0.0000  0.0000  104 LYS A HB2  
86  H HB2  B LYS A 5  ? 0.0974 0.0974 0.0974 0.0000  0.0000  0.0000  104 LYS A HB2  
87  H HB3  A LYS A 5  ? 0.1269 0.1269 0.1269 0.0000  0.0000  0.0000  104 LYS A HB3  
88  H HB3  B LYS A 5  ? 0.0974 0.0974 0.0974 0.0000  0.0000  0.0000  104 LYS A HB3  
89  H HG2  A LYS A 5  ? 0.0930 0.0930 0.0930 0.0000  0.0000  0.0000  104 LYS A HG2  
90  H HG2  B LYS A 5  ? 0.0827 0.0827 0.0827 0.0000  0.0000  0.0000  104 LYS A HG2  
91  H HG3  A LYS A 5  ? 0.0930 0.0930 0.0930 0.0000  0.0000  0.0000  104 LYS A HG3  
92  H HG3  B LYS A 5  ? 0.0827 0.0827 0.0827 0.0000  0.0000  0.0000  104 LYS A HG3  
93  H HD2  A LYS A 5  ? 0.0959 0.0959 0.0959 0.0000  0.0000  0.0000  104 LYS A HD2  
94  H HD2  B LYS A 5  ? 0.0741 0.0741 0.0741 0.0000  0.0000  0.0000  104 LYS A HD2  
95  H HD3  A LYS A 5  ? 0.0959 0.0959 0.0959 0.0000  0.0000  0.0000  104 LYS A HD3  
96  H HD3  B LYS A 5  ? 0.0741 0.0741 0.0741 0.0000  0.0000  0.0000  104 LYS A HD3  
97  H HE2  A LYS A 5  ? 0.0936 0.0936 0.0936 0.0000  0.0000  0.0000  104 LYS A HE2  
98  H HE2  B LYS A 5  ? 0.0965 0.0965 0.0965 0.0000  0.0000  0.0000  104 LYS A HE2  
99  H HE3  A LYS A 5  ? 0.0936 0.0936 0.0936 0.0000  0.0000  0.0000  104 LYS A HE3  
100 H HE3  B LYS A 5  ? 0.0965 0.0965 0.0965 0.0000  0.0000  0.0000  104 LYS A HE3  
101 H HZ1  A LYS A 5  ? 0.1331 0.1331 0.1331 0.0000  0.0000  0.0000  104 LYS A HZ1  
102 H HZ1  B LYS A 5  ? 0.1216 0.1216 0.1216 0.0000  0.0000  0.0000  104 LYS A HZ1  
103 H HZ2  A LYS A 5  ? 0.1331 0.1331 0.1331 0.0000  0.0000  0.0000  104 LYS A HZ2  
104 H HZ2  B LYS A 5  ? 0.1216 0.1216 0.1216 0.0000  0.0000  0.0000  104 LYS A HZ2  
105 H HZ3  A LYS A 5  ? 0.1331 0.1331 0.1331 0.0000  0.0000  0.0000  104 LYS A HZ3  
106 H HZ3  B LYS A 5  ? 0.1216 0.1216 0.1216 0.0000  0.0000  0.0000  104 LYS A HZ3  
107 N N    . LYS A 6  ? 0.0684 0.1243 0.0578 0.0259  -0.0099 -0.0185 105 LYS A N    
108 C CA   . LYS A 6  ? 0.0583 0.1595 0.0691 0.0260  -0.0172 -0.0400 105 LYS A CA   
109 C C    . LYS A 6  ? 0.0459 0.1300 0.0514 -0.0030 0.0011  -0.0078 105 LYS A C    
110 O O    . LYS A 6  ? 0.0532 0.1330 0.0559 -0.0041 -0.0053 -0.0149 105 LYS A O    
111 C CB   A LYS A 6  ? 0.0360 0.2290 0.1038 0.0146  -0.0051 -0.0656 105 LYS A CB   
112 C CB   B LYS A 6  ? 0.0542 0.1965 0.0829 0.0217  -0.0158 -0.0445 105 LYS A CB   
113 C CG   A LYS A 6  ? 0.0501 0.1841 0.2172 0.0006  0.0357  -0.0782 105 LYS A CG   
114 C CG   B LYS A 6  ? 0.0740 0.1560 0.0496 0.0080  0.0082  -0.0162 105 LYS A CG   
115 C CD   A LYS A 6  ? 0.0810 0.2229 0.0517 0.0254  0.0096  -0.0547 105 LYS A CD   
116 C CD   B LYS A 6  ? 0.0976 0.1729 0.3152 0.0184  0.1104  0.0732  105 LYS A CD   
117 C CE   A LYS A 6  ? 0.0443 0.1630 0.1208 -0.0336 -0.0181 -0.0549 105 LYS A CE   
118 C CE   B LYS A 6  ? 0.1903 0.1568 0.2620 0.0683  0.1368  0.0701  105 LYS A CE   
119 N NZ   A LYS A 6  ? 0.0831 0.0998 0.1008 0.0111  0.0022  0.0019  105 LYS A NZ   
120 N NZ   B LYS A 6  ? 0.2411 0.4678 0.2831 0.2369  -0.1180 -0.1445 105 LYS A NZ   
121 H H    . LYS A 6  ? 0.1002 0.1002 0.1002 0.0000  0.0000  0.0000  105 LYS A H    
122 H HA   A LYS A 6  ? 0.1147 0.1147 0.1147 0.0000  0.0000  0.0000  105 LYS A HA   
123 H HB2  A LYS A 6  ? 0.1475 0.1475 0.1475 0.0000  0.0000  0.0000  105 LYS A HB2  
124 H HB2  B LYS A 6  ? 0.1335 0.1335 0.1335 0.0000  0.0000  0.0000  105 LYS A HB2  
125 H HB3  A LYS A 6  ? 0.1475 0.1475 0.1475 0.0000  0.0000  0.0000  105 LYS A HB3  
126 H HB3  B LYS A 6  ? 0.1335 0.1335 0.1335 0.0000  0.0000  0.0000  105 LYS A HB3  
127 H HG2  A LYS A 6  ? 0.1805 0.1805 0.1805 0.0000  0.0000  0.0000  105 LYS A HG2  
128 H HG2  B LYS A 6  ? 0.1118 0.1118 0.1118 0.0000  0.0000  0.0000  105 LYS A HG2  
129 H HG3  A LYS A 6  ? 0.1805 0.1805 0.1805 0.0000  0.0000  0.0000  105 LYS A HG3  
130 H HG3  B LYS A 6  ? 0.1118 0.1118 0.1118 0.0000  0.0000  0.0000  105 LYS A HG3  
131 H HD2  A LYS A 6  ? 0.1422 0.1422 0.1422 0.0000  0.0000  0.0000  105 LYS A HD2  
132 H HD2  B LYS A 6  ? 0.2343 0.2343 0.2343 0.0000  0.0000  0.0000  105 LYS A HD2  
133 H HD3  A LYS A 6  ? 0.1422 0.1422 0.1422 0.0000  0.0000  0.0000  105 LYS A HD3  
134 H HD3  B LYS A 6  ? 0.2343 0.2343 0.2343 0.0000  0.0000  0.0000  105 LYS A HD3  
135 H HE2  A LYS A 6  ? 0.1312 0.1312 0.1312 0.0000  0.0000  0.0000  105 LYS A HE2  
136 H HE2  B LYS A 6  ? 0.2437 0.2437 0.2437 0.0000  0.0000  0.0000  105 LYS A HE2  
137 H HE3  A LYS A 6  ? 0.1312 0.1312 0.1312 0.0000  0.0000  0.0000  105 LYS A HE3  
138 H HE3  B LYS A 6  ? 0.2437 0.2437 0.2437 0.0000  0.0000  0.0000  105 LYS A HE3  
139 H HZ1  A LYS A 6  ? 0.1418 0.1418 0.1418 0.0000  0.0000  0.0000  105 LYS A HZ1  
140 H HZ1  B LYS A 6  ? 0.4960 0.4960 0.4960 0.0000  0.0000  0.0000  105 LYS A HZ1  
141 H HZ2  A LYS A 6  ? 0.1418 0.1418 0.1418 0.0000  0.0000  0.0000  105 LYS A HZ2  
142 H HZ2  B LYS A 6  ? 0.4960 0.4960 0.4960 0.0000  0.0000  0.0000  105 LYS A HZ2  
143 H HZ3  A LYS A 6  ? 0.1418 0.1418 0.1418 0.0000  0.0000  0.0000  105 LYS A HZ3  
144 H HZ3  B LYS A 6  ? 0.4960 0.4960 0.4960 0.0000  0.0000  0.0000  105 LYS A HZ3  
145 N N    . LEU A 7  ? 0.0505 0.1108 0.0437 -0.0101 0.0038  -0.0038 106 LEU A N    
146 C CA   . LEU A 7  ? 0.0531 0.0902 0.0502 -0.0199 -0.0005 0.0033  106 LEU A CA   
147 C C    . LEU A 7  ? 0.0512 0.0846 0.0480 -0.0104 -0.0056 0.0042  106 LEU A C    
148 O O    . LEU A 7  ? 0.0637 0.0869 0.0531 -0.0158 -0.0005 0.0029  106 LEU A O    
149 C CB   . LEU A 7  ? 0.0594 0.0861 0.0543 -0.0227 -0.0090 0.0107  106 LEU A CB   
150 C CG   . LEU A 7  ? 0.0678 0.0629 0.0558 -0.0100 -0.0066 0.0028  106 LEU A CG   
151 C CD1  . LEU A 7  ? 0.1290 0.0971 0.0650 -0.0584 -0.0329 0.0216  106 LEU A CD1  
152 C CD2  . LEU A 7  ? 0.0558 0.0761 0.0598 -0.0167 -0.0039 0.0038  106 LEU A CD2  
153 H H    . LEU A 7  ? 0.0819 0.0819 0.0819 0.0000  0.0000  0.0000  106 LEU A H    
154 H HA   . LEU A 7  ? 0.0774 0.0774 0.0774 0.0000  0.0000  0.0000  106 LEU A HA   
155 H HB2  . LEU A 7  ? 0.0799 0.0799 0.0799 0.0000  0.0000  0.0000  106 LEU A HB2  
156 H HB3  . LEU A 7  ? 0.0799 0.0799 0.0799 0.0000  0.0000  0.0000  106 LEU A HB3  
157 H HG   . LEU A 7  ? 0.0746 0.0746 0.0746 0.0000  0.0000  0.0000  106 LEU A HG   
158 H HD11 . LEU A 7  ? 0.1455 0.1455 0.1455 0.0000  0.0000  0.0000  106 LEU A HD11 
159 H HD12 . LEU A 7  ? 0.1455 0.1455 0.1455 0.0000  0.0000  0.0000  106 LEU A HD12 
160 H HD13 . LEU A 7  ? 0.1455 0.1455 0.1455 0.0000  0.0000  0.0000  106 LEU A HD13 
161 H HD21 . LEU A 7  ? 0.0959 0.0959 0.0959 0.0000  0.0000  0.0000  106 LEU A HD21 
162 H HD22 . LEU A 7  ? 0.0959 0.0959 0.0959 0.0000  0.0000  0.0000  106 LEU A HD22 
163 H HD23 . LEU A 7  ? 0.0959 0.0959 0.0959 0.0000  0.0000  0.0000  106 LEU A HD23 
164 N N    . LEU A 8  ? 0.0504 0.0775 0.0499 -0.0067 0.0042  0.0058  107 LEU A N    
165 C CA   . LEU A 8  ? 0.0553 0.0772 0.0486 -0.0032 0.0095  0.0024  107 LEU A CA   
166 C C    . LEU A 8  ? 0.0524 0.0761 0.0469 -0.0116 0.0065  0.0052  107 LEU A C    
167 O O    . LEU A 8  ? 0.0642 0.0833 0.0511 -0.0118 0.0071  -0.0038 107 LEU A O    
168 C CB   . LEU A 8  ? 0.0469 0.0897 0.0545 -0.0089 0.0024  0.0050  107 LEU A CB   
169 C CG   . LEU A 8  ? 0.0485 0.1016 0.0595 -0.0026 -0.0018 0.0035  107 LEU A CG   
170 C CD1  . LEU A 8  ? 0.0621 0.1282 0.0640 -0.0273 -0.0028 0.0062  107 LEU A CD1  
171 C CD2  . LEU A 8  ? 0.0652 0.1428 0.1674 0.0270  -0.0195 -0.0172 107 LEU A CD2  
172 H H    . LEU A 8  ? 0.0711 0.0711 0.0711 0.0000  0.0000  0.0000  107 LEU A H    
173 H HA   . LEU A 8  ? 0.0724 0.0724 0.0724 0.0000  0.0000  0.0000  107 LEU A HA   
174 H HB2  . LEU A 8  ? 0.0764 0.0764 0.0764 0.0000  0.0000  0.0000  107 LEU A HB2  
175 H HB3  . LEU A 8  ? 0.0764 0.0764 0.0764 0.0000  0.0000  0.0000  107 LEU A HB3  
176 H HG   . LEU A 8  ? 0.0838 0.0838 0.0838 0.0000  0.0000  0.0000  107 LEU A HG   
177 H HD11 . LEU A 8  ? 0.1272 0.1272 0.1272 0.0000  0.0000  0.0000  107 LEU A HD11 
178 H HD12 . LEU A 8  ? 0.1272 0.1272 0.1272 0.0000  0.0000  0.0000  107 LEU A HD12 
179 H HD13 . LEU A 8  ? 0.1272 0.1272 0.1272 0.0000  0.0000  0.0000  107 LEU A HD13 
180 H HD21 . LEU A 8  ? 0.1877 0.1877 0.1877 0.0000  0.0000  0.0000  107 LEU A HD21 
181 H HD22 . LEU A 8  ? 0.1877 0.1877 0.1877 0.0000  0.0000  0.0000  107 LEU A HD22 
182 H HD23 . LEU A 8  ? 0.1877 0.1877 0.1877 0.0000  0.0000  0.0000  107 LEU A HD23 
183 N N    . GLU A 9  ? 0.0572 0.0788 0.0457 -0.0069 0.0022  -0.0010 108 GLU A N    
184 C CA   . GLU A 9  ? 0.0681 0.0756 0.0629 -0.0077 -0.0127 0.0107  108 GLU A CA   
185 C C    . GLU A 9  ? 0.0490 0.0730 0.0498 0.0032  -0.0011 0.0032  108 GLU A C    
186 O O    . GLU A 9  ? 0.0646 0.0731 0.0558 0.0053  0.0034  0.0022  108 GLU A O    
187 C CB   A GLU A 9  ? 0.0922 0.0909 0.0900 0.0218  -0.0200 -0.0055 108 GLU A CB   
188 C CB   B GLU A 9  ? 0.0658 0.0710 0.0495 -0.0090 -0.0188 0.0246  108 GLU A CB   
189 C CB   C GLU A 9  ? 0.0945 0.0621 0.0538 0.0101  -0.0042 0.0119  108 GLU A CB   
190 C CG   A GLU A 9  ? 0.0972 0.1035 0.0896 0.0278  -0.0380 -0.0311 108 GLU A CG   
191 C CG   B GLU A 9  ? 0.0495 0.0696 0.0511 0.0077  -0.0148 0.0009  108 GLU A CG   
192 C CG   C GLU A 9  ? 0.0729 0.0989 0.0551 0.0257  0.0000  0.0039  108 GLU A CG   
193 C CD   A GLU A 9  ? 0.1128 0.1324 0.1237 0.0508  -0.0106 0.0244  108 GLU A CD   
194 C CD   B GLU A 9  ? 0.0695 0.0783 0.1092 0.0147  -0.0061 0.0089  108 GLU A CD   
195 C CD   C GLU A 9  ? 0.0893 0.1611 0.2725 0.0693  -0.0302 -0.0231 108 GLU A CD   
196 O OE1  A GLU A 9  ? 0.1426 0.1692 0.2561 0.0519  0.0581  0.0652  108 GLU A OE1  
197 O OE1  B GLU A 9  ? 0.1325 0.1401 0.0888 0.0986  0.0279  0.0674  108 GLU A OE1  
198 O OE1  C GLU A 9  ? 0.1093 0.1436 0.1440 0.0744  0.0629  0.0290  108 GLU A OE1  
199 O OE2  A GLU A 9  ? 0.1635 0.1646 0.2223 0.0601  -0.0016 -0.0930 108 GLU A OE2  
200 O OE2  B GLU A 9  ? 0.0706 0.1413 0.0786 0.0426  0.0072  0.0098  108 GLU A OE2  
201 O OE2  C GLU A 9  ? 0.0662 0.1878 0.1617 0.0430  0.0025  0.0665  108 GLU A OE2  
202 H H    . GLU A 9  ? 0.0727 0.0727 0.0727 0.0000  0.0000  0.0000  108 GLU A H    
203 H HA   A GLU A 9  ? 0.0826 0.0826 0.0826 0.0000  0.0000  0.0000  108 GLU A HA   
204 H HB2  A GLU A 9  ? 0.1092 0.1092 0.1092 0.0000  0.0000  0.0000  108 GLU A HB2  
205 H HB2  B GLU A 9  ? 0.0746 0.0746 0.0746 0.0000  0.0000  0.0000  108 GLU A HB2  
206 H HB2  C GLU A 9  ? 0.0841 0.0841 0.0841 0.0000  0.0000  0.0000  108 GLU A HB2  
207 H HB3  A GLU A 9  ? 0.1092 0.1092 0.1092 0.0000  0.0000  0.0000  108 GLU A HB3  
208 H HB3  B GLU A 9  ? 0.0746 0.0746 0.0746 0.0000  0.0000  0.0000  108 GLU A HB3  
209 H HB3  C GLU A 9  ? 0.0841 0.0841 0.0841 0.0000  0.0000  0.0000  108 GLU A HB3  
210 H HG2  A GLU A 9  ? 0.1161 0.1161 0.1161 0.0000  0.0000  0.0000  108 GLU A HG2  
211 H HG2  B GLU A 9  ? 0.0680 0.0680 0.0680 0.0000  0.0000  0.0000  108 GLU A HG2  
212 H HG2  C GLU A 9  ? 0.0908 0.0908 0.0908 0.0000  0.0000  0.0000  108 GLU A HG2  
213 H HG3  A GLU A 9  ? 0.1161 0.1161 0.1161 0.0000  0.0000  0.0000  108 GLU A HG3  
214 H HG3  B GLU A 9  ? 0.0680 0.0680 0.0680 0.0000  0.0000  0.0000  108 GLU A HG3  
215 H HG3  C GLU A 9  ? 0.0908 0.0908 0.0908 0.0000  0.0000  0.0000  108 GLU A HG3  
216 N N    . GLU A 10 ? 0.0521 0.0768 0.0513 -0.0072 0.0006  0.0032  109 GLU A N    
217 C CA   . GLU A 10 ? 0.0488 0.0743 0.0548 -0.0093 0.0003  0.0029  109 GLU A CA   
218 C C    . GLU A 10 ? 0.0539 0.0703 0.0620 -0.0089 0.0062  0.0126  109 GLU A C    
219 O O    . GLU A 10 ? 0.0615 0.0720 0.0947 -0.0085 -0.0007 -0.0014 109 GLU A O    
220 C CB   . GLU A 10 ? 0.0601 0.0914 0.0589 -0.0151 0.0058  0.0039  109 GLU A CB   
221 C CG   . GLU A 10 ? 0.0587 0.1027 0.0636 -0.0152 0.0096  -0.0057 109 GLU A CG   
222 C CD   . GLU A 10 ? 0.0717 0.0946 0.0922 -0.0140 -0.0036 -0.0061 109 GLU A CD   
223 O OE1  . GLU A 10 ? 0.0947 0.1085 0.1467 -0.0043 -0.0429 -0.0200 109 GLU A OE1  
224 O OE2  . GLU A 10 ? 0.2385 0.1268 0.1244 0.0234  -0.0706 0.0102  109 GLU A OE2  
225 H H    . GLU A 10 ? 0.0721 0.0721 0.0721 0.0000  0.0000  0.0000  109 GLU A H    
226 H HA   . GLU A 10 ? 0.0712 0.0712 0.0712 0.0000  0.0000  0.0000  109 GLU A HA   
227 H HB2  . GLU A 10 ? 0.0842 0.0842 0.0842 0.0000  0.0000  0.0000  109 GLU A HB2  
228 H HB3  . GLU A 10 ? 0.0842 0.0842 0.0842 0.0000  0.0000  0.0000  109 GLU A HB3  
229 H HG2  . GLU A 10 ? 0.0900 0.0900 0.0900 0.0000  0.0000  0.0000  109 GLU A HG2  
230 H HG3  . GLU A 10 ? 0.0900 0.0900 0.0900 0.0000  0.0000  0.0000  109 GLU A HG3  
231 N N    . LEU A 11 ? 0.0508 0.0795 0.0631 -0.0071 0.0011  0.0187  110 LEU A N    
232 C CA   . LEU A 11 ? 0.0604 0.0662 0.0790 0.0019  0.0050  0.0250  110 LEU A CA   
233 C C    . LEU A 11 ? 0.0533 0.0549 0.0824 0.0011  0.0055  0.0133  110 LEU A C    
234 O O    . LEU A 11 ? 0.0730 0.0520 0.0979 0.0035  0.0083  0.0080  110 LEU A O    
235 C CB   . LEU A 11 ? 0.0581 0.1042 0.0847 0.0048  0.0002  0.0413  110 LEU A CB   
236 C CG   . LEU A 11 ? 0.0577 0.1662 0.0993 0.0058  -0.0082 0.0733  110 LEU A CG   
237 C CD1  . LEU A 11 ? 0.0897 0.2753 0.1042 -0.0477 -0.0351 0.0919  110 LEU A CD1  
238 C CD2  . LEU A 11 ? 0.0941 0.1914 0.1654 0.0422  0.0167  0.1223  110 LEU A CD2  
239 H H    . LEU A 11 ? 0.0774 0.0774 0.0774 0.0000  0.0000  0.0000  110 LEU A H    
240 H HA   . LEU A 11 ? 0.0822 0.0822 0.0822 0.0000  0.0000  0.0000  110 LEU A HA   
241 H HB2  . LEU A 11 ? 0.0988 0.0988 0.0988 0.0000  0.0000  0.0000  110 LEU A HB2  
242 H HB3  . LEU A 11 ? 0.0988 0.0988 0.0988 0.0000  0.0000  0.0000  110 LEU A HB3  
243 H HG   . LEU A 11 ? 0.1293 0.1293 0.1293 0.0000  0.0000  0.0000  110 LEU A HG   
244 H HD11 . LEU A 11 ? 0.2346 0.2346 0.2346 0.0000  0.0000  0.0000  110 LEU A HD11 
245 H HD12 . LEU A 11 ? 0.2346 0.2346 0.2346 0.0000  0.0000  0.0000  110 LEU A HD12 
246 H HD13 . LEU A 11 ? 0.2346 0.2346 0.2346 0.0000  0.0000  0.0000  110 LEU A HD13 
247 H HD21 . LEU A 11 ? 0.2253 0.2253 0.2253 0.0000  0.0000  0.0000  110 LEU A HD21 
248 H HD22 . LEU A 11 ? 0.2253 0.2253 0.2253 0.0000  0.0000  0.0000  110 LEU A HD22 
249 H HD23 . LEU A 11 ? 0.2253 0.2253 0.2253 0.0000  0.0000  0.0000  110 LEU A HD23 
250 N N    . LYS A 12 ? 0.0605 0.0506 0.0576 0.0040  0.0083  0.0056  111 LYS A N    
251 C CA   . LYS A 12 ? 0.0532 0.0488 0.0595 0.0056  0.0097  0.0024  111 LYS A CA   
252 C C    . LYS A 12 ? 0.0613 0.0475 0.0686 0.0052  0.0066  0.0025  111 LYS A C    
253 O O    . LYS A 12 ? 0.0707 0.0533 0.0726 0.0063  0.0075  -0.0105 111 LYS A O    
254 C CB   . LYS A 12 ? 0.0537 0.0497 0.0591 0.0009  0.0032  0.0034  111 LYS A CB   
255 C CG   . LYS A 12 ? 0.0765 0.0558 0.0610 0.0126  0.0150  0.0059  111 LYS A CG   
256 C CD   . LYS A 12 ? 0.1051 0.0541 0.0629 0.0007  -0.0008 0.0059  111 LYS A CD   
257 C CE   . LYS A 12 ? 0.1929 0.0674 0.0625 0.0396  -0.0115 -0.0007 111 LYS A CE   
258 N NZ   . LYS A 12 ? 0.2311 0.0707 0.0678 0.0315  -0.0190 0.0099  111 LYS A NZ   
259 H H    . LYS A 12 ? 0.0675 0.0675 0.0675 0.0000  0.0000  0.0000  111 LYS A H    
260 H HA   . LYS A 12 ? 0.0646 0.0646 0.0646 0.0000  0.0000  0.0000  111 LYS A HA   
261 H HB2  . LYS A 12 ? 0.0650 0.0650 0.0650 0.0000  0.0000  0.0000  111 LYS A HB2  
262 H HB3  . LYS A 12 ? 0.0650 0.0650 0.0650 0.0000  0.0000  0.0000  111 LYS A HB3  
263 H HG2  . LYS A 12 ? 0.0773 0.0773 0.0773 0.0000  0.0000  0.0000  111 LYS A HG2  
264 H HG3  . LYS A 12 ? 0.0773 0.0773 0.0773 0.0000  0.0000  0.0000  111 LYS A HG3  
265 H HD2  . LYS A 12 ? 0.0889 0.0889 0.0889 0.0000  0.0000  0.0000  111 LYS A HD2  
266 H HD3  . LYS A 12 ? 0.0889 0.0889 0.0889 0.0000  0.0000  0.0000  111 LYS A HD3  
267 H HE2  . LYS A 12 ? 0.1291 0.1291 0.1291 0.0000  0.0000  0.0000  111 LYS A HE2  
268 H HE3  . LYS A 12 ? 0.1291 0.1291 0.1291 0.0000  0.0000  0.0000  111 LYS A HE3  
269 H HZ1  . LYS A 12 ? 0.1848 0.1848 0.1848 0.0000  0.0000  0.0000  111 LYS A HZ1  
270 H HZ2  . LYS A 12 ? 0.1848 0.1848 0.1848 0.0000  0.0000  0.0000  111 LYS A HZ2  
271 H HZ3  . LYS A 12 ? 0.1848 0.1848 0.1848 0.0000  0.0000  0.0000  111 LYS A HZ3  
272 N N    . GLY A 13 ? 0.0570 0.0634 0.0716 0.0029  0.0069  -0.0045 112 GLY A N    
273 C CA   . GLY A 13 ? 0.0629 0.0740 0.0896 -0.0021 0.0050  -0.0069 112 GLY A CA   
274 C C    . GLY A 13 ? 0.0785 0.0702 0.1042 -0.0002 -0.0108 -0.0113 112 GLY A C    
275 O O    . GLY A 13 ? 0.0897 0.0808 0.0965 0.0030  -0.0121 0.0009  112 GLY A O    
276 O OXT  . GLY A 13 ? 0.1164 0.1031 0.1289 -0.0141 -0.0377 -0.0153 112 GLY A OXT  
277 H H    . GLY A 13 ? 0.0768 0.0768 0.0768 0.0000  0.0000  0.0000  112 GLY A H    
278 H HA2  . GLY A 13 ? 0.0906 0.0906 0.0906 0.0000  0.0000  0.0000  112 GLY A HA2  
279 H HA3  . GLY A 13 ? 0.0906 0.0906 0.0906 0.0000  0.0000  0.0000  112 GLY A HA3  
280 C C    . ACE B 1  ? 0.0521 0.0558 0.0568 -0.0046 -0.0019 -0.0081 200 ACE B C    
281 O O    . ACE B 1  ? 0.0675 0.0620 0.0493 -0.0053 0.0020  -0.0098 200 ACE B O    
282 C CH3  . ACE B 1  ? 0.0773 0.0558 0.0710 -0.0028 -0.0053 -0.0018 200 ACE B CH3  
283 H H1   . ACE B 1  ? 0.1020 0.1020 0.1020 0.0000  0.0000  0.0000  200 ACE B H1   
284 H H2   . ACE B 1  ? 0.1020 0.1020 0.1020 0.0000  0.0000  0.0000  200 ACE B H2   
285 H H3   . ACE B 1  ? 0.1020 0.1020 0.1020 0.0000  0.0000  0.0000  200 ACE B H3   
286 N N    . GLU B 2  ? 0.0571 0.0517 0.0496 -0.0021 -0.0010 -0.0119 201 GLU B N    
287 C CA   . GLU B 2  ? 0.0533 0.0530 0.0480 0.0013  0.0002  -0.0091 201 GLU B CA   
288 C C    . GLU B 2  ? 0.0476 0.0513 0.0459 0.0019  0.0012  -0.0076 201 GLU B C    
289 O O    . GLU B 2  ? 0.0529 0.0579 0.0652 0.0072  -0.0055 -0.0219 201 GLU B O    
290 C CB   A GLU B 2  ? 0.0532 0.0560 0.0459 0.0115  0.0020  -0.0082 201 GLU B CB   
291 C CB   B GLU B 2  ? 0.1154 0.0649 0.0455 -0.0069 -0.0026 -0.0161 201 GLU B CB   
292 C CG   A GLU B 2  ? 0.0578 0.0506 0.0494 0.0129  -0.0108 -0.0079 201 GLU B CG   
293 C CG   B GLU B 2  ? 0.1567 0.0895 0.1150 0.0145  -0.0094 0.0193  201 GLU B CG   
294 C CD   A GLU B 2  ? 0.0618 0.0517 0.0516 0.0150  -0.0064 0.0003  201 GLU B CD   
295 C CD   B GLU B 2  ? 0.1406 0.1495 0.1149 0.0523  -0.0416 -0.0272 201 GLU B CD   
296 O OE1  A GLU B 2  ? 0.0586 0.0603 0.0715 0.0198  -0.0128 -0.0249 201 GLU B OE1  
297 O OE1  B GLU B 2  ? 0.1135 0.2129 0.1025 0.0313  -0.0456 -0.0199 201 GLU B OE1  
298 O OE2  A GLU B 2  ? 0.0544 0.0641 0.0565 0.0061  -0.0089 0.0062  201 GLU B OE2  
299 O OE2  B GLU B 2  ? 0.2285 0.1642 0.3142 0.0944  -0.0038 -0.0401 201 GLU B OE2  
300 H H    . GLU B 2  ? 0.0633 0.0633 0.0633 0.0000  0.0000  0.0000  201 GLU B H    
301 H HA   A GLU B 2  ? 0.0617 0.0617 0.0617 0.0000  0.0000  0.0000  201 GLU B HA   
302 H HB2  A GLU B 2  ? 0.0621 0.0621 0.0621 0.0000  0.0000  0.0000  201 GLU B HB2  
303 H HB2  B GLU B 2  ? 0.0903 0.0903 0.0903 0.0000  0.0000  0.0000  201 GLU B HB2  
304 H HB3  A GLU B 2  ? 0.0621 0.0621 0.0621 0.0000  0.0000  0.0000  201 GLU B HB3  
305 H HB3  B GLU B 2  ? 0.0903 0.0903 0.0903 0.0000  0.0000  0.0000  201 GLU B HB3  
306 H HG2  A GLU B 2  ? 0.0631 0.0631 0.0631 0.0000  0.0000  0.0000  201 GLU B HG2  
307 H HG2  B GLU B 2  ? 0.1445 0.1445 0.1445 0.0000  0.0000  0.0000  201 GLU B HG2  
308 H HG3  A GLU B 2  ? 0.0631 0.0631 0.0631 0.0000  0.0000  0.0000  201 GLU B HG3  
309 H HG3  B GLU B 2  ? 0.1445 0.1445 0.1445 0.0000  0.0000  0.0000  201 GLU B HG3  
310 N N    . LEU B 3  ? 0.0470 0.0472 0.0461 0.0031  0.0050  -0.0105 202 LEU B N    
311 C CA   . LEU B 3  ? 0.0438 0.0438 0.0509 0.0004  0.0010  -0.0046 202 LEU B CA   
312 C C    . LEU B 3  ? 0.0362 0.0446 0.0526 0.0009  0.0003  -0.0047 202 LEU B C    
313 O O    . LEU B 3  ? 0.0466 0.0455 0.0518 -0.0043 0.0027  -0.0087 202 LEU B O    
314 C CB   . LEU B 3  ? 0.0447 0.0585 0.0615 0.0028  0.0086  -0.0052 202 LEU B CB   
315 C CG   . LEU B 3  ? 0.0479 0.0738 0.0620 0.0052  0.0015  -0.0001 202 LEU B CG   
316 C CD1  . LEU B 3  ? 0.0503 0.0754 0.0576 -0.0140 0.0035  -0.0086 202 LEU B CD1  
317 C CD2  . LEU B 3  ? 0.0560 0.1055 0.0977 0.0190  -0.0104 -0.0117 202 LEU B CD2  
318 H H    . LEU B 3  ? 0.0561 0.0561 0.0561 0.0000  0.0000  0.0000  202 LEU B H    
319 H HA   . LEU B 3  ? 0.0555 0.0555 0.0555 0.0000  0.0000  0.0000  202 LEU B HA   
320 H HB2  . LEU B 3  ? 0.0659 0.0659 0.0659 0.0000  0.0000  0.0000  202 LEU B HB2  
321 H HB3  . LEU B 3  ? 0.0659 0.0659 0.0659 0.0000  0.0000  0.0000  202 LEU B HB3  
322 H HG   . LEU B 3  ? 0.0735 0.0735 0.0735 0.0000  0.0000  0.0000  202 LEU B HG   
323 H HD11 . LEU B 3  ? 0.0917 0.0917 0.0917 0.0000  0.0000  0.0000  202 LEU B HD11 
324 H HD12 . LEU B 3  ? 0.0917 0.0917 0.0917 0.0000  0.0000  0.0000  202 LEU B HD12 
325 H HD13 . LEU B 3  ? 0.0917 0.0917 0.0917 0.0000  0.0000  0.0000  202 LEU B HD13 
326 H HD21 . LEU B 3  ? 0.1297 0.1297 0.1297 0.0000  0.0000  0.0000  202 LEU B HD21 
327 H HD22 . LEU B 3  ? 0.1297 0.1297 0.1297 0.0000  0.0000  0.0000  202 LEU B HD22 
328 H HD23 . LEU B 3  ? 0.1297 0.1297 0.1297 0.0000  0.0000  0.0000  202 LEU B HD23 
329 N N    . LEU B 4  ? 0.0460 0.0403 0.0471 0.0014  0.0023  -0.0056 203 LEU B N    
330 C CA   . LEU B 4  ? 0.0474 0.0440 0.0428 -0.0007 0.0000  -0.0027 203 LEU B CA   
331 C C    . LEU B 4  ? 0.0457 0.0403 0.0468 -0.0021 0.0011  -0.0028 203 LEU B C    
332 O O    . LEU B 4  ? 0.0516 0.0473 0.0475 -0.0005 -0.0004 -0.0066 203 LEU B O    
333 C CB   A LEU B 4  ? 0.0543 0.0453 0.0538 -0.0014 -0.0046 -0.0006 203 LEU B CB   
334 C CB   B LEU B 4  ? 0.0610 0.0431 0.0606 -0.0030 -0.0029 0.0031  203 LEU B CB   
335 C CG   A LEU B 4  ? 0.0559 0.0461 0.0508 -0.0019 0.0032  -0.0028 203 LEU B CG   
336 C CG   B LEU B 4  ? 0.0557 0.0527 0.0657 -0.0066 0.0109  0.0208  203 LEU B CG   
337 C CD1  A LEU B 4  ? 0.0784 0.0655 0.0461 -0.0122 -0.0044 0.0026  203 LEU B CD1  
338 C CD1  B LEU B 4  ? 0.0540 0.0387 0.1786 -0.0065 -0.0103 0.0247  203 LEU B CD1  
339 C CD2  A LEU B 4  ? 0.0731 0.0508 0.0627 -0.0090 -0.0029 0.0019  203 LEU B CD2  
340 C CD2  B LEU B 4  ? 0.0742 0.0435 0.0690 0.0017  -0.0092 0.0283  203 LEU B CD2  
341 H H    . LEU B 4  ? 0.0533 0.0533 0.0533 0.0000  0.0000  0.0000  203 LEU B H    
342 H HA   A LEU B 4  ? 0.0537 0.0537 0.0537 0.0000  0.0000  0.0000  203 LEU B HA   
343 H HB2  A LEU B 4  ? 0.0613 0.0613 0.0613 0.0000  0.0000  0.0000  203 LEU B HB2  
344 H HB2  B LEU B 4  ? 0.0659 0.0659 0.0659 0.0000  0.0000  0.0000  203 LEU B HB2  
345 H HB3  A LEU B 4  ? 0.0613 0.0613 0.0613 0.0000  0.0000  0.0000  203 LEU B HB3  
346 H HB3  B LEU B 4  ? 0.0659 0.0659 0.0659 0.0000  0.0000  0.0000  203 LEU B HB3  
347 H HG   A LEU B 4  ? 0.0610 0.0610 0.0610 0.0000  0.0000  0.0000  203 LEU B HG   
348 H HG   B LEU B 4  ? 0.0697 0.0697 0.0697 0.0000  0.0000  0.0000  203 LEU B HG   
349 H HD11 A LEU B 4  ? 0.0950 0.0950 0.0950 0.0000  0.0000  0.0000  203 LEU B HD11 
350 H HD11 B LEU B 4  ? 0.1356 0.1356 0.1356 0.0000  0.0000  0.0000  203 LEU B HD11 
351 H HD12 A LEU B 4  ? 0.0950 0.0950 0.0950 0.0000  0.0000  0.0000  203 LEU B HD12 
352 H HD12 B LEU B 4  ? 0.1356 0.1356 0.1356 0.0000  0.0000  0.0000  203 LEU B HD12 
353 H HD13 A LEU B 4  ? 0.0950 0.0950 0.0950 0.0000  0.0000  0.0000  203 LEU B HD13 
354 H HD13 B LEU B 4  ? 0.1356 0.1356 0.1356 0.0000  0.0000  0.0000  203 LEU B HD13 
355 H HD21 A LEU B 4  ? 0.0932 0.0932 0.0932 0.0000  0.0000  0.0000  203 LEU B HD21 
356 H HD21 B LEU B 4  ? 0.0933 0.0933 0.0933 0.0000  0.0000  0.0000  203 LEU B HD21 
357 H HD22 A LEU B 4  ? 0.0932 0.0932 0.0932 0.0000  0.0000  0.0000  203 LEU B HD22 
358 H HD22 B LEU B 4  ? 0.0933 0.0933 0.0933 0.0000  0.0000  0.0000  203 LEU B HD22 
359 H HD23 A LEU B 4  ? 0.0932 0.0932 0.0932 0.0000  0.0000  0.0000  203 LEU B HD23 
360 H HD23 B LEU B 4  ? 0.0933 0.0933 0.0933 0.0000  0.0000  0.0000  203 LEU B HD23 
361 N N    . LYS B 5  ? 0.0477 0.0448 0.0448 0.0007  0.0001  -0.0105 204 LYS B N    
362 C CA   . LYS B 5  ? 0.0463 0.0492 0.0445 0.0062  0.0028  -0.0082 204 LYS B CA   
363 C C    . LYS B 5  ? 0.0487 0.0504 0.0423 0.0047  -0.0080 -0.0112 204 LYS B C    
364 O O    . LYS B 5  ? 0.0541 0.0538 0.0565 0.0067  0.0002  -0.0194 204 LYS B O    
365 C CB   . LYS B 5  ? 0.0440 0.0473 0.0476 -0.0002 0.0023  -0.0094 204 LYS B CB   
366 C CG   . LYS B 5  ? 0.0475 0.0498 0.0507 0.0002  0.0068  -0.0080 204 LYS B CG   
367 C CD   . LYS B 5  ? 0.0528 0.0525 0.0668 -0.0017 -0.0063 -0.0101 204 LYS B CD   
368 C CE   A LYS B 5  ? 0.0554 0.0539 0.0726 -0.0009 -0.0158 -0.0075 204 LYS B CE   
369 C CE   B LYS B 5  ? 0.0527 0.0779 0.1330 -0.0009 -0.0166 -0.0149 204 LYS B CE   
370 N NZ   A LYS B 5  ? 0.0563 0.0515 0.0700 0.0016  -0.0146 -0.0021 204 LYS B NZ   
371 N NZ   B LYS B 5  ? 0.0620 0.2282 0.1386 -0.0125 -0.0258 0.0611  204 LYS B NZ   
372 H H    . LYS B 5  ? 0.0550 0.0550 0.0550 0.0000  0.0000  0.0000  204 LYS B H    
373 H HA   . LYS B 5  ? 0.0560 0.0560 0.0560 0.0000  0.0000  0.0000  204 LYS B HA   
374 H HB2  . LYS B 5  ? 0.0556 0.0556 0.0556 0.0000  0.0000  0.0000  204 LYS B HB2  
375 H HB3  . LYS B 5  ? 0.0556 0.0556 0.0556 0.0000  0.0000  0.0000  204 LYS B HB3  
376 H HG2  . LYS B 5  ? 0.0591 0.0591 0.0591 0.0000  0.0000  0.0000  204 LYS B HG2  
377 H HG3  . LYS B 5  ? 0.0591 0.0591 0.0591 0.0000  0.0000  0.0000  204 LYS B HG3  
378 H HD2  A LYS B 5  ? 0.0689 0.0689 0.0689 0.0000  0.0000  0.0000  204 LYS B HD2  
379 H HD3  A LYS B 5  ? 0.0689 0.0689 0.0689 0.0000  0.0000  0.0000  204 LYS B HD3  
380 H HE2  A LYS B 5  ? 0.0728 0.0728 0.0728 0.0000  0.0000  0.0000  204 LYS B HE2  
381 H HE2  B LYS B 5  ? 0.1055 0.1055 0.1055 0.0000  0.0000  0.0000  204 LYS B HE2  
382 H HE3  A LYS B 5  ? 0.0728 0.0728 0.0728 0.0000  0.0000  0.0000  204 LYS B HE3  
383 H HE3  B LYS B 5  ? 0.1055 0.1055 0.1055 0.0000  0.0000  0.0000  204 LYS B HE3  
384 H HZ1  A LYS B 5  ? 0.0889 0.0889 0.0889 0.0000  0.0000  0.0000  204 LYS B HZ1  
385 H HZ1  B LYS B 5  ? 0.2144 0.2144 0.2144 0.0000  0.0000  0.0000  204 LYS B HZ1  
386 H HZ2  A LYS B 5  ? 0.0889 0.0889 0.0889 0.0000  0.0000  0.0000  204 LYS B HZ2  
387 H HZ2  B LYS B 5  ? 0.2144 0.2144 0.2144 0.0000  0.0000  0.0000  204 LYS B HZ2  
388 H HZ3  A LYS B 5  ? 0.0889 0.0889 0.0889 0.0000  0.0000  0.0000  204 LYS B HZ3  
389 H HZ3  B LYS B 5  ? 0.2144 0.2144 0.2144 0.0000  0.0000  0.0000  204 LYS B HZ3  
390 N N    . LYS B 6  ? 0.0531 0.0421 0.0466 0.0055  -0.0016 -0.0111 205 LYS B N    
391 C CA   . LYS B 6  ? 0.0581 0.0424 0.0535 0.0037  -0.0068 -0.0041 205 LYS B CA   
392 C C    . LYS B 6  ? 0.0442 0.0441 0.0463 0.0006  0.0053  -0.0029 205 LYS B C    
393 O O    . LYS B 6  ? 0.0567 0.0407 0.0547 0.0016  0.0013  -0.0047 205 LYS B O    
394 C CB   A LYS B 6  ? 0.0697 0.0583 0.0619 0.0075  0.0002  0.0068  205 LYS B CB   
395 C CB   B LYS B 6  ? 0.0859 0.0709 0.0393 0.0087  0.0004  0.0189  205 LYS B CB   
396 C CB   C LYS B 6  ? 0.0708 0.0480 0.0459 0.0019  -0.0065 -0.0085 205 LYS B CB   
397 C CG   A LYS B 6  ? 0.0881 0.0956 0.0605 -0.0041 -0.0068 0.0040  205 LYS B CG   
398 C CG   B LYS B 6  ? 0.0660 0.0661 0.0661 -0.0038 0.0062  -0.0118 205 LYS B CG   
399 C CG   C LYS B 6  ? 0.0894 0.0540 0.0333 0.0048  -0.0093 -0.0090 205 LYS B CG   
400 C CD   A LYS B 6  ? 0.0814 0.1243 0.1077 0.0057  0.0160  0.0666  205 LYS B CD   
401 C CD   B LYS B 6  ? 0.0595 0.0773 0.0616 -0.0147 0.0014  0.0015  205 LYS B CD   
402 C CD   C LYS B 6  ? 0.0944 0.1749 0.0527 0.0212  -0.0115 0.0125  205 LYS B CD   
403 C CE   A LYS B 6  ? 0.1024 0.1846 0.0781 0.0261  0.0158  0.0341  205 LYS B CE   
404 C CE   B LYS B 6  ? 0.0759 0.1033 0.0685 0.0209  -0.0173 -0.0108 205 LYS B CE   
405 C CE   C LYS B 6  ? 0.1040 0.2020 0.0908 0.0224  0.0194  0.0546  205 LYS B CE   
406 N NZ   A LYS B 6  ? 0.2171 0.1957 0.0928 0.0464  0.1012  0.0202  205 LYS B NZ   
407 N NZ   B LYS B 6  ? 0.0337 0.2302 0.0679 -0.0164 0.0003  -0.0045 205 LYS B NZ   
408 N NZ   C LYS B 6  ? 0.1642 0.0790 0.0921 0.0511  0.0369  0.0247  205 LYS B NZ   
409 H H    . LYS B 6  ? 0.0567 0.0567 0.0567 0.0000  0.0000  0.0000  205 LYS B H    
410 H HA   A LYS B 6  ? 0.0616 0.0616 0.0616 0.0000  0.0000  0.0000  205 LYS B HA   
411 H HB2  A LYS B 6  ? 0.0760 0.0760 0.0760 0.0000  0.0000  0.0000  205 LYS B HB2  
412 H HB2  B LYS B 6  ? 0.0784 0.0784 0.0784 0.0000  0.0000  0.0000  205 LYS B HB2  
413 H HB2  C LYS B 6  ? 0.0659 0.0659 0.0659 0.0000  0.0000  0.0000  205 LYS B HB2  
414 H HB3  A LYS B 6  ? 0.0760 0.0760 0.0760 0.0000  0.0000  0.0000  205 LYS B HB3  
415 H HB3  B LYS B 6  ? 0.0784 0.0784 0.0784 0.0000  0.0000  0.0000  205 LYS B HB3  
416 H HB3  C LYS B 6  ? 0.0659 0.0659 0.0659 0.0000  0.0000  0.0000  205 LYS B HB3  
417 H HG2  A LYS B 6  ? 0.0978 0.0978 0.0978 0.0000  0.0000  0.0000  205 LYS B HG2  
418 H HG2  B LYS B 6  ? 0.0793 0.0793 0.0793 0.0000  0.0000  0.0000  205 LYS B HG2  
419 H HG2  C LYS B 6  ? 0.0707 0.0707 0.0707 0.0000  0.0000  0.0000  205 LYS B HG2  
420 H HG3  A LYS B 6  ? 0.0978 0.0978 0.0978 0.0000  0.0000  0.0000  205 LYS B HG3  
421 H HG3  B LYS B 6  ? 0.0793 0.0793 0.0793 0.0000  0.0000  0.0000  205 LYS B HG3  
422 H HG3  C LYS B 6  ? 0.0707 0.0707 0.0707 0.0000  0.0000  0.0000  205 LYS B HG3  
423 H HD2  A LYS B 6  ? 0.1254 0.1254 0.1254 0.0000  0.0000  0.0000  205 LYS B HD2  
424 H HD2  B LYS B 6  ? 0.0794 0.0794 0.0794 0.0000  0.0000  0.0000  205 LYS B HD2  
425 H HD2  C LYS B 6  ? 0.1288 0.1288 0.1288 0.0000  0.0000  0.0000  205 LYS B HD2  
426 H HD3  A LYS B 6  ? 0.1254 0.1254 0.1254 0.0000  0.0000  0.0000  205 LYS B HD3  
427 H HD3  B LYS B 6  ? 0.0794 0.0794 0.0794 0.0000  0.0000  0.0000  205 LYS B HD3  
428 H HD3  C LYS B 6  ? 0.1288 0.1288 0.1288 0.0000  0.0000  0.0000  205 LYS B HD3  
429 H HE2  A LYS B 6  ? 0.1460 0.1460 0.1460 0.0000  0.0000  0.0000  205 LYS B HE2  
430 H HE2  B LYS B 6  ? 0.0992 0.0992 0.0992 0.0000  0.0000  0.0000  205 LYS B HE2  
431 H HE2  C LYS B 6  ? 0.1587 0.1587 0.1587 0.0000  0.0000  0.0000  205 LYS B HE2  
432 H HE3  A LYS B 6  ? 0.1460 0.1460 0.1460 0.0000  0.0000  0.0000  205 LYS B HE3  
433 H HE3  B LYS B 6  ? 0.0992 0.0992 0.0992 0.0000  0.0000  0.0000  205 LYS B HE3  
434 H HE3  C LYS B 6  ? 0.1587 0.1587 0.1587 0.0000  0.0000  0.0000  205 LYS B HE3  
435 H HZ1  A LYS B 6  ? 0.2528 0.2528 0.2528 0.0000  0.0000  0.0000  205 LYS B HZ1  
436 H HZ1  B LYS B 6  ? 0.1658 0.1658 0.1658 0.0000  0.0000  0.0000  205 LYS B HZ1  
437 H HZ1  C LYS B 6  ? 0.1677 0.1677 0.1677 0.0000  0.0000  0.0000  205 LYS B HZ1  
438 H HZ2  A LYS B 6  ? 0.2528 0.2528 0.2528 0.0000  0.0000  0.0000  205 LYS B HZ2  
439 H HZ2  B LYS B 6  ? 0.1658 0.1658 0.1658 0.0000  0.0000  0.0000  205 LYS B HZ2  
440 H HZ2  C LYS B 6  ? 0.1677 0.1677 0.1677 0.0000  0.0000  0.0000  205 LYS B HZ2  
441 H HZ3  A LYS B 6  ? 0.2528 0.2528 0.2528 0.0000  0.0000  0.0000  205 LYS B HZ3  
442 H HZ3  B LYS B 6  ? 0.1658 0.1658 0.1658 0.0000  0.0000  0.0000  205 LYS B HZ3  
443 H HZ3  C LYS B 6  ? 0.1677 0.1677 0.1677 0.0000  0.0000  0.0000  205 LYS B HZ3  
444 N N    . LEU B 7  ? 0.0440 0.0420 0.0478 0.0012  -0.0003 -0.0069 206 LEU B N    
445 C CA   . LEU B 7  ? 0.0424 0.0434 0.0497 -0.0021 -0.0011 -0.0056 206 LEU B CA   
446 C C    . LEU B 7  ? 0.0469 0.0457 0.0458 0.0026  -0.0013 -0.0044 206 LEU B C    
447 O O    . LEU B 7  ? 0.0528 0.0480 0.0539 -0.0021 0.0010  -0.0160 206 LEU B O    
448 C CB   . LEU B 7  ? 0.0492 0.0484 0.0503 0.0044  -0.0010 -0.0053 206 LEU B CB   
449 C CG   . LEU B 7  ? 0.0433 0.0535 0.0548 0.0010  -0.0002 -0.0034 206 LEU B CG   
450 C CD1  . LEU B 7  ? 0.0513 0.0599 0.0699 0.0083  -0.0012 -0.0052 206 LEU B CD1  
451 C CD2  . LEU B 7  ? 0.0489 0.0642 0.1031 -0.0054 0.0077  -0.0026 206 LEU B CD2  
452 H H    . LEU B 7  ? 0.0536 0.0536 0.0536 0.0000  0.0000  0.0000  206 LEU B H    
453 H HA   . LEU B 7  ? 0.0541 0.0541 0.0541 0.0000  0.0000  0.0000  206 LEU B HA   
454 H HB2  . LEU B 7  ? 0.0591 0.0591 0.0591 0.0000  0.0000  0.0000  206 LEU B HB2  
455 H HB3  . LEU B 7  ? 0.0591 0.0591 0.0591 0.0000  0.0000  0.0000  206 LEU B HB3  
456 H HG   . LEU B 7  ? 0.0605 0.0605 0.0605 0.0000  0.0000  0.0000  206 LEU B HG   
457 H HD11 . LEU B 7  ? 0.0906 0.0906 0.0906 0.0000  0.0000  0.0000  206 LEU B HD11 
458 H HD12 . LEU B 7  ? 0.0906 0.0906 0.0906 0.0000  0.0000  0.0000  206 LEU B HD12 
459 H HD13 . LEU B 7  ? 0.0906 0.0906 0.0906 0.0000  0.0000  0.0000  206 LEU B HD13 
460 H HD21 . LEU B 7  ? 0.1080 0.1080 0.1080 0.0000  0.0000  0.0000  206 LEU B HD21 
461 H HD22 . LEU B 7  ? 0.1080 0.1080 0.1080 0.0000  0.0000  0.0000  206 LEU B HD22 
462 H HD23 . LEU B 7  ? 0.1080 0.1080 0.1080 0.0000  0.0000  0.0000  206 LEU B HD23 
463 N N    . LEU B 8  ? 0.0475 0.0419 0.0487 -0.0006 0.0039  -0.0075 207 LEU B N    
464 C CA   . LEU B 8  ? 0.0463 0.0438 0.0483 0.0023  0.0030  -0.0022 207 LEU B CA   
465 C C    . LEU B 8  ? 0.0462 0.0406 0.0441 -0.0003 0.0009  -0.0084 207 LEU B C    
466 O O    . LEU B 8  ? 0.0618 0.0463 0.0488 0.0041  0.0030  -0.0079 207 LEU B O    
467 C CB   . LEU B 8  ? 0.0473 0.0450 0.0542 0.0017  0.0081  -0.0020 207 LEU B CB   
468 C CG   . LEU B 8  ? 0.0558 0.0465 0.0568 0.0021  0.0094  0.0011  207 LEU B CG   
469 C CD1  . LEU B 8  ? 0.0621 0.0483 0.0779 -0.0055 0.0140  0.0028  207 LEU B CD1  
470 C CD2  . LEU B 8  ? 0.0898 0.0645 0.0569 0.0029  0.0051  0.0081  207 LEU B CD2  
471 H H    . LEU B 8  ? 0.0552 0.0552 0.0552 0.0000  0.0000  0.0000  207 LEU B H    
472 H HA   . LEU B 8  ? 0.0553 0.0553 0.0553 0.0000  0.0000  0.0000  207 LEU B HA   
473 H HB2  . LEU B 8  ? 0.0585 0.0585 0.0585 0.0000  0.0000  0.0000  207 LEU B HB2  
474 H HB3  . LEU B 8  ? 0.0585 0.0585 0.0585 0.0000  0.0000  0.0000  207 LEU B HB3  
475 H HG   . LEU B 8  ? 0.0637 0.0637 0.0637 0.0000  0.0000  0.0000  207 LEU B HG   
476 H HD11 . LEU B 8  ? 0.0941 0.0941 0.0941 0.0000  0.0000  0.0000  207 LEU B HD11 
477 H HD12 . LEU B 8  ? 0.0941 0.0941 0.0941 0.0000  0.0000  0.0000  207 LEU B HD12 
478 H HD13 . LEU B 8  ? 0.0941 0.0941 0.0941 0.0000  0.0000  0.0000  207 LEU B HD13 
479 H HD21 . LEU B 8  ? 0.1056 0.1056 0.1056 0.0000  0.0000  0.0000  207 LEU B HD21 
480 H HD22 . LEU B 8  ? 0.1056 0.1056 0.1056 0.0000  0.0000  0.0000  207 LEU B HD22 
481 H HD23 . LEU B 8  ? 0.1056 0.1056 0.1056 0.0000  0.0000  0.0000  207 LEU B HD23 
482 N N    . GLU B 9  ? 0.0506 0.0405 0.0443 0.0036  0.0014  -0.0070 208 GLU B N    
483 C CA   . GLU B 9  ? 0.0507 0.0395 0.0480 0.0010  0.0021  -0.0042 208 GLU B CA   
484 C C    . GLU B 9  ? 0.0520 0.0428 0.0446 0.0001  -0.0006 -0.0055 208 GLU B C    
485 O O    . GLU B 9  ? 0.0580 0.0436 0.0560 0.0034  0.0001  -0.0149 208 GLU B O    
486 C CB   A GLU B 9  ? 0.0474 0.0429 0.0506 0.0067  0.0022  -0.0078 208 GLU B CB   
487 C CB   B GLU B 9  ? 0.0566 0.0438 0.0520 -0.0094 -0.0092 -0.0073 208 GLU B CB   
488 C CG   A GLU B 9  ? 0.0746 0.0396 0.0512 0.0064  -0.0024 -0.0020 208 GLU B CG   
489 C CG   B GLU B 9  ? 0.0673 0.0692 0.0499 0.0007  -0.0245 -0.0086 208 GLU B CG   
490 C CD   A GLU B 9  ? 0.0824 0.0496 0.0644 0.0008  -0.0155 -0.0030 208 GLU B CD   
491 C CD   B GLU B 9  ? 0.0607 0.0571 0.0546 -0.0172 -0.0151 -0.0001 208 GLU B CD   
492 O OE1  A GLU B 9  ? 0.1430 0.0655 0.0753 0.0314  -0.0479 -0.0270 208 GLU B OE1  
493 O OE1  B GLU B 9  ? 0.1558 0.0706 0.0531 0.0277  -0.0161 -0.0063 208 GLU B OE1  
494 O OE2  A GLU B 9  ? 0.1250 0.0519 0.0676 0.0157  -0.0226 0.0013  208 GLU B OE2  
495 O OE2  B GLU B 9  ? 0.0492 0.1678 0.0476 0.0141  -0.0061 0.0158  208 GLU B OE2  
496 H H    . GLU B 9  ? 0.0542 0.0542 0.0542 0.0000  0.0000  0.0000  208 GLU B H    
497 H HA   A GLU B 9  ? 0.0553 0.0553 0.0553 0.0000  0.0000  0.0000  208 GLU B HA   
498 H HB2  A GLU B 9  ? 0.0564 0.0564 0.0564 0.0000  0.0000  0.0000  208 GLU B HB2  
499 H HB2  B GLU B 9  ? 0.0609 0.0609 0.0609 0.0000  0.0000  0.0000  208 GLU B HB2  
500 H HB3  A GLU B 9  ? 0.0564 0.0564 0.0564 0.0000  0.0000  0.0000  208 GLU B HB3  
501 H HB3  B GLU B 9  ? 0.0609 0.0609 0.0609 0.0000  0.0000  0.0000  208 GLU B HB3  
502 H HG2  A GLU B 9  ? 0.0661 0.0661 0.0661 0.0000  0.0000  0.0000  208 GLU B HG2  
503 H HG2  B GLU B 9  ? 0.0746 0.0746 0.0746 0.0000  0.0000  0.0000  208 GLU B HG2  
504 H HG3  A GLU B 9  ? 0.0661 0.0661 0.0661 0.0000  0.0000  0.0000  208 GLU B HG3  
505 H HG3  B GLU B 9  ? 0.0746 0.0746 0.0746 0.0000  0.0000  0.0000  208 GLU B HG3  
506 N N    . GLU B 10 ? 0.0536 0.0419 0.0526 -0.0029 0.0019  -0.0075 209 GLU B N    
507 C CA   . GLU B 10 ? 0.0565 0.0429 0.0534 -0.0065 0.0037  -0.0079 209 GLU B CA   
508 C C    . GLU B 10 ? 0.0524 0.0499 0.0579 -0.0057 0.0003  -0.0103 209 GLU B C    
509 O O    . GLU B 10 ? 0.0886 0.0489 0.0607 -0.0096 0.0026  -0.0123 209 GLU B O    
510 C CB   . GLU B 10 ? 0.0543 0.0569 0.0626 -0.0046 0.0055  -0.0074 209 GLU B CB   
511 C CG   . GLU B 10 ? 0.0560 0.0761 0.0739 -0.0085 0.0003  -0.0088 209 GLU B CG   
512 C CD   . GLU B 10 ? 0.0613 0.0809 0.0802 -0.0165 0.0098  -0.0051 209 GLU B CD   
513 O OE1  . GLU B 10 ? 0.0906 0.0843 0.0989 -0.0201 -0.0055 0.0187  209 GLU B OE1  
514 O OE2  . GLU B 10 ? 0.0917 0.0857 0.1187 -0.0346 0.0112  -0.0245 209 GLU B OE2  
515 H H    . GLU B 10 ? 0.0591 0.0591 0.0591 0.0000  0.0000  0.0000  209 GLU B H    
516 H HA   . GLU B 10 ? 0.0612 0.0612 0.0612 0.0000  0.0000  0.0000  209 GLU B HA   
517 H HB2  . GLU B 10 ? 0.0695 0.0695 0.0695 0.0000  0.0000  0.0000  209 GLU B HB2  
518 H HB3  . GLU B 10 ? 0.0695 0.0695 0.0695 0.0000  0.0000  0.0000  209 GLU B HB3  
519 H HG2  . GLU B 10 ? 0.0825 0.0825 0.0825 0.0000  0.0000  0.0000  209 GLU B HG2  
520 H HG3  . GLU B 10 ? 0.0825 0.0825 0.0825 0.0000  0.0000  0.0000  209 GLU B HG3  
521 N N    . LEU B 11 ? 0.0557 0.0475 0.0495 -0.0014 -0.0025 -0.0083 210 LEU B N    
522 C CA   . LEU B 11 ? 0.0552 0.0525 0.0543 -0.0007 -0.0088 -0.0106 210 LEU B CA   
523 C C    . LEU B 11 ? 0.0624 0.0446 0.0528 0.0027  -0.0088 -0.0091 210 LEU B C    
524 O O    . LEU B 11 ? 0.0835 0.0621 0.0620 0.0089  -0.0154 -0.0263 210 LEU B O    
525 C CB   A LEU B 11 ? 0.0505 0.0551 0.0620 0.0055  -0.0036 0.0026  210 LEU B CB   
526 C CB   B LEU B 11 ? 0.0504 0.0564 0.0538 0.0007  -0.0164 -0.0183 210 LEU B CB   
527 C CG   A LEU B 11 ? 0.0565 0.0848 0.0785 0.0166  0.0061  0.0059  210 LEU B CG   
528 C CG   B LEU B 11 ? 0.0598 0.0729 0.0846 0.0216  -0.0220 -0.0298 210 LEU B CG   
529 C CD1  A LEU B 11 ? 0.0994 0.0650 0.1409 0.0312  -0.0213 -0.0177 210 LEU B CD1  
530 C CD1  B LEU B 11 ? 0.0732 0.0808 0.1301 0.0182  0.0028  0.0015  210 LEU B CD1  
531 C CD2  A LEU B 11 ? 0.0568 0.0856 0.1598 0.0096  -0.0274 -0.0070 210 LEU B CD2  
532 C CD2  B LEU B 11 ? 0.0501 0.1083 0.0928 -0.0022 0.0021  0.0089  210 LEU B CD2  
533 H H    . LEU B 11 ? 0.0610 0.0610 0.0610 0.0000  0.0000  0.0000  210 LEU B H    
534 H HA   A LEU B 11 ? 0.0647 0.0647 0.0647 0.0000  0.0000  0.0000  210 LEU B HA   
535 H HB2  A LEU B 11 ? 0.0670 0.0670 0.0670 0.0000  0.0000  0.0000  210 LEU B HB2  
536 H HB2  B LEU B 11 ? 0.0642 0.0642 0.0642 0.0000  0.0000  0.0000  210 LEU B HB2  
537 H HB3  A LEU B 11 ? 0.0670 0.0670 0.0670 0.0000  0.0000  0.0000  210 LEU B HB3  
538 H HB3  B LEU B 11 ? 0.0642 0.0642 0.0642 0.0000  0.0000  0.0000  210 LEU B HB3  
539 H HG   A LEU B 11 ? 0.0879 0.0879 0.0879 0.0000  0.0000  0.0000  210 LEU B HG   
540 H HG   B LEU B 11 ? 0.0869 0.0869 0.0869 0.0000  0.0000  0.0000  210 LEU B HG   
541 H HD11 A LEU B 11 ? 0.1526 0.1526 0.1526 0.0000  0.0000  0.0000  210 LEU B HD11 
542 H HD11 B LEU B 11 ? 0.1420 0.1420 0.1420 0.0000  0.0000  0.0000  210 LEU B HD11 
543 H HD12 A LEU B 11 ? 0.1526 0.1526 0.1526 0.0000  0.0000  0.0000  210 LEU B HD12 
544 H HD12 B LEU B 11 ? 0.1420 0.1420 0.1420 0.0000  0.0000  0.0000  210 LEU B HD12 
545 H HD13 A LEU B 11 ? 0.1526 0.1526 0.1526 0.0000  0.0000  0.0000  210 LEU B HD13 
546 H HD13 B LEU B 11 ? 0.1420 0.1420 0.1420 0.0000  0.0000  0.0000  210 LEU B HD13 
547 H HD21 A LEU B 11 ? 0.1511 0.1511 0.1511 0.0000  0.0000  0.0000  210 LEU B HD21 
548 H HD21 B LEU B 11 ? 0.1255 0.1255 0.1255 0.0000  0.0000  0.0000  210 LEU B HD21 
549 H HD22 A LEU B 11 ? 0.1511 0.1511 0.1511 0.0000  0.0000  0.0000  210 LEU B HD22 
550 H HD22 B LEU B 11 ? 0.1255 0.1255 0.1255 0.0000  0.0000  0.0000  210 LEU B HD22 
551 H HD23 A LEU B 11 ? 0.1511 0.1511 0.1511 0.0000  0.0000  0.0000  210 LEU B HD23 
552 H HD23 B LEU B 11 ? 0.1255 0.1255 0.1255 0.0000  0.0000  0.0000  210 LEU B HD23 
553 N N    . LYS B 12 ? 0.0574 0.0561 0.0477 0.0114  -0.0067 -0.0128 211 LYS B N    
554 C CA   . LYS B 12 ? 0.0606 0.0671 0.0460 0.0191  -0.0048 -0.0117 211 LYS B CA   
555 C C    . LYS B 12 ? 0.0712 0.0667 0.0525 0.0183  -0.0137 -0.0184 211 LYS B C    
556 O O    . LYS B 12 ? 0.0791 0.0747 0.0684 0.0247  -0.0091 -0.0301 211 LYS B O    
557 C CB   . LYS B 12 ? 0.0604 0.0676 0.0467 0.0119  -0.0008 -0.0106 211 LYS B CB   
558 C CG   . LYS B 12 ? 0.0627 0.0936 0.0529 0.0157  -0.0038 -0.0083 211 LYS B CG   
559 C CD   . LYS B 12 ? 0.0646 0.1060 0.0599 0.0028  -0.0080 0.0085  211 LYS B CD   
560 C CE   A LYS B 12 ? 0.0775 0.0553 0.0695 0.0039  -0.0096 0.0087  211 LYS B CE   
561 C CE   B LYS B 12 ? 0.0600 0.1436 0.0636 -0.0025 -0.0079 -0.0057 211 LYS B CE   
562 N NZ   A LYS B 12 ? 0.0729 0.0497 0.0410 0.0098  -0.0133 -0.0148 211 LYS B NZ   
563 N NZ   B LYS B 12 ? 0.1042 0.1433 0.0650 -0.0384 -0.0185 0.0167  211 LYS B NZ   
564 H H    . LYS B 12 ? 0.0645 0.0645 0.0645 0.0000  0.0000  0.0000  211 LYS B H    
565 H HA   . LYS B 12 ? 0.0694 0.0694 0.0694 0.0000  0.0000  0.0000  211 LYS B HA   
566 H HB2  . LYS B 12 ? 0.0698 0.0698 0.0698 0.0000  0.0000  0.0000  211 LYS B HB2  
567 H HB3  . LYS B 12 ? 0.0698 0.0698 0.0698 0.0000  0.0000  0.0000  211 LYS B HB3  
568 H HG2  . LYS B 12 ? 0.0836 0.0836 0.0836 0.0000  0.0000  0.0000  211 LYS B HG2  
569 H HG3  . LYS B 12 ? 0.0836 0.0836 0.0836 0.0000  0.0000  0.0000  211 LYS B HG3  
570 H HD2  A LYS B 12 ? 0.0922 0.0922 0.0922 0.0000  0.0000  0.0000  211 LYS B HD2  
571 H HD3  A LYS B 12 ? 0.0922 0.0922 0.0922 0.0000  0.0000  0.0000  211 LYS B HD3  
572 H HE2  A LYS B 12 ? 0.0809 0.0809 0.0809 0.0000  0.0000  0.0000  211 LYS B HE2  
573 H HE2  B LYS B 12 ? 0.1069 0.1069 0.1069 0.0000  0.0000  0.0000  211 LYS B HE2  
574 H HE3  A LYS B 12 ? 0.0809 0.0809 0.0809 0.0000  0.0000  0.0000  211 LYS B HE3  
575 H HE3  B LYS B 12 ? 0.1069 0.1069 0.1069 0.0000  0.0000  0.0000  211 LYS B HE3  
576 H HZ1  A LYS B 12 ? 0.0818 0.0818 0.0818 0.0000  0.0000  0.0000  211 LYS B HZ1  
577 H HZ1  B LYS B 12 ? 0.1563 0.1563 0.1563 0.0000  0.0000  0.0000  211 LYS B HZ1  
578 H HZ2  A LYS B 12 ? 0.0818 0.0818 0.0818 0.0000  0.0000  0.0000  211 LYS B HZ2  
579 H HZ2  B LYS B 12 ? 0.1563 0.1563 0.1563 0.0000  0.0000  0.0000  211 LYS B HZ2  
580 H HZ3  A LYS B 12 ? 0.0818 0.0818 0.0818 0.0000  0.0000  0.0000  211 LYS B HZ3  
581 H HZ3  B LYS B 12 ? 0.1563 0.1563 0.1563 0.0000  0.0000  0.0000  211 LYS B HZ3  
582 N N    . GLY B 13 ? 0.0816 0.0596 0.0738 0.0254  -0.0043 -0.0118 212 GLY B N    
583 C CA   . GLY B 13 ? 0.0820 0.0764 0.1045 0.0216  -0.0110 0.0045  212 GLY B CA   
584 C C    . GLY B 13 ? 0.0994 0.0691 0.0845 0.0265  -0.0288 -0.0111 212 GLY B C    
585 O O    . GLY B 13 ? 0.1039 0.0761 0.1204 0.0283  -0.0548 -0.0271 212 GLY B O    
586 O OXT  . GLY B 13 ? 0.1212 0.0697 0.1215 0.0225  -0.0499 -0.0052 212 GLY B OXT  
587 H H    . GLY B 13 ? 0.0860 0.0860 0.0860 0.0000  0.0000  0.0000  212 GLY B H    
588 H HA2  . GLY B 13 ? 0.1052 0.1052 0.1052 0.0000  0.0000  0.0000  212 GLY B HA2  
589 H HA3  . GLY B 13 ? 0.1052 0.1052 0.1052 0.0000  0.0000  0.0000  212 GLY B HA3  
590 C C1   A MPD C .  ? 0.1049 0.0753 0.1073 -0.0110 -0.0247 0.0226  400 MPD A C1   
591 C C1   B MPD C .  ? 0.1012 0.3060 0.1058 -0.0030 0.0058  -0.0656 400 MPD A C1   
592 C C2   A MPD C .  ? 0.0532 0.0881 0.0833 -0.0133 -0.0083 0.0264  400 MPD A C2   
593 C C2   B MPD C .  ? 0.1122 0.1146 0.1534 0.0237  0.0538  0.0310  400 MPD A C2   
594 O O2   A MPD C .  ? 0.0637 0.1713 0.0851 -0.0080 -0.0005 0.0597  400 MPD A O2   
595 O O2   B MPD C .  ? 0.1252 0.2188 0.1280 0.0399  -0.0106 -0.0349 400 MPD A O2   
596 C CM   A MPD C .  ? 0.0785 0.0978 0.0812 -0.0159 -0.0057 0.0050  400 MPD A CM   
597 C CM   B MPD C .  ? 0.2132 0.2708 0.1779 0.0924  0.0586  0.1162  400 MPD A CM   
598 C C3   A MPD C .  ? 0.0623 0.0706 0.0637 -0.0053 -0.0016 0.0046  400 MPD A C3   
599 C C3   B MPD C .  ? 0.0886 0.0978 0.1348 -0.0178 0.0092  0.0228  400 MPD A C3   
600 C C4   A MPD C .  ? 0.0631 0.0760 0.0698 -0.0017 0.0009  0.0024  400 MPD A C4   
601 C C4   B MPD C .  ? 0.1120 0.0983 0.1175 -0.0113 0.0193  0.0109  400 MPD A C4   
602 O O4   A MPD C .  ? 0.0623 0.1030 0.0741 0.0154  0.0109  0.0137  400 MPD A O4   
603 O O4   B MPD C .  ? 0.1980 0.0948 0.1418 0.0444  0.0330  0.0031  400 MPD A O4   
604 C C5   A MPD C .  ? 0.0601 0.0900 0.0603 0.0159  0.0047  0.0082  400 MPD A C5   
605 C C5   B MPD C .  ? 0.1346 0.2729 0.1062 0.0575  0.0384  0.0567  400 MPD A C5   
606 H H11  A MPD C .  ? 0.1437 0.1437 0.1437 0.0000  0.0000  0.0000  400 MPD A H11  
607 H H11  B MPD C .  ? 0.2566 0.2566 0.2566 0.0000  0.0000  0.0000  400 MPD A H11  
608 H H12  A MPD C .  ? 0.1437 0.1437 0.1437 0.0000  0.0000  0.0000  400 MPD A H12  
609 H H12  B MPD C .  ? 0.2566 0.2566 0.2566 0.0000  0.0000  0.0000  400 MPD A H12  
610 H H13  A MPD C .  ? 0.1437 0.1437 0.1437 0.0000  0.0000  0.0000  400 MPD A H13  
611 H H13  B MPD C .  ? 0.2566 0.2566 0.2566 0.0000  0.0000  0.0000  400 MPD A H13  
612 H HO2  A MPD C .  ? 0.1601 0.1601 0.1601 0.0000  0.0000  0.0000  400 MPD A HO2  
613 H HO2  B MPD C .  ? 0.2361 0.2361 0.2361 0.0000  0.0000  0.0000  400 MPD A HO2  
614 H HM1  A MPD C .  ? 0.1288 0.1288 0.1288 0.0000  0.0000  0.0000  400 MPD A HM1  
615 H HM1  B MPD C .  ? 0.3309 0.3309 0.3309 0.0000  0.0000  0.0000  400 MPD A HM1  
616 H HM2  A MPD C .  ? 0.1288 0.1288 0.1288 0.0000  0.0000  0.0000  400 MPD A HM2  
617 H HM2  B MPD C .  ? 0.3309 0.3309 0.3309 0.0000  0.0000  0.0000  400 MPD A HM2  
618 H HM3  A MPD C .  ? 0.1288 0.1288 0.1288 0.0000  0.0000  0.0000  400 MPD A HM3  
619 H HM3  B MPD C .  ? 0.3309 0.3309 0.3309 0.0000  0.0000  0.0000  400 MPD A HM3  
620 H H31  A MPD C .  ? 0.0787 0.0787 0.0787 0.0000  0.0000  0.0000  400 MPD A H31  
621 H H31  B MPD C .  ? 0.1284 0.1284 0.1284 0.0000  0.0000  0.0000  400 MPD A H31  
622 H H32  A MPD C .  ? 0.0787 0.0787 0.0787 0.0000  0.0000  0.0000  400 MPD A H32  
623 H H32  B MPD C .  ? 0.1284 0.1284 0.1284 0.0000  0.0000  0.0000  400 MPD A H32  
624 H H4   A MPD C .  ? 0.0836 0.0836 0.0836 0.0000  0.0000  0.0000  400 MPD A H4   
625 H H4   B MPD C .  ? 0.1312 0.1312 0.1312 0.0000  0.0000  0.0000  400 MPD A H4   
626 H HO4  A MPD C .  ? 0.1197 0.1197 0.1197 0.0000  0.0000  0.0000  400 MPD A HO4  
627 H HO4  B MPD C .  ? 0.2173 0.2173 0.2173 0.0000  0.0000  0.0000  400 MPD A HO4  
628 H H51  A MPD C .  ? 0.1051 0.1051 0.1051 0.0000  0.0000  0.0000  400 MPD A H51  
629 H H51  B MPD C .  ? 0.2568 0.2568 0.2568 0.0000  0.0000  0.0000  400 MPD A H51  
630 H H52  A MPD C .  ? 0.1051 0.1051 0.1051 0.0000  0.0000  0.0000  400 MPD A H52  
631 H H52  B MPD C .  ? 0.2568 0.2568 0.2568 0.0000  0.0000  0.0000  400 MPD A H52  
632 H H53  A MPD C .  ? 0.1051 0.1051 0.1051 0.0000  0.0000  0.0000  400 MPD A H53  
633 H H53  B MPD C .  ? 0.2568 0.2568 0.2568 0.0000  0.0000  0.0000  400 MPD A H53  
634 C CA   A ETA D .  ? 0.1348 0.0746 0.1777 0.0510  0.0076  0.0086  501 ETA B CA   
635 C CA   B ETA D .  ? 0.1985 0.2277 0.0919 0.0357  0.0348  -0.0294 501 ETA B CA   
636 N N    A ETA D .  ? 0.0577 0.0867 0.0799 -0.0059 -0.0109 0.0149  501 ETA B N    
637 N N    B ETA D .  ? 0.1496 0.0701 0.1185 -0.0048 0.0332  -0.0145 501 ETA B N    
638 C C    A ETA D .  ? 0.1796 0.3303 0.2131 0.0738  0.0608  -0.0185 501 ETA B C    
639 C C    B ETA D .  ? 0.1579 0.0941 0.0907 0.0155  -0.0122 -0.0333 501 ETA B C    
640 O O    A ETA D .  ? 0.1367 0.2827 0.1468 -0.1019 -0.0032 -0.0441 501 ETA B O    
641 O O    B ETA D .  ? 0.1011 0.0938 0.1651 -0.0098 -0.0019 0.0219  501 ETA B O    
642 C CA   A ETA E .  ? 0.2205 0.2394 0.1705 -0.0705 -0.0724 0.0069  506 ETA B CA   
643 C CA   B ETA E .  ? 0.2109 0.3218 0.1199 -0.0388 -0.0630 0.0021  506 ETA B CA   
644 N N    A ETA E .  ? 0.1292 0.2456 0.2757 -0.0056 0.0253  0.0877  506 ETA B N    
645 N N    B ETA E .  ? 0.3846 0.3590 0.2044 -0.0332 0.0412  -0.1077 506 ETA B N    
646 C C    A ETA E .  ? 0.2048 0.2155 0.2383 -0.0586 -0.0681 0.0487  506 ETA B C    
647 C C    B ETA E .  ? 0.1789 0.1956 0.1863 -0.0222 -0.1003 -0.0362 506 ETA B C    
648 O O    A ETA E .  ? 0.0988 0.1169 0.1926 0.0219  -0.0641 -0.0076 506 ETA B O    
649 O O    B ETA E .  ? 0.1384 0.0831 0.1405 0.0028  -0.0622 0.0210  506 ETA B O    
650 O O    . HOH F .  ? 0.0961 0.0582 0.0779 -0.0023 0.0135  -0.0035 303 HOH A O    
651 O O    . HOH F .  ? 0.1249 0.0749 0.0815 0.0110  -0.0101 0.0094  305 HOH A O    
652 O O    . HOH F .  ? 0.1881 0.1186 0.1500 0.0103  -0.0266 -0.0086 307 HOH A O    
653 O O    . HOH F .  ? 0.1927 0.1752 0.1761 -0.0332 0.0256  -0.0214 308 HOH A O    
654 O O    A HOH F .  ? 0.1317 0.0926 0.0946 0.0363  -0.0026 0.0060  310 HOH A O    
655 O O    C HOH F .  ? 0.1801 0.1213 0.0697 0.0278  -0.0125 -0.0259 310 HOH A O    
656 O O    . HOH F .  ? 0.1034 0.1055 0.1328 -0.0146 -0.0253 0.0534  311 HOH A O    
657 O O    A HOH F .  ? 0.1568 0.1648 0.2855 -0.0069 -0.0364 0.0495  313 HOH A O    
658 O O    B HOH F .  ? 0.0769 0.0959 0.0833 -0.0051 -0.0014 0.0103  313 HOH A O    
659 O O    B HOH F .  ? 0.0728 0.1402 0.1509 -0.0206 -0.0384 -0.0076 323 HOH A O    
660 O O    . HOH G .  ? 0.0808 0.0792 0.0691 0.0105  -0.0195 -0.0065 301 HOH B O    
661 O O    . HOH G .  ? 0.0786 0.0611 0.0934 0.0020  0.0064  -0.0057 302 HOH B O    
662 O O    . HOH G .  ? 0.0889 0.0617 0.0879 0.0078  0.0100  -0.0224 304 HOH B O    
663 O O    . HOH G .  ? 0.1093 0.0849 0.0897 -0.0170 -0.0113 -0.0022 306 HOH B O    
664 O O    A HOH G .  ? 0.0861 0.2027 0.1469 0.0613  0.0158  0.0777  309 HOH B O    
665 O O    B HOH G .  ? 0.1047 0.1741 0.2165 0.0374  -0.0391 -0.0207 309 HOH B O    
666 O O    A HOH G .  ? 0.1011 0.0841 0.1077 0.0162  -0.0233 -0.0228 312 HOH B O    
667 O O    B HOH G .  ? 0.0574 0.0770 0.0631 0.0079  0.0052  0.0101  312 HOH B O    
668 O O    A HOH G .  ? 0.1398 0.1544 0.1562 0.0637  -0.0432 -0.0413 316 HOH B O    
669 O O    B HOH G .  ? 0.0859 0.1305 0.0811 -0.0113 0.0118  -0.0028 316 HOH B O    
670 O O    A HOH G .  ? 0.0570 0.1027 0.0754 0.0300  -0.0103 0.0030  318 HOH B O    
671 O O    B HOH G .  ? 0.2182 0.1019 0.1522 -0.0104 -0.0797 0.0259  322 HOH B O    
672 O O    A HOH G .  ? 0.1796 0.3369 0.5401 0.0080  -0.0172 0.1303  324 HOH B O    
673 O O    B HOH G .  ? 0.1102 0.1113 0.3408 -0.0270 -0.0797 0.0626  324 HOH B O    
674 O O    A HOH G .  ? 0.1569 0.2611 0.2437 0.0513  0.0019  0.0305  325 HOH B O    
675 O O    B HOH G .  ? 0.1065 0.1383 0.1340 0.0023  -0.0245 0.0027  325 HOH B O    
676 O O    A HOH G .  ? 0.1903 0.2477 0.0808 -0.1316 -0.0152 0.0253  327 HOH B O    
677 O O    B HOH G .  ? 0.0838 0.1033 0.1793 -0.0267 -0.0438 0.0262  327 HOH B O    
678 O O    C HOH G .  ? 0.0743 0.0553 0.0685 -0.0041 -0.0190 -0.0017 327 HOH B O    
679 O O    C HOH G .  ? 0.0353 0.0909 0.0573 0.0134  0.0140  0.0273  329 HOH B O    
# 
